data_3DMN
# 
_entry.id   3DMN 
# 
_audit_conform.dict_name       mmcif_pdbx.dic 
_audit_conform.dict_version    5.399 
_audit_conform.dict_location   http://mmcif.pdb.org/dictionaries/ascii/mmcif_pdbx.dic 
# 
loop_
_database_2.database_id 
_database_2.database_code 
_database_2.pdbx_database_accession 
_database_2.pdbx_DOI 
PDB   3DMN         pdb_00003dmn 10.2210/pdb3dmn/pdb 
RCSB  RCSB048228   ?            ?                   
WWPDB D_1000048228 ?            ?                   
# 
loop_
_pdbx_audit_revision_history.ordinal 
_pdbx_audit_revision_history.data_content_type 
_pdbx_audit_revision_history.major_revision 
_pdbx_audit_revision_history.minor_revision 
_pdbx_audit_revision_history.revision_date 
1 'Structure model' 1 0 2008-08-26 
2 'Structure model' 1 1 2011-07-13 
3 'Structure model' 1 2 2024-11-20 
# 
_pdbx_audit_revision_details.ordinal             1 
_pdbx_audit_revision_details.revision_ordinal    1 
_pdbx_audit_revision_details.data_content_type   'Structure model' 
_pdbx_audit_revision_details.provider            repository 
_pdbx_audit_revision_details.type                'Initial release' 
_pdbx_audit_revision_details.description         ? 
_pdbx_audit_revision_details.details             ? 
# 
loop_
_pdbx_audit_revision_group.ordinal 
_pdbx_audit_revision_group.revision_ordinal 
_pdbx_audit_revision_group.data_content_type 
_pdbx_audit_revision_group.group 
1 2 'Structure model' Advisory                    
2 2 'Structure model' 'Version format compliance' 
3 3 'Structure model' 'Data collection'           
4 3 'Structure model' 'Database references'       
5 3 'Structure model' 'Derived calculations'      
6 3 'Structure model' 'Structure summary'         
# 
loop_
_pdbx_audit_revision_category.ordinal 
_pdbx_audit_revision_category.revision_ordinal 
_pdbx_audit_revision_category.data_content_type 
_pdbx_audit_revision_category.category 
1 3 'Structure model' chem_comp_atom            
2 3 'Structure model' chem_comp_bond            
3 3 'Structure model' database_2                
4 3 'Structure model' pdbx_entry_details        
5 3 'Structure model' pdbx_modification_feature 
6 3 'Structure model' struct_conn               
7 3 'Structure model' struct_ref_seq_dif        
8 3 'Structure model' struct_site               
# 
loop_
_pdbx_audit_revision_item.ordinal 
_pdbx_audit_revision_item.revision_ordinal 
_pdbx_audit_revision_item.data_content_type 
_pdbx_audit_revision_item.item 
1 3 'Structure model' '_database_2.pdbx_DOI'                
2 3 'Structure model' '_database_2.pdbx_database_accession' 
3 3 'Structure model' '_struct_conn.pdbx_leaving_atom_flag' 
4 3 'Structure model' '_struct_ref_seq_dif.details'         
5 3 'Structure model' '_struct_site.pdbx_auth_asym_id'      
6 3 'Structure model' '_struct_site.pdbx_auth_comp_id'      
7 3 'Structure model' '_struct_site.pdbx_auth_seq_id'       
# 
_pdbx_database_status.status_code                     REL 
_pdbx_database_status.entry_id                        3DMN 
_pdbx_database_status.recvd_initial_deposition_date   2008-07-01 
_pdbx_database_status.deposit_site                    RCSB 
_pdbx_database_status.process_site                    RCSB 
_pdbx_database_status.status_code_sf                  REL 
_pdbx_database_status.status_code_mr                  ? 
_pdbx_database_status.SG_entry                        Y 
_pdbx_database_status.pdb_format_compatible           Y 
_pdbx_database_status.status_code_cs                  ? 
_pdbx_database_status.status_code_nmr_data            ? 
_pdbx_database_status.methods_development_category    ? 
# 
_pdbx_database_related.db_name        TargetDB 
_pdbx_database_related.db_id          APC89291.2 
_pdbx_database_related.details        . 
_pdbx_database_related.content_type   unspecified 
# 
loop_
_audit_author.name 
_audit_author.pdbx_ordinal 
'Tan, K.'                                       1 
'Zhou, M.'                                      2 
'Gu, M.'                                        3 
'Joachimiak, A.'                                4 
'Midwest Center for Structural Genomics (MCSG)' 5 
# 
_citation.id                        primary 
_citation.title                     
'The crystal structure of the C-terminal domain of a possilbe DNA helicase from Lactobacillus plantarun WCFS1' 
_citation.journal_abbrev            'To be Published' 
_citation.journal_volume            ? 
_citation.page_first                ? 
_citation.page_last                 ? 
_citation.year                      ? 
_citation.journal_id_ASTM           ? 
_citation.country                   ? 
_citation.journal_id_ISSN           ? 
_citation.journal_id_CSD            0353 
_citation.book_publisher            ? 
_citation.pdbx_database_id_PubMed   ? 
_citation.pdbx_database_id_DOI      ? 
# 
loop_
_citation_author.citation_id 
_citation_author.name 
_citation_author.ordinal 
_citation_author.identifier_ORCID 
primary 'Tan, K.'        1 ? 
primary 'Zhou, M.'       2 ? 
primary 'Gu, M.'         3 ? 
primary 'Joachimiak, A.' 4 ? 
# 
loop_
_entity.id 
_entity.type 
_entity.src_method 
_entity.pdbx_description 
_entity.formula_weight 
_entity.pdbx_number_of_molecules 
_entity.pdbx_ec 
_entity.pdbx_mutation 
_entity.pdbx_fragment 
_entity.details 
1 polymer     man 'Putative DNA helicase' 19260.322 1   ? ? 'C-terminal residues 597-767' ? 
2 non-polymer syn 'ACETATE ION'           59.044    11  ? ? ?                             ? 
3 non-polymer syn 1,2-ETHANEDIOL          62.068    2   ? ? ?                             ? 
4 non-polymer syn 'FORMIC ACID'           46.025    2   ? ? ?                             ? 
5 water       nat water                   18.015    188 ? ? ?                             ? 
# 
_entity_poly.entity_id                      1 
_entity_poly.type                           'polypeptide(L)' 
_entity_poly.nstd_linkage                   no 
_entity_poly.nstd_monomer                   yes 
_entity_poly.pdbx_seq_one_letter_code       
;SNASYRSTQQITDFTKEILVNGEAVTAFDRQGDLPNVVVTPNFEAGVDQVVDQLA(MSE)NDSERDTTAIIGKSLAECEA
LTKALKARGEQVTLIQTENQRLAPGVIVVPSFLAKGLEFDAVIVWNANQENYQREDERQLLYTICSRA(MSE)HELTLVA
VGSLSPLLARVNHALYTLNEAK
;
_entity_poly.pdbx_seq_one_letter_code_can   
;SNASYRSTQQITDFTKEILVNGEAVTAFDRQGDLPNVVVTPNFEAGVDQVVDQLAMNDSERDTTAIIGKSLAECEALTKA
LKARGEQVTLIQTENQRLAPGVIVVPSFLAKGLEFDAVIVWNANQENYQREDERQLLYTICSRAMHELTLVAVGSLSPLL
ARVNHALYTLNEAK
;
_entity_poly.pdbx_strand_id                 A 
_entity_poly.pdbx_target_identifier         APC89291.2 
# 
loop_
_pdbx_entity_nonpoly.entity_id 
_pdbx_entity_nonpoly.name 
_pdbx_entity_nonpoly.comp_id 
2 'ACETATE ION'  ACT 
3 1,2-ETHANEDIOL EDO 
4 'FORMIC ACID'  FMT 
5 water          HOH 
# 
loop_
_entity_poly_seq.entity_id 
_entity_poly_seq.num 
_entity_poly_seq.mon_id 
_entity_poly_seq.hetero 
1 1   SER n 
1 2   ASN n 
1 3   ALA n 
1 4   SER n 
1 5   TYR n 
1 6   ARG n 
1 7   SER n 
1 8   THR n 
1 9   GLN n 
1 10  GLN n 
1 11  ILE n 
1 12  THR n 
1 13  ASP n 
1 14  PHE n 
1 15  THR n 
1 16  LYS n 
1 17  GLU n 
1 18  ILE n 
1 19  LEU n 
1 20  VAL n 
1 21  ASN n 
1 22  GLY n 
1 23  GLU n 
1 24  ALA n 
1 25  VAL n 
1 26  THR n 
1 27  ALA n 
1 28  PHE n 
1 29  ASP n 
1 30  ARG n 
1 31  GLN n 
1 32  GLY n 
1 33  ASP n 
1 34  LEU n 
1 35  PRO n 
1 36  ASN n 
1 37  VAL n 
1 38  VAL n 
1 39  VAL n 
1 40  THR n 
1 41  PRO n 
1 42  ASN n 
1 43  PHE n 
1 44  GLU n 
1 45  ALA n 
1 46  GLY n 
1 47  VAL n 
1 48  ASP n 
1 49  GLN n 
1 50  VAL n 
1 51  VAL n 
1 52  ASP n 
1 53  GLN n 
1 54  LEU n 
1 55  ALA n 
1 56  MSE n 
1 57  ASN n 
1 58  ASP n 
1 59  SER n 
1 60  GLU n 
1 61  ARG n 
1 62  ASP n 
1 63  THR n 
1 64  THR n 
1 65  ALA n 
1 66  ILE n 
1 67  ILE n 
1 68  GLY n 
1 69  LYS n 
1 70  SER n 
1 71  LEU n 
1 72  ALA n 
1 73  GLU n 
1 74  CYS n 
1 75  GLU n 
1 76  ALA n 
1 77  LEU n 
1 78  THR n 
1 79  LYS n 
1 80  ALA n 
1 81  LEU n 
1 82  LYS n 
1 83  ALA n 
1 84  ARG n 
1 85  GLY n 
1 86  GLU n 
1 87  GLN n 
1 88  VAL n 
1 89  THR n 
1 90  LEU n 
1 91  ILE n 
1 92  GLN n 
1 93  THR n 
1 94  GLU n 
1 95  ASN n 
1 96  GLN n 
1 97  ARG n 
1 98  LEU n 
1 99  ALA n 
1 100 PRO n 
1 101 GLY n 
1 102 VAL n 
1 103 ILE n 
1 104 VAL n 
1 105 VAL n 
1 106 PRO n 
1 107 SER n 
1 108 PHE n 
1 109 LEU n 
1 110 ALA n 
1 111 LYS n 
1 112 GLY n 
1 113 LEU n 
1 114 GLU n 
1 115 PHE n 
1 116 ASP n 
1 117 ALA n 
1 118 VAL n 
1 119 ILE n 
1 120 VAL n 
1 121 TRP n 
1 122 ASN n 
1 123 ALA n 
1 124 ASN n 
1 125 GLN n 
1 126 GLU n 
1 127 ASN n 
1 128 TYR n 
1 129 GLN n 
1 130 ARG n 
1 131 GLU n 
1 132 ASP n 
1 133 GLU n 
1 134 ARG n 
1 135 GLN n 
1 136 LEU n 
1 137 LEU n 
1 138 TYR n 
1 139 THR n 
1 140 ILE n 
1 141 CYS n 
1 142 SER n 
1 143 ARG n 
1 144 ALA n 
1 145 MSE n 
1 146 HIS n 
1 147 GLU n 
1 148 LEU n 
1 149 THR n 
1 150 LEU n 
1 151 VAL n 
1 152 ALA n 
1 153 VAL n 
1 154 GLY n 
1 155 SER n 
1 156 LEU n 
1 157 SER n 
1 158 PRO n 
1 159 LEU n 
1 160 LEU n 
1 161 ALA n 
1 162 ARG n 
1 163 VAL n 
1 164 ASN n 
1 165 HIS n 
1 166 ALA n 
1 167 LEU n 
1 168 TYR n 
1 169 THR n 
1 170 LEU n 
1 171 ASN n 
1 172 GLU n 
1 173 ALA n 
1 174 LYS n 
# 
_entity_src_gen.entity_id                          1 
_entity_src_gen.pdbx_src_id                        1 
_entity_src_gen.pdbx_alt_source_flag               sample 
_entity_src_gen.pdbx_seq_type                      ? 
_entity_src_gen.pdbx_beg_seq_num                   ? 
_entity_src_gen.pdbx_end_seq_num                   ? 
_entity_src_gen.gene_src_common_name               ? 
_entity_src_gen.gene_src_genus                     ? 
_entity_src_gen.pdbx_gene_src_gene                 lp_0910 
_entity_src_gen.gene_src_species                   ? 
_entity_src_gen.gene_src_strain                    WCFS1 
_entity_src_gen.gene_src_tissue                    ? 
_entity_src_gen.gene_src_tissue_fraction           ? 
_entity_src_gen.gene_src_details                   ? 
_entity_src_gen.pdbx_gene_src_fragment             ? 
_entity_src_gen.pdbx_gene_src_scientific_name      'Lactobacillus plantarum' 
_entity_src_gen.pdbx_gene_src_ncbi_taxonomy_id     1590 
_entity_src_gen.pdbx_gene_src_variant              ? 
_entity_src_gen.pdbx_gene_src_cell_line            ? 
_entity_src_gen.pdbx_gene_src_atcc                 ? 
_entity_src_gen.pdbx_gene_src_organ                ? 
_entity_src_gen.pdbx_gene_src_organelle            ? 
_entity_src_gen.pdbx_gene_src_cell                 ? 
_entity_src_gen.pdbx_gene_src_cellular_location    ? 
_entity_src_gen.host_org_common_name               ? 
_entity_src_gen.pdbx_host_org_scientific_name      'Escherichia coli' 
_entity_src_gen.pdbx_host_org_ncbi_taxonomy_id     ? 
_entity_src_gen.host_org_genus                     ? 
_entity_src_gen.pdbx_host_org_gene                 ? 
_entity_src_gen.pdbx_host_org_organ                ? 
_entity_src_gen.host_org_species                   ? 
_entity_src_gen.pdbx_host_org_tissue               ? 
_entity_src_gen.pdbx_host_org_tissue_fraction      ? 
_entity_src_gen.pdbx_host_org_strain               BL21 
_entity_src_gen.pdbx_host_org_variant              ? 
_entity_src_gen.pdbx_host_org_cell_line            ? 
_entity_src_gen.pdbx_host_org_atcc                 ? 
_entity_src_gen.pdbx_host_org_culture_collection   ? 
_entity_src_gen.pdbx_host_org_cell                 ? 
_entity_src_gen.pdbx_host_org_organelle            ? 
_entity_src_gen.pdbx_host_org_cellular_location    ? 
_entity_src_gen.pdbx_host_org_vector_type          plasmid 
_entity_src_gen.pdbx_host_org_vector               ? 
_entity_src_gen.host_org_details                   ? 
_entity_src_gen.expression_system_id               ? 
_entity_src_gen.plasmid_name                       pMCSG19 
_entity_src_gen.plasmid_details                    ? 
_entity_src_gen.pdbx_description                   ? 
# 
loop_
_chem_comp.id 
_chem_comp.type 
_chem_comp.mon_nstd_flag 
_chem_comp.name 
_chem_comp.pdbx_synonyms 
_chem_comp.formula 
_chem_comp.formula_weight 
ACT non-polymer         . 'ACETATE ION'    ?                 'C2 H3 O2 -1'    59.044  
ALA 'L-peptide linking' y ALANINE          ?                 'C3 H7 N O2'     89.093  
ARG 'L-peptide linking' y ARGININE         ?                 'C6 H15 N4 O2 1' 175.209 
ASN 'L-peptide linking' y ASPARAGINE       ?                 'C4 H8 N2 O3'    132.118 
ASP 'L-peptide linking' y 'ASPARTIC ACID'  ?                 'C4 H7 N O4'     133.103 
CYS 'L-peptide linking' y CYSTEINE         ?                 'C3 H7 N O2 S'   121.158 
EDO non-polymer         . 1,2-ETHANEDIOL   'ETHYLENE GLYCOL' 'C2 H6 O2'       62.068  
FMT non-polymer         . 'FORMIC ACID'    ?                 'C H2 O2'        46.025  
GLN 'L-peptide linking' y GLUTAMINE        ?                 'C5 H10 N2 O3'   146.144 
GLU 'L-peptide linking' y 'GLUTAMIC ACID'  ?                 'C5 H9 N O4'     147.129 
GLY 'peptide linking'   y GLYCINE          ?                 'C2 H5 N O2'     75.067  
HIS 'L-peptide linking' y HISTIDINE        ?                 'C6 H10 N3 O2 1' 156.162 
HOH non-polymer         . WATER            ?                 'H2 O'           18.015  
ILE 'L-peptide linking' y ISOLEUCINE       ?                 'C6 H13 N O2'    131.173 
LEU 'L-peptide linking' y LEUCINE          ?                 'C6 H13 N O2'    131.173 
LYS 'L-peptide linking' y LYSINE           ?                 'C6 H15 N2 O2 1' 147.195 
MSE 'L-peptide linking' n SELENOMETHIONINE ?                 'C5 H11 N O2 Se' 196.106 
PHE 'L-peptide linking' y PHENYLALANINE    ?                 'C9 H11 N O2'    165.189 
PRO 'L-peptide linking' y PROLINE          ?                 'C5 H9 N O2'     115.130 
SER 'L-peptide linking' y SERINE           ?                 'C3 H7 N O3'     105.093 
THR 'L-peptide linking' y THREONINE        ?                 'C4 H9 N O3'     119.119 
TRP 'L-peptide linking' y TRYPTOPHAN       ?                 'C11 H12 N2 O2'  204.225 
TYR 'L-peptide linking' y TYROSINE         ?                 'C9 H11 N O3'    181.189 
VAL 'L-peptide linking' y VALINE           ?                 'C5 H11 N O2'    117.146 
# 
loop_
_pdbx_poly_seq_scheme.asym_id 
_pdbx_poly_seq_scheme.entity_id 
_pdbx_poly_seq_scheme.seq_id 
_pdbx_poly_seq_scheme.mon_id 
_pdbx_poly_seq_scheme.ndb_seq_num 
_pdbx_poly_seq_scheme.pdb_seq_num 
_pdbx_poly_seq_scheme.auth_seq_num 
_pdbx_poly_seq_scheme.pdb_mon_id 
_pdbx_poly_seq_scheme.auth_mon_id 
_pdbx_poly_seq_scheme.pdb_strand_id 
_pdbx_poly_seq_scheme.pdb_ins_code 
_pdbx_poly_seq_scheme.hetero 
A 1 1   SER 1   594 ?   ?   ?   A . n 
A 1 2   ASN 2   595 ?   ?   ?   A . n 
A 1 3   ALA 3   596 596 ALA ALA A . n 
A 1 4   SER 4   597 597 SER SER A . n 
A 1 5   TYR 5   598 598 TYR TYR A . n 
A 1 6   ARG 6   599 599 ARG ARG A . n 
A 1 7   SER 7   600 600 SER SER A . n 
A 1 8   THR 8   601 601 THR THR A . n 
A 1 9   GLN 9   602 602 GLN GLN A . n 
A 1 10  GLN 10  603 603 GLN GLN A . n 
A 1 11  ILE 11  604 604 ILE ILE A . n 
A 1 12  THR 12  605 605 THR THR A . n 
A 1 13  ASP 13  606 606 ASP ASP A . n 
A 1 14  PHE 14  607 607 PHE PHE A . n 
A 1 15  THR 15  608 608 THR THR A . n 
A 1 16  LYS 16  609 609 LYS LYS A . n 
A 1 17  GLU 17  610 610 GLU GLU A . n 
A 1 18  ILE 18  611 611 ILE ILE A . n 
A 1 19  LEU 19  612 612 LEU LEU A . n 
A 1 20  VAL 20  613 613 VAL VAL A . n 
A 1 21  ASN 21  614 614 ASN ASN A . n 
A 1 22  GLY 22  615 ?   ?   ?   A . n 
A 1 23  GLU 23  616 ?   ?   ?   A . n 
A 1 24  ALA 24  617 ?   ?   ?   A . n 
A 1 25  VAL 25  618 ?   ?   ?   A . n 
A 1 26  THR 26  619 ?   ?   ?   A . n 
A 1 27  ALA 27  620 ?   ?   ?   A . n 
A 1 28  PHE 28  621 ?   ?   ?   A . n 
A 1 29  ASP 29  622 ?   ?   ?   A . n 
A 1 30  ARG 30  623 623 ARG ARG A . n 
A 1 31  GLN 31  624 624 GLN GLN A . n 
A 1 32  GLY 32  625 625 GLY GLY A . n 
A 1 33  ASP 33  626 626 ASP ASP A . n 
A 1 34  LEU 34  627 627 LEU LEU A . n 
A 1 35  PRO 35  628 628 PRO PRO A . n 
A 1 36  ASN 36  629 629 ASN ASN A . n 
A 1 37  VAL 37  630 630 VAL VAL A . n 
A 1 38  VAL 38  631 631 VAL VAL A . n 
A 1 39  VAL 39  632 632 VAL VAL A . n 
A 1 40  THR 40  633 633 THR THR A . n 
A 1 41  PRO 41  634 634 PRO PRO A . n 
A 1 42  ASN 42  635 635 ASN ASN A . n 
A 1 43  PHE 43  636 636 PHE PHE A . n 
A 1 44  GLU 44  637 637 GLU GLU A . n 
A 1 45  ALA 45  638 638 ALA ALA A . n 
A 1 46  GLY 46  639 639 GLY GLY A . n 
A 1 47  VAL 47  640 640 VAL VAL A . n 
A 1 48  ASP 48  641 641 ASP ASP A . n 
A 1 49  GLN 49  642 642 GLN GLN A . n 
A 1 50  VAL 50  643 643 VAL VAL A . n 
A 1 51  VAL 51  644 644 VAL VAL A . n 
A 1 52  ASP 52  645 645 ASP ASP A . n 
A 1 53  GLN 53  646 646 GLN GLN A . n 
A 1 54  LEU 54  647 647 LEU LEU A . n 
A 1 55  ALA 55  648 648 ALA ALA A . n 
A 1 56  MSE 56  649 649 MSE MSE A . n 
A 1 57  ASN 57  650 650 ASN ASN A . n 
A 1 58  ASP 58  651 651 ASP ASP A . n 
A 1 59  SER 59  652 652 SER SER A . n 
A 1 60  GLU 60  653 653 GLU GLU A . n 
A 1 61  ARG 61  654 654 ARG ARG A . n 
A 1 62  ASP 62  655 655 ASP ASP A . n 
A 1 63  THR 63  656 656 THR THR A . n 
A 1 64  THR 64  657 657 THR THR A . n 
A 1 65  ALA 65  658 658 ALA ALA A . n 
A 1 66  ILE 66  659 659 ILE ILE A . n 
A 1 67  ILE 67  660 660 ILE ILE A . n 
A 1 68  GLY 68  661 661 GLY GLY A . n 
A 1 69  LYS 69  662 662 LYS LYS A . n 
A 1 70  SER 70  663 663 SER SER A . n 
A 1 71  LEU 71  664 664 LEU LEU A . n 
A 1 72  ALA 72  665 665 ALA ALA A . n 
A 1 73  GLU 73  666 666 GLU GLU A . n 
A 1 74  CYS 74  667 667 CYS CYS A . n 
A 1 75  GLU 75  668 668 GLU GLU A . n 
A 1 76  ALA 76  669 669 ALA ALA A . n 
A 1 77  LEU 77  670 670 LEU LEU A . n 
A 1 78  THR 78  671 671 THR THR A . n 
A 1 79  LYS 79  672 672 LYS LYS A . n 
A 1 80  ALA 80  673 673 ALA ALA A . n 
A 1 81  LEU 81  674 674 LEU LEU A . n 
A 1 82  LYS 82  675 675 LYS LYS A . n 
A 1 83  ALA 83  676 676 ALA ALA A . n 
A 1 84  ARG 84  677 677 ARG ARG A . n 
A 1 85  GLY 85  678 678 GLY GLY A . n 
A 1 86  GLU 86  679 679 GLU GLU A . n 
A 1 87  GLN 87  680 680 GLN GLN A . n 
A 1 88  VAL 88  681 681 VAL VAL A . n 
A 1 89  THR 89  682 682 THR THR A . n 
A 1 90  LEU 90  683 683 LEU LEU A . n 
A 1 91  ILE 91  684 684 ILE ILE A . n 
A 1 92  GLN 92  685 685 GLN GLN A . n 
A 1 93  THR 93  686 686 THR THR A . n 
A 1 94  GLU 94  687 687 GLU GLU A . n 
A 1 95  ASN 95  688 688 ASN ASN A . n 
A 1 96  GLN 96  689 ?   ?   ?   A . n 
A 1 97  ARG 97  690 690 ARG ARG A . n 
A 1 98  LEU 98  691 691 LEU LEU A . n 
A 1 99  ALA 99  692 692 ALA ALA A . n 
A 1 100 PRO 100 693 693 PRO PRO A . n 
A 1 101 GLY 101 694 694 GLY GLY A . n 
A 1 102 VAL 102 695 695 VAL VAL A . n 
A 1 103 ILE 103 696 696 ILE ILE A . n 
A 1 104 VAL 104 697 697 VAL VAL A . n 
A 1 105 VAL 105 698 698 VAL VAL A . n 
A 1 106 PRO 106 699 699 PRO PRO A . n 
A 1 107 SER 107 700 700 SER SER A . n 
A 1 108 PHE 108 701 701 PHE PHE A . n 
A 1 109 LEU 109 702 702 LEU LEU A . n 
A 1 110 ALA 110 703 703 ALA ALA A . n 
A 1 111 LYS 111 704 704 LYS LYS A . n 
A 1 112 GLY 112 705 705 GLY GLY A . n 
A 1 113 LEU 113 706 706 LEU LEU A . n 
A 1 114 GLU 114 707 707 GLU GLU A . n 
A 1 115 PHE 115 708 708 PHE PHE A . n 
A 1 116 ASP 116 709 709 ASP ASP A . n 
A 1 117 ALA 117 710 710 ALA ALA A . n 
A 1 118 VAL 118 711 711 VAL VAL A . n 
A 1 119 ILE 119 712 712 ILE ILE A . n 
A 1 120 VAL 120 713 713 VAL VAL A . n 
A 1 121 TRP 121 714 714 TRP TRP A . n 
A 1 122 ASN 122 715 715 ASN ASN A . n 
A 1 123 ALA 123 716 716 ALA ALA A . n 
A 1 124 ASN 124 717 717 ASN ASN A . n 
A 1 125 GLN 125 718 718 GLN GLN A . n 
A 1 126 GLU 126 719 719 GLU GLU A . n 
A 1 127 ASN 127 720 720 ASN ASN A . n 
A 1 128 TYR 128 721 721 TYR TYR A . n 
A 1 129 GLN 129 722 722 GLN GLN A . n 
A 1 130 ARG 130 723 723 ARG ARG A . n 
A 1 131 GLU 131 724 724 GLU GLU A . n 
A 1 132 ASP 132 725 725 ASP ASP A . n 
A 1 133 GLU 133 726 726 GLU GLU A . n 
A 1 134 ARG 134 727 727 ARG ARG A . n 
A 1 135 GLN 135 728 728 GLN GLN A . n 
A 1 136 LEU 136 729 729 LEU LEU A . n 
A 1 137 LEU 137 730 730 LEU LEU A . n 
A 1 138 TYR 138 731 731 TYR TYR A . n 
A 1 139 THR 139 732 732 THR THR A . n 
A 1 140 ILE 140 733 733 ILE ILE A . n 
A 1 141 CYS 141 734 734 CYS CYS A . n 
A 1 142 SER 142 735 735 SER SER A . n 
A 1 143 ARG 143 736 736 ARG ARG A . n 
A 1 144 ALA 144 737 737 ALA ALA A . n 
A 1 145 MSE 145 738 738 MSE MSE A . n 
A 1 146 HIS 146 739 739 HIS HIS A . n 
A 1 147 GLU 147 740 740 GLU GLU A . n 
A 1 148 LEU 148 741 741 LEU LEU A . n 
A 1 149 THR 149 742 742 THR THR A . n 
A 1 150 LEU 150 743 743 LEU LEU A . n 
A 1 151 VAL 151 744 744 VAL VAL A . n 
A 1 152 ALA 152 745 745 ALA ALA A . n 
A 1 153 VAL 153 746 746 VAL VAL A . n 
A 1 154 GLY 154 747 747 GLY GLY A . n 
A 1 155 SER 155 748 748 SER SER A . n 
A 1 156 LEU 156 749 749 LEU LEU A . n 
A 1 157 SER 157 750 750 SER SER A . n 
A 1 158 PRO 158 751 751 PRO PRO A . n 
A 1 159 LEU 159 752 752 LEU LEU A . n 
A 1 160 LEU 160 753 753 LEU LEU A . n 
A 1 161 ALA 161 754 754 ALA ALA A . n 
A 1 162 ARG 162 755 755 ARG ARG A . n 
A 1 163 VAL 163 756 756 VAL VAL A . n 
A 1 164 ASN 164 757 757 ASN ASN A . n 
A 1 165 HIS 165 758 758 HIS HIS A . n 
A 1 166 ALA 166 759 759 ALA ALA A . n 
A 1 167 LEU 167 760 760 LEU LEU A . n 
A 1 168 TYR 168 761 761 TYR TYR A . n 
A 1 169 THR 169 762 762 THR THR A . n 
A 1 170 LEU 170 763 763 LEU LEU A . n 
A 1 171 ASN 171 764 764 ASN ASN A . n 
A 1 172 GLU 172 765 765 GLU GLU A . n 
A 1 173 ALA 173 766 ?   ?   ?   A . n 
A 1 174 LYS 174 767 ?   ?   ?   A . n 
# 
loop_
_pdbx_nonpoly_scheme.asym_id 
_pdbx_nonpoly_scheme.entity_id 
_pdbx_nonpoly_scheme.mon_id 
_pdbx_nonpoly_scheme.ndb_seq_num 
_pdbx_nonpoly_scheme.pdb_seq_num 
_pdbx_nonpoly_scheme.auth_seq_num 
_pdbx_nonpoly_scheme.pdb_mon_id 
_pdbx_nonpoly_scheme.auth_mon_id 
_pdbx_nonpoly_scheme.pdb_strand_id 
_pdbx_nonpoly_scheme.pdb_ins_code 
B 2 ACT 1   1   1   ACT ACT A . 
C 2 ACT 1   2   2   ACT ACT A . 
D 2 ACT 1   3   3   ACT ACT A . 
E 2 ACT 1   4   4   ACT ACT A . 
F 2 ACT 1   5   5   ACT ACT A . 
G 2 ACT 1   6   6   ACT ACT A . 
H 2 ACT 1   7   7   ACT ACT A . 
I 2 ACT 1   8   8   ACT ACT A . 
J 2 ACT 1   9   9   ACT ACT A . 
K 2 ACT 1   10  10  ACT ACT A . 
L 2 ACT 1   11  11  ACT ACT A . 
M 3 EDO 1   768 1   EDO EDO A . 
N 3 EDO 1   769 2   EDO EDO A . 
O 4 FMT 1   770 1   FMT FMT A . 
P 4 FMT 1   771 2   FMT FMT A . 
Q 5 HOH 1   772 1   HOH HOH A . 
Q 5 HOH 2   773 2   HOH HOH A . 
Q 5 HOH 3   774 3   HOH HOH A . 
Q 5 HOH 4   775 4   HOH HOH A . 
Q 5 HOH 5   776 5   HOH HOH A . 
Q 5 HOH 6   777 6   HOH HOH A . 
Q 5 HOH 7   778 7   HOH HOH A . 
Q 5 HOH 8   779 8   HOH HOH A . 
Q 5 HOH 9   780 9   HOH HOH A . 
Q 5 HOH 10  781 10  HOH HOH A . 
Q 5 HOH 11  782 11  HOH HOH A . 
Q 5 HOH 12  783 12  HOH HOH A . 
Q 5 HOH 13  784 13  HOH HOH A . 
Q 5 HOH 14  785 14  HOH HOH A . 
Q 5 HOH 15  786 15  HOH HOH A . 
Q 5 HOH 16  787 16  HOH HOH A . 
Q 5 HOH 17  788 17  HOH HOH A . 
Q 5 HOH 18  789 18  HOH HOH A . 
Q 5 HOH 19  790 19  HOH HOH A . 
Q 5 HOH 20  791 20  HOH HOH A . 
Q 5 HOH 21  792 21  HOH HOH A . 
Q 5 HOH 22  793 22  HOH HOH A . 
Q 5 HOH 23  794 23  HOH HOH A . 
Q 5 HOH 24  795 24  HOH HOH A . 
Q 5 HOH 25  796 25  HOH HOH A . 
Q 5 HOH 26  797 26  HOH HOH A . 
Q 5 HOH 27  798 27  HOH HOH A . 
Q 5 HOH 28  799 28  HOH HOH A . 
Q 5 HOH 29  800 29  HOH HOH A . 
Q 5 HOH 30  801 30  HOH HOH A . 
Q 5 HOH 31  802 31  HOH HOH A . 
Q 5 HOH 32  803 32  HOH HOH A . 
Q 5 HOH 33  804 33  HOH HOH A . 
Q 5 HOH 34  805 34  HOH HOH A . 
Q 5 HOH 35  806 35  HOH HOH A . 
Q 5 HOH 36  807 36  HOH HOH A . 
Q 5 HOH 37  808 37  HOH HOH A . 
Q 5 HOH 38  809 38  HOH HOH A . 
Q 5 HOH 39  810 39  HOH HOH A . 
Q 5 HOH 40  811 40  HOH HOH A . 
Q 5 HOH 41  812 41  HOH HOH A . 
Q 5 HOH 42  813 42  HOH HOH A . 
Q 5 HOH 43  814 43  HOH HOH A . 
Q 5 HOH 44  815 44  HOH HOH A . 
Q 5 HOH 45  816 45  HOH HOH A . 
Q 5 HOH 46  817 46  HOH HOH A . 
Q 5 HOH 47  818 47  HOH HOH A . 
Q 5 HOH 48  819 48  HOH HOH A . 
Q 5 HOH 49  820 49  HOH HOH A . 
Q 5 HOH 50  821 50  HOH HOH A . 
Q 5 HOH 51  822 51  HOH HOH A . 
Q 5 HOH 52  823 52  HOH HOH A . 
Q 5 HOH 53  824 53  HOH HOH A . 
Q 5 HOH 54  825 54  HOH HOH A . 
Q 5 HOH 55  826 55  HOH HOH A . 
Q 5 HOH 56  827 56  HOH HOH A . 
Q 5 HOH 57  828 57  HOH HOH A . 
Q 5 HOH 58  829 58  HOH HOH A . 
Q 5 HOH 59  830 59  HOH HOH A . 
Q 5 HOH 60  831 60  HOH HOH A . 
Q 5 HOH 61  832 61  HOH HOH A . 
Q 5 HOH 62  833 62  HOH HOH A . 
Q 5 HOH 63  834 63  HOH HOH A . 
Q 5 HOH 64  835 64  HOH HOH A . 
Q 5 HOH 65  836 65  HOH HOH A . 
Q 5 HOH 66  837 66  HOH HOH A . 
Q 5 HOH 67  838 67  HOH HOH A . 
Q 5 HOH 68  839 68  HOH HOH A . 
Q 5 HOH 69  840 69  HOH HOH A . 
Q 5 HOH 70  841 70  HOH HOH A . 
Q 5 HOH 71  842 71  HOH HOH A . 
Q 5 HOH 72  843 72  HOH HOH A . 
Q 5 HOH 73  844 73  HOH HOH A . 
Q 5 HOH 74  845 74  HOH HOH A . 
Q 5 HOH 75  846 75  HOH HOH A . 
Q 5 HOH 76  847 76  HOH HOH A . 
Q 5 HOH 77  848 77  HOH HOH A . 
Q 5 HOH 78  849 78  HOH HOH A . 
Q 5 HOH 79  850 79  HOH HOH A . 
Q 5 HOH 80  851 80  HOH HOH A . 
Q 5 HOH 81  852 81  HOH HOH A . 
Q 5 HOH 82  853 82  HOH HOH A . 
Q 5 HOH 83  854 83  HOH HOH A . 
Q 5 HOH 84  855 84  HOH HOH A . 
Q 5 HOH 85  856 85  HOH HOH A . 
Q 5 HOH 86  857 86  HOH HOH A . 
Q 5 HOH 87  858 87  HOH HOH A . 
Q 5 HOH 88  859 88  HOH HOH A . 
Q 5 HOH 89  860 89  HOH HOH A . 
Q 5 HOH 90  861 90  HOH HOH A . 
Q 5 HOH 91  862 91  HOH HOH A . 
Q 5 HOH 92  863 92  HOH HOH A . 
Q 5 HOH 93  864 93  HOH HOH A . 
Q 5 HOH 94  865 94  HOH HOH A . 
Q 5 HOH 95  866 95  HOH HOH A . 
Q 5 HOH 96  867 96  HOH HOH A . 
Q 5 HOH 97  868 97  HOH HOH A . 
Q 5 HOH 98  869 98  HOH HOH A . 
Q 5 HOH 99  870 99  HOH HOH A . 
Q 5 HOH 100 871 100 HOH HOH A . 
Q 5 HOH 101 872 101 HOH HOH A . 
Q 5 HOH 102 873 102 HOH HOH A . 
Q 5 HOH 103 874 103 HOH HOH A . 
Q 5 HOH 104 875 104 HOH HOH A . 
Q 5 HOH 105 876 105 HOH HOH A . 
Q 5 HOH 106 877 106 HOH HOH A . 
Q 5 HOH 107 878 107 HOH HOH A . 
Q 5 HOH 108 879 108 HOH HOH A . 
Q 5 HOH 109 880 109 HOH HOH A . 
Q 5 HOH 110 881 110 HOH HOH A . 
Q 5 HOH 111 882 111 HOH HOH A . 
Q 5 HOH 112 883 112 HOH HOH A . 
Q 5 HOH 113 884 113 HOH HOH A . 
Q 5 HOH 114 885 114 HOH HOH A . 
Q 5 HOH 115 886 115 HOH HOH A . 
Q 5 HOH 116 887 116 HOH HOH A . 
Q 5 HOH 117 888 117 HOH HOH A . 
Q 5 HOH 118 889 118 HOH HOH A . 
Q 5 HOH 119 890 119 HOH HOH A . 
Q 5 HOH 120 891 120 HOH HOH A . 
Q 5 HOH 121 892 121 HOH HOH A . 
Q 5 HOH 122 893 122 HOH HOH A . 
Q 5 HOH 123 894 123 HOH HOH A . 
Q 5 HOH 124 895 124 HOH HOH A . 
Q 5 HOH 125 896 125 HOH HOH A . 
Q 5 HOH 126 897 126 HOH HOH A . 
Q 5 HOH 127 898 127 HOH HOH A . 
Q 5 HOH 128 899 128 HOH HOH A . 
Q 5 HOH 129 900 129 HOH HOH A . 
Q 5 HOH 130 901 130 HOH HOH A . 
Q 5 HOH 131 902 131 HOH HOH A . 
Q 5 HOH 132 903 132 HOH HOH A . 
Q 5 HOH 133 904 133 HOH HOH A . 
Q 5 HOH 134 905 134 HOH HOH A . 
Q 5 HOH 135 906 135 HOH HOH A . 
Q 5 HOH 136 907 136 HOH HOH A . 
Q 5 HOH 137 908 137 HOH HOH A . 
Q 5 HOH 138 909 138 HOH HOH A . 
Q 5 HOH 139 910 139 HOH HOH A . 
Q 5 HOH 140 911 140 HOH HOH A . 
Q 5 HOH 141 912 141 HOH HOH A . 
Q 5 HOH 142 913 142 HOH HOH A . 
Q 5 HOH 143 914 143 HOH HOH A . 
Q 5 HOH 144 915 144 HOH HOH A . 
Q 5 HOH 145 916 145 HOH HOH A . 
Q 5 HOH 146 917 146 HOH HOH A . 
Q 5 HOH 147 918 147 HOH HOH A . 
Q 5 HOH 148 919 148 HOH HOH A . 
Q 5 HOH 149 920 149 HOH HOH A . 
Q 5 HOH 150 921 150 HOH HOH A . 
Q 5 HOH 151 922 151 HOH HOH A . 
Q 5 HOH 152 923 152 HOH HOH A . 
Q 5 HOH 153 924 153 HOH HOH A . 
Q 5 HOH 154 925 154 HOH HOH A . 
Q 5 HOH 155 926 155 HOH HOH A . 
Q 5 HOH 156 927 156 HOH HOH A . 
Q 5 HOH 157 928 157 HOH HOH A . 
Q 5 HOH 158 929 158 HOH HOH A . 
Q 5 HOH 159 930 159 HOH HOH A . 
Q 5 HOH 160 931 160 HOH HOH A . 
Q 5 HOH 161 932 161 HOH HOH A . 
Q 5 HOH 162 933 162 HOH HOH A . 
Q 5 HOH 163 934 163 HOH HOH A . 
Q 5 HOH 164 935 164 HOH HOH A . 
Q 5 HOH 165 936 165 HOH HOH A . 
Q 5 HOH 166 937 166 HOH HOH A . 
Q 5 HOH 167 938 167 HOH HOH A . 
Q 5 HOH 168 939 168 HOH HOH A . 
Q 5 HOH 169 940 169 HOH HOH A . 
Q 5 HOH 170 941 170 HOH HOH A . 
Q 5 HOH 171 942 171 HOH HOH A . 
Q 5 HOH 172 943 172 HOH HOH A . 
Q 5 HOH 173 944 173 HOH HOH A . 
Q 5 HOH 174 945 174 HOH HOH A . 
Q 5 HOH 175 946 175 HOH HOH A . 
Q 5 HOH 176 947 176 HOH HOH A . 
Q 5 HOH 177 948 177 HOH HOH A . 
Q 5 HOH 178 949 178 HOH HOH A . 
Q 5 HOH 179 950 179 HOH HOH A . 
Q 5 HOH 180 951 180 HOH HOH A . 
Q 5 HOH 181 952 181 HOH HOH A . 
Q 5 HOH 182 953 182 HOH HOH A . 
Q 5 HOH 183 954 183 HOH HOH A . 
Q 5 HOH 184 955 184 HOH HOH A . 
Q 5 HOH 185 956 185 HOH HOH A . 
Q 5 HOH 186 957 186 HOH HOH A . 
Q 5 HOH 187 958 187 HOH HOH A . 
Q 5 HOH 188 959 188 HOH HOH A . 
# 
loop_
_pdbx_unobs_or_zero_occ_atoms.id 
_pdbx_unobs_or_zero_occ_atoms.PDB_model_num 
_pdbx_unobs_or_zero_occ_atoms.polymer_flag 
_pdbx_unobs_or_zero_occ_atoms.occupancy_flag 
_pdbx_unobs_or_zero_occ_atoms.auth_asym_id 
_pdbx_unobs_or_zero_occ_atoms.auth_comp_id 
_pdbx_unobs_or_zero_occ_atoms.auth_seq_id 
_pdbx_unobs_or_zero_occ_atoms.PDB_ins_code 
_pdbx_unobs_or_zero_occ_atoms.auth_atom_id 
_pdbx_unobs_or_zero_occ_atoms.label_alt_id 
_pdbx_unobs_or_zero_occ_atoms.label_asym_id 
_pdbx_unobs_or_zero_occ_atoms.label_comp_id 
_pdbx_unobs_or_zero_occ_atoms.label_seq_id 
_pdbx_unobs_or_zero_occ_atoms.label_atom_id 
1 1 Y 1 A ARG 623 ? CG  ? A ARG 30 CG  
2 1 Y 1 A ARG 623 ? CD  ? A ARG 30 CD  
3 1 Y 1 A ARG 623 ? NE  ? A ARG 30 NE  
4 1 Y 1 A ARG 623 ? CZ  ? A ARG 30 CZ  
5 1 Y 1 A ARG 623 ? NH1 ? A ARG 30 NH1 
6 1 Y 1 A ARG 623 ? NH2 ? A ARG 30 NH2 
# 
loop_
_software.name 
_software.classification 
_software.version 
_software.citation_id 
_software.pdbx_ordinal 
REFMAC      refinement        5.2.0019 ? 1 
SBC-Collect 'data collection' .        ? 2 
HKL-3000    'data reduction'  .        ? 3 
HKL-3000    'data scaling'    .        ? 4 
SHELXD      phasing           .        ? 5 
MLPHARE     phasing           .        ? 6 
DM          phasing           .        ? 7 
RESOLVE     phasing           .        ? 8 
HKL-3000    phasing           .        ? 9 
# 
_cell.entry_id           3DMN 
_cell.length_a           99.292 
_cell.length_b           99.292 
_cell.length_c           72.365 
_cell.angle_alpha        90.00 
_cell.angle_beta         90.00 
_cell.angle_gamma        120.00 
_cell.Z_PDB              12 
_cell.pdbx_unique_axis   ? 
_cell.length_a_esd       ? 
_cell.length_b_esd       ? 
_cell.length_c_esd       ? 
_cell.angle_alpha_esd    ? 
_cell.angle_beta_esd     ? 
_cell.angle_gamma_esd    ? 
# 
_symmetry.entry_id                         3DMN 
_symmetry.space_group_name_H-M             'P 65 2 2' 
_symmetry.pdbx_full_space_group_name_H-M   ? 
_symmetry.cell_setting                     ? 
_symmetry.Int_Tables_number                179 
_symmetry.space_group_name_Hall            ? 
# 
_exptl.entry_id          3DMN 
_exptl.method            'X-RAY DIFFRACTION' 
_exptl.crystals_number   1 
# 
_exptl_crystal.id                    1 
_exptl_crystal.density_meas          ? 
_exptl_crystal.density_Matthews      2.67 
_exptl_crystal.density_percent_sol   53.99 
_exptl_crystal.description           ? 
_exptl_crystal.F_000                 ? 
_exptl_crystal.preparation           ? 
# 
_exptl_crystal_grow.crystal_id      1 
_exptl_crystal_grow.method          'VAPOR DIFFUSION, HANGING DROP' 
_exptl_crystal_grow.temp            289 
_exptl_crystal_grow.temp_details    ? 
_exptl_crystal_grow.pH              7.0 
_exptl_crystal_grow.pdbx_details    
;0.1M HEPES, 
30% (w/v) Jeffamine ED-2001@Reagent pH70, pH 7.0, VAPOR DIFFUSION, HANGING DROP, temperature 289K
;
_exptl_crystal_grow.pdbx_pH_range   . 
# 
_diffrn.id                     1 
_diffrn.ambient_temp           100 
_diffrn.ambient_temp_details   ? 
_diffrn.crystal_id             1 
# 
_diffrn_detector.diffrn_id              1 
_diffrn_detector.detector               CCD 
_diffrn_detector.type                   'ADSC QUANTUM 315' 
_diffrn_detector.pdbx_collection_date   2007-11-20 
_diffrn_detector.details                mirror 
# 
_diffrn_radiation.diffrn_id                        1 
_diffrn_radiation.wavelength_id                    1 
_diffrn_radiation.pdbx_monochromatic_or_laue_m_l   M 
_diffrn_radiation.monochromator                    'Si 111 crystal' 
_diffrn_radiation.pdbx_diffrn_protocol             'SINGLE WAVELENGTH' 
_diffrn_radiation.pdbx_scattering_type             x-ray 
# 
_diffrn_radiation_wavelength.id           1 
_diffrn_radiation_wavelength.wavelength   0.97910 
_diffrn_radiation_wavelength.wt           1.0 
# 
_diffrn_source.diffrn_id                   1 
_diffrn_source.source                      SYNCHROTRON 
_diffrn_source.type                        'APS BEAMLINE 19-ID' 
_diffrn_source.pdbx_synchrotron_site       APS 
_diffrn_source.pdbx_synchrotron_beamline   19-ID 
_diffrn_source.pdbx_wavelength             ? 
_diffrn_source.pdbx_wavelength_list        0.97910 
# 
_reflns.entry_id                     3DMN 
_reflns.observed_criterion_sigma_F   0 
_reflns.observed_criterion_sigma_I   0 
_reflns.d_resolution_high            1.65 
_reflns.d_resolution_low             23.85 
_reflns.number_all                   25526 
_reflns.number_obs                   25526 
_reflns.percent_possible_obs         99.9 
_reflns.pdbx_Rmerge_I_obs            0.101 
_reflns.pdbx_Rsym_value              ? 
_reflns.pdbx_netI_over_sigmaI        52.4 
_reflns.B_iso_Wilson_estimate        ? 
_reflns.pdbx_redundancy              14.8 
_reflns.R_free_details               ? 
_reflns.limit_h_max                  ? 
_reflns.limit_h_min                  ? 
_reflns.limit_k_max                  ? 
_reflns.limit_k_min                  ? 
_reflns.limit_l_max                  ? 
_reflns.limit_l_min                  ? 
_reflns.observed_criterion_F_max     ? 
_reflns.observed_criterion_F_min     ? 
_reflns.pdbx_chi_squared             ? 
_reflns.pdbx_scaling_rejects         ? 
_reflns.pdbx_ordinal                 1 
_reflns.pdbx_diffrn_id               1 
# 
_reflns_shell.d_res_high             1.65 
_reflns_shell.d_res_low              1.69 
_reflns_shell.percent_possible_all   100.0 
_reflns_shell.Rmerge_I_obs           0.709 
_reflns_shell.pdbx_Rsym_value        ? 
_reflns_shell.meanI_over_sigI_obs    4.2 
_reflns_shell.pdbx_redundancy        15.2 
_reflns_shell.percent_possible_obs   ? 
_reflns_shell.number_unique_all      1641 
_reflns_shell.number_measured_all    ? 
_reflns_shell.number_measured_obs    ? 
_reflns_shell.number_unique_obs      ? 
_reflns_shell.pdbx_chi_squared       ? 
_reflns_shell.pdbx_ordinal           1 
_reflns_shell.pdbx_diffrn_id         1 
# 
_refine.entry_id                                 3DMN 
_refine.ls_number_reflns_obs                     24182 
_refine.ls_number_reflns_all                     24182 
_refine.pdbx_ls_sigma_I                          0 
_refine.pdbx_ls_sigma_F                          0 
_refine.pdbx_data_cutoff_high_absF               ? 
_refine.pdbx_data_cutoff_low_absF                ? 
_refine.pdbx_data_cutoff_high_rms_absF           ? 
_refine.ls_d_res_low                             23.8 
_refine.ls_d_res_high                            1.66 
_refine.ls_percent_reflns_obs                    99.76 
_refine.ls_R_factor_obs                          0.19291 
_refine.ls_R_factor_all                          0.19291 
_refine.ls_R_factor_R_work                       0.19126 
_refine.ls_R_factor_R_free                       0.22538 
_refine.ls_R_factor_R_free_error                 ? 
_refine.ls_R_factor_R_free_error_details         ? 
_refine.ls_percent_reflns_R_free                 5.1 
_refine.ls_number_reflns_R_free                  1294 
_refine.ls_number_parameters                     ? 
_refine.ls_number_restraints                     ? 
_refine.occupancy_min                            ? 
_refine.occupancy_max                            ? 
_refine.correlation_coeff_Fo_to_Fc               0.954 
_refine.correlation_coeff_Fo_to_Fc_free          0.943 
_refine.B_iso_mean                               33.302 
_refine.aniso_B[1][1]                            -0.05 
_refine.aniso_B[2][2]                            -0.05 
_refine.aniso_B[3][3]                            0.08 
_refine.aniso_B[1][2]                            -0.03 
_refine.aniso_B[1][3]                            0.00 
_refine.aniso_B[2][3]                            0.00 
_refine.solvent_model_details                    MASK 
_refine.solvent_model_param_ksol                 ? 
_refine.solvent_model_param_bsol                 ? 
_refine.pdbx_solvent_vdw_probe_radii             1.20 
_refine.pdbx_solvent_ion_probe_radii             0.80 
_refine.pdbx_solvent_shrinkage_radii             0.80 
_refine.pdbx_ls_cross_valid_method               THROUGHOUT 
_refine.details                                  'HYDROGENS HAVE BEEN ADDED IN THE RIDING POSITIONS' 
_refine.pdbx_starting_model                      ? 
_refine.pdbx_method_to_determine_struct          'MOLECULAR REPLACEMENT' 
_refine.pdbx_isotropic_thermal_model             ? 
_refine.pdbx_stereochemistry_target_values       'MAXIMUM LIKELIHOOD' 
_refine.pdbx_stereochem_target_val_spec_case     ? 
_refine.pdbx_R_Free_selection_details            RANDOM 
_refine.pdbx_overall_ESU_R                       0.093 
_refine.pdbx_overall_ESU_R_Free                  0.095 
_refine.overall_SU_ML                            0.053 
_refine.overall_SU_B                             2.922 
_refine.ls_redundancy_reflns_obs                 ? 
_refine.B_iso_min                                ? 
_refine.B_iso_max                                ? 
_refine.overall_SU_R_Cruickshank_DPI             ? 
_refine.overall_SU_R_free                        ? 
_refine.ls_wR_factor_R_free                      ? 
_refine.ls_wR_factor_R_work                      ? 
_refine.overall_FOM_free_R_set                   ? 
_refine.overall_FOM_work_R_set                   ? 
_refine.pdbx_overall_phase_error                 ? 
_refine.pdbx_refine_id                           'X-RAY DIFFRACTION' 
_refine.pdbx_TLS_residual_ADP_flag               'LIKELY RESIDUAL' 
_refine.pdbx_diffrn_id                           1 
_refine.pdbx_overall_SU_R_free_Cruickshank_DPI   ? 
_refine.pdbx_overall_SU_R_Blow_DPI               ? 
_refine.pdbx_overall_SU_R_free_Blow_DPI          ? 
# 
_refine_hist.pdbx_refine_id                   'X-RAY DIFFRACTION' 
_refine_hist.cycle_id                         LAST 
_refine_hist.pdbx_number_atoms_protein        1246 
_refine_hist.pdbx_number_atoms_nucleic_acid   0 
_refine_hist.pdbx_number_atoms_ligand         58 
_refine_hist.number_atoms_solvent             188 
_refine_hist.number_atoms_total               1492 
_refine_hist.d_res_high                       1.66 
_refine_hist.d_res_low                        23.8 
# 
loop_
_refine_ls_restr.type 
_refine_ls_restr.dev_ideal 
_refine_ls_restr.dev_ideal_target 
_refine_ls_restr.weight 
_refine_ls_restr.number 
_refine_ls_restr.pdbx_refine_id 
_refine_ls_restr.pdbx_restraint_function 
r_bond_refined_d             0.016  0.022  ? 1320 'X-RAY DIFFRACTION' ? 
r_bond_other_d               ?      ?      ? ?    'X-RAY DIFFRACTION' ? 
r_angle_refined_deg          1.660  1.986  ? 1778 'X-RAY DIFFRACTION' ? 
r_angle_other_deg            ?      ?      ? ?    'X-RAY DIFFRACTION' ? 
r_dihedral_angle_1_deg       6.609  5.000  ? 164  'X-RAY DIFFRACTION' ? 
r_dihedral_angle_2_deg       32.422 25.574 ? 61   'X-RAY DIFFRACTION' ? 
r_dihedral_angle_3_deg       13.397 15.000 ? 223  'X-RAY DIFFRACTION' ? 
r_dihedral_angle_4_deg       20.311 15.000 ? 8    'X-RAY DIFFRACTION' ? 
r_chiral_restr               0.152  0.200  ? 212  'X-RAY DIFFRACTION' ? 
r_gen_planes_refined         0.007  0.020  ? 998  'X-RAY DIFFRACTION' ? 
r_gen_planes_other           ?      ?      ? ?    'X-RAY DIFFRACTION' ? 
r_nbd_refined                0.235  0.200  ? 721  'X-RAY DIFFRACTION' ? 
r_nbd_other                  ?      ?      ? ?    'X-RAY DIFFRACTION' ? 
r_nbtor_refined              0.312  0.200  ? 898  'X-RAY DIFFRACTION' ? 
r_nbtor_other                ?      ?      ? ?    'X-RAY DIFFRACTION' ? 
r_xyhbond_nbd_refined        0.136  0.200  ? 150  'X-RAY DIFFRACTION' ? 
r_xyhbond_nbd_other          ?      ?      ? ?    'X-RAY DIFFRACTION' ? 
r_metal_ion_refined          ?      ?      ? ?    'X-RAY DIFFRACTION' ? 
r_metal_ion_other            ?      ?      ? ?    'X-RAY DIFFRACTION' ? 
r_symmetry_vdw_refined       0.295  0.200  ? 81   'X-RAY DIFFRACTION' ? 
r_symmetry_vdw_other         ?      ?      ? ?    'X-RAY DIFFRACTION' ? 
r_symmetry_hbond_refined     0.147  0.200  ? 22   'X-RAY DIFFRACTION' ? 
r_symmetry_hbond_other       ?      ?      ? ?    'X-RAY DIFFRACTION' ? 
r_symmetry_metal_ion_refined ?      ?      ? ?    'X-RAY DIFFRACTION' ? 
r_symmetry_metal_ion_other   ?      ?      ? ?    'X-RAY DIFFRACTION' ? 
r_mcbond_it                  1.194  1.500  ? 866  'X-RAY DIFFRACTION' ? 
r_mcbond_other               ?      ?      ? ?    'X-RAY DIFFRACTION' ? 
r_mcangle_it                 1.738  2.000  ? 1332 'X-RAY DIFFRACTION' ? 
r_scbond_it                  2.621  3.000  ? 500  'X-RAY DIFFRACTION' ? 
r_scangle_it                 4.122  4.500  ? 443  'X-RAY DIFFRACTION' ? 
r_rigid_bond_restr           ?      ?      ? ?    'X-RAY DIFFRACTION' ? 
r_sphericity_free            ?      ?      ? ?    'X-RAY DIFFRACTION' ? 
r_sphericity_bonded          ?      ?      ? ?    'X-RAY DIFFRACTION' ? 
# 
_refine_ls_shell.pdbx_total_number_of_bins_used   20 
_refine_ls_shell.d_res_high                       1.656 
_refine_ls_shell.d_res_low                        1.699 
_refine_ls_shell.number_reflns_R_work             1692 
_refine_ls_shell.R_factor_R_work                  0.237 
_refine_ls_shell.percent_reflns_obs               98.03 
_refine_ls_shell.R_factor_R_free                  0.27 
_refine_ls_shell.R_factor_R_free_error            ? 
_refine_ls_shell.percent_reflns_R_free            ? 
_refine_ls_shell.number_reflns_R_free             96 
_refine_ls_shell.number_reflns_all                ? 
_refine_ls_shell.R_factor_all                     ? 
_refine_ls_shell.number_reflns_obs                1788 
_refine_ls_shell.redundancy_reflns_obs            ? 
_refine_ls_shell.pdbx_refine_id                   'X-RAY DIFFRACTION' 
# 
_struct.entry_id                  3DMN 
_struct.title                     
'The crystal structure of the C-terminal domain of a possilbe DNA helicase from Lactobacillus plantarun WCFS1' 
_struct.pdbx_model_details        ? 
_struct.pdbx_CASP_flag            Y 
_struct.pdbx_model_type_details   ? 
# 
_struct_keywords.entry_id        3DMN 
_struct_keywords.pdbx_keywords   'structural genomics, unknown function' 
_struct_keywords.text            
;APC89291.2, DNA helicase, Lactobacillus plantarum WCFS1, structural genomics, PSI-2, midwest center for structural genomics, MCSG, Protein Structure Initiative, Helicase, unknown function
;
# 
loop_
_struct_asym.id 
_struct_asym.pdbx_blank_PDB_chainid_flag 
_struct_asym.pdbx_modified 
_struct_asym.entity_id 
_struct_asym.details 
A N N 1 ? 
B N N 2 ? 
C N N 2 ? 
D N N 2 ? 
E N N 2 ? 
F N N 2 ? 
G N N 2 ? 
H N N 2 ? 
I N N 2 ? 
J N N 2 ? 
K N N 2 ? 
L N N 2 ? 
M N N 3 ? 
N N N 3 ? 
O N N 4 ? 
P N N 4 ? 
Q N N 5 ? 
# 
_struct_ref.id                         1 
_struct_ref.db_name                    UNP 
_struct_ref.db_code                    Q88Y78_LACPL 
_struct_ref.pdbx_db_accession          Q88Y78 
_struct_ref.entity_id                  1 
_struct_ref.pdbx_seq_one_letter_code   
;SYRSTQQITDFTKEILVNGEAVTAFDRQGDLPNVVVTPNFEAGVDQVVDQLAMNDSERDTTAIIGKSLAECEALTKALKA
RGEQVTLIQTENQRLAPGVIVVPSFLAKGLEFDAVIVWNANQENYQREDERQLLYTICSRAMHELTLVAVGSLSPLLARV
NHALYTLNEAK
;
_struct_ref.pdbx_align_begin           597 
_struct_ref.pdbx_db_isoform            ? 
# 
_struct_ref_seq.align_id                      1 
_struct_ref_seq.ref_id                        1 
_struct_ref_seq.pdbx_PDB_id_code              3DMN 
_struct_ref_seq.pdbx_strand_id                A 
_struct_ref_seq.seq_align_beg                 4 
_struct_ref_seq.pdbx_seq_align_beg_ins_code   ? 
_struct_ref_seq.seq_align_end                 174 
_struct_ref_seq.pdbx_seq_align_end_ins_code   ? 
_struct_ref_seq.pdbx_db_accession             Q88Y78 
_struct_ref_seq.db_align_beg                  597 
_struct_ref_seq.pdbx_db_align_beg_ins_code    ? 
_struct_ref_seq.db_align_end                  767 
_struct_ref_seq.pdbx_db_align_end_ins_code    ? 
_struct_ref_seq.pdbx_auth_seq_align_beg       597 
_struct_ref_seq.pdbx_auth_seq_align_end       767 
# 
loop_
_struct_ref_seq_dif.align_id 
_struct_ref_seq_dif.pdbx_pdb_id_code 
_struct_ref_seq_dif.mon_id 
_struct_ref_seq_dif.pdbx_pdb_strand_id 
_struct_ref_seq_dif.seq_num 
_struct_ref_seq_dif.pdbx_pdb_ins_code 
_struct_ref_seq_dif.pdbx_seq_db_name 
_struct_ref_seq_dif.pdbx_seq_db_accession_code 
_struct_ref_seq_dif.db_mon_id 
_struct_ref_seq_dif.pdbx_seq_db_seq_num 
_struct_ref_seq_dif.details 
_struct_ref_seq_dif.pdbx_auth_seq_num 
_struct_ref_seq_dif.pdbx_ordinal 
1 3DMN SER A 1 ? UNP Q88Y78 ? ? 'expression tag' 594 1 
1 3DMN ASN A 2 ? UNP Q88Y78 ? ? 'expression tag' 595 2 
1 3DMN ALA A 3 ? UNP Q88Y78 ? ? 'expression tag' 596 3 
# 
_pdbx_struct_assembly.id                   1 
_pdbx_struct_assembly.details              software_defined_assembly 
_pdbx_struct_assembly.method_details       PISA 
_pdbx_struct_assembly.oligomeric_details   monomeric 
_pdbx_struct_assembly.oligomeric_count     1 
# 
_pdbx_struct_assembly_gen.assembly_id       1 
_pdbx_struct_assembly_gen.oper_expression   1 
_pdbx_struct_assembly_gen.asym_id_list      A,B,C,D,E,F,G,H,I,J,K,L,M,N,O,P,Q 
# 
_pdbx_struct_oper_list.id                   1 
_pdbx_struct_oper_list.type                 'identity operation' 
_pdbx_struct_oper_list.name                 1_555 
_pdbx_struct_oper_list.symmetry_operation   x,y,z 
_pdbx_struct_oper_list.matrix[1][1]         1.0000000000 
_pdbx_struct_oper_list.matrix[1][2]         0.0000000000 
_pdbx_struct_oper_list.matrix[1][3]         0.0000000000 
_pdbx_struct_oper_list.vector[1]            0.0000000000 
_pdbx_struct_oper_list.matrix[2][1]         0.0000000000 
_pdbx_struct_oper_list.matrix[2][2]         1.0000000000 
_pdbx_struct_oper_list.matrix[2][3]         0.0000000000 
_pdbx_struct_oper_list.vector[2]            0.0000000000 
_pdbx_struct_oper_list.matrix[3][1]         0.0000000000 
_pdbx_struct_oper_list.matrix[3][2]         0.0000000000 
_pdbx_struct_oper_list.matrix[3][3]         1.0000000000 
_pdbx_struct_oper_list.vector[3]            0.0000000000 
# 
_struct_biol.id        1 
_struct_biol.details   
'authors state that the biological unit is experimentally unknown. The domain seems to be monomeric in solution.' 
# 
loop_
_struct_conf.conf_type_id 
_struct_conf.id 
_struct_conf.pdbx_PDB_helix_id 
_struct_conf.beg_label_comp_id 
_struct_conf.beg_label_asym_id 
_struct_conf.beg_label_seq_id 
_struct_conf.pdbx_beg_PDB_ins_code 
_struct_conf.end_label_comp_id 
_struct_conf.end_label_asym_id 
_struct_conf.end_label_seq_id 
_struct_conf.pdbx_end_PDB_ins_code 
_struct_conf.beg_auth_comp_id 
_struct_conf.beg_auth_asym_id 
_struct_conf.beg_auth_seq_id 
_struct_conf.end_auth_comp_id 
_struct_conf.end_auth_asym_id 
_struct_conf.end_auth_seq_id 
_struct_conf.pdbx_PDB_helix_class 
_struct_conf.details 
_struct_conf.pdbx_PDB_helix_length 
HELX_P HELX_P1 1 THR A 8   ? GLU A 17  ? THR A 601 GLU A 610 1 ? 10 
HELX_P HELX_P2 2 ASN A 42  ? GLU A 60  ? ASN A 635 GLU A 653 1 ? 19 
HELX_P HELX_P3 3 SER A 70  ? ALA A 83  ? SER A 663 ALA A 676 1 ? 14 
HELX_P HELX_P4 4 PHE A 108 ? ALA A 110 ? PHE A 701 ALA A 703 5 ? 3  
HELX_P HELX_P5 5 ARG A 130 ? ASP A 132 ? ARG A 723 ASP A 725 5 ? 3  
HELX_P HELX_P6 6 GLU A 133 ? SER A 142 ? GLU A 726 SER A 735 1 ? 10 
HELX_P HELX_P7 7 SER A 157 ? ALA A 161 ? SER A 750 ALA A 754 5 ? 5  
HELX_P HELX_P8 8 ASN A 164 ? TYR A 168 ? ASN A 757 TYR A 761 5 ? 5  
# 
_struct_conf_type.id          HELX_P 
_struct_conf_type.criteria    ? 
_struct_conf_type.reference   ? 
# 
loop_
_struct_conn.id 
_struct_conn.conn_type_id 
_struct_conn.pdbx_leaving_atom_flag 
_struct_conn.pdbx_PDB_id 
_struct_conn.ptnr1_label_asym_id 
_struct_conn.ptnr1_label_comp_id 
_struct_conn.ptnr1_label_seq_id 
_struct_conn.ptnr1_label_atom_id 
_struct_conn.pdbx_ptnr1_label_alt_id 
_struct_conn.pdbx_ptnr1_PDB_ins_code 
_struct_conn.pdbx_ptnr1_standard_comp_id 
_struct_conn.ptnr1_symmetry 
_struct_conn.ptnr2_label_asym_id 
_struct_conn.ptnr2_label_comp_id 
_struct_conn.ptnr2_label_seq_id 
_struct_conn.ptnr2_label_atom_id 
_struct_conn.pdbx_ptnr2_label_alt_id 
_struct_conn.pdbx_ptnr2_PDB_ins_code 
_struct_conn.ptnr1_auth_asym_id 
_struct_conn.ptnr1_auth_comp_id 
_struct_conn.ptnr1_auth_seq_id 
_struct_conn.ptnr2_auth_asym_id 
_struct_conn.ptnr2_auth_comp_id 
_struct_conn.ptnr2_auth_seq_id 
_struct_conn.ptnr2_symmetry 
_struct_conn.pdbx_ptnr3_label_atom_id 
_struct_conn.pdbx_ptnr3_label_seq_id 
_struct_conn.pdbx_ptnr3_label_comp_id 
_struct_conn.pdbx_ptnr3_label_asym_id 
_struct_conn.pdbx_ptnr3_label_alt_id 
_struct_conn.pdbx_ptnr3_PDB_ins_code 
_struct_conn.details 
_struct_conn.pdbx_dist_value 
_struct_conn.pdbx_value_order 
_struct_conn.pdbx_role 
covale1 covale both ? A ALA 55  C ? ? ? 1_555 A MSE 56  N ? ? A ALA 648 A MSE 649 1_555 ? ? ? ? ? ? ? 1.338 ? ? 
covale2 covale both ? A MSE 56  C ? ? ? 1_555 A ASN 57  N ? ? A MSE 649 A ASN 650 1_555 ? ? ? ? ? ? ? 1.331 ? ? 
covale3 covale both ? A ALA 144 C ? ? ? 1_555 A MSE 145 N ? ? A ALA 737 A MSE 738 1_555 ? ? ? ? ? ? ? 1.328 ? ? 
covale4 covale both ? A MSE 145 C ? ? ? 1_555 A HIS 146 N ? ? A MSE 738 A HIS 739 1_555 ? ? ? ? ? ? ? 1.331 ? ? 
# 
_struct_conn_type.id          covale 
_struct_conn_type.criteria    ? 
_struct_conn_type.reference   ? 
# 
loop_
_pdbx_modification_feature.ordinal 
_pdbx_modification_feature.label_comp_id 
_pdbx_modification_feature.label_asym_id 
_pdbx_modification_feature.label_seq_id 
_pdbx_modification_feature.label_alt_id 
_pdbx_modification_feature.modified_residue_label_comp_id 
_pdbx_modification_feature.modified_residue_label_asym_id 
_pdbx_modification_feature.modified_residue_label_seq_id 
_pdbx_modification_feature.modified_residue_label_alt_id 
_pdbx_modification_feature.auth_comp_id 
_pdbx_modification_feature.auth_asym_id 
_pdbx_modification_feature.auth_seq_id 
_pdbx_modification_feature.PDB_ins_code 
_pdbx_modification_feature.symmetry 
_pdbx_modification_feature.modified_residue_auth_comp_id 
_pdbx_modification_feature.modified_residue_auth_asym_id 
_pdbx_modification_feature.modified_residue_auth_seq_id 
_pdbx_modification_feature.modified_residue_PDB_ins_code 
_pdbx_modification_feature.modified_residue_symmetry 
_pdbx_modification_feature.comp_id_linking_atom 
_pdbx_modification_feature.modified_residue_id_linking_atom 
_pdbx_modification_feature.modified_residue_id 
_pdbx_modification_feature.ref_pcm_id 
_pdbx_modification_feature.ref_comp_id 
_pdbx_modification_feature.type 
_pdbx_modification_feature.category 
1 MSE A 56  ? . . . . MSE A 649 ? 1_555 . . . . . . . MET 1 MSE Selenomethionine 'Named protein modification' 
2 MSE A 145 ? . . . . MSE A 738 ? 1_555 . . . . . . . MET 1 MSE Selenomethionine 'Named protein modification' 
# 
_struct_sheet.id               A 
_struct_sheet.type             ? 
_struct_sheet.number_strands   7 
_struct_sheet.details          ? 
# 
loop_
_struct_sheet_order.sheet_id 
_struct_sheet_order.range_id_1 
_struct_sheet_order.range_id_2 
_struct_sheet_order.offset 
_struct_sheet_order.sense 
A 1 2 ? parallel 
A 2 3 ? parallel 
A 3 4 ? parallel 
A 4 5 ? parallel 
A 5 6 ? parallel 
A 6 7 ? parallel 
# 
loop_
_struct_sheet_range.sheet_id 
_struct_sheet_range.id 
_struct_sheet_range.beg_label_comp_id 
_struct_sheet_range.beg_label_asym_id 
_struct_sheet_range.beg_label_seq_id 
_struct_sheet_range.pdbx_beg_PDB_ins_code 
_struct_sheet_range.end_label_comp_id 
_struct_sheet_range.end_label_asym_id 
_struct_sheet_range.end_label_seq_id 
_struct_sheet_range.pdbx_end_PDB_ins_code 
_struct_sheet_range.beg_auth_comp_id 
_struct_sheet_range.beg_auth_asym_id 
_struct_sheet_range.beg_auth_seq_id 
_struct_sheet_range.end_auth_comp_id 
_struct_sheet_range.end_auth_asym_id 
_struct_sheet_range.end_auth_seq_id 
A 1 VAL A 88  ? LEU A 90  ? VAL A 681 LEU A 683 
A 2 VAL A 102 ? PRO A 106 ? VAL A 695 PRO A 699 
A 3 THR A 64  ? GLY A 68  ? THR A 657 GLY A 661 
A 4 PHE A 115 ? TRP A 121 ? PHE A 708 TRP A 714 
A 5 ALA A 144 ? VAL A 153 ? ALA A 737 VAL A 746 
A 6 ASN A 36  ? THR A 40  ? ASN A 629 THR A 633 
A 7 THR A 169 ? LEU A 170 ? THR A 762 LEU A 763 
# 
loop_
_pdbx_struct_sheet_hbond.sheet_id 
_pdbx_struct_sheet_hbond.range_id_1 
_pdbx_struct_sheet_hbond.range_id_2 
_pdbx_struct_sheet_hbond.range_1_label_atom_id 
_pdbx_struct_sheet_hbond.range_1_label_comp_id 
_pdbx_struct_sheet_hbond.range_1_label_asym_id 
_pdbx_struct_sheet_hbond.range_1_label_seq_id 
_pdbx_struct_sheet_hbond.range_1_PDB_ins_code 
_pdbx_struct_sheet_hbond.range_1_auth_atom_id 
_pdbx_struct_sheet_hbond.range_1_auth_comp_id 
_pdbx_struct_sheet_hbond.range_1_auth_asym_id 
_pdbx_struct_sheet_hbond.range_1_auth_seq_id 
_pdbx_struct_sheet_hbond.range_2_label_atom_id 
_pdbx_struct_sheet_hbond.range_2_label_comp_id 
_pdbx_struct_sheet_hbond.range_2_label_asym_id 
_pdbx_struct_sheet_hbond.range_2_label_seq_id 
_pdbx_struct_sheet_hbond.range_2_PDB_ins_code 
_pdbx_struct_sheet_hbond.range_2_auth_atom_id 
_pdbx_struct_sheet_hbond.range_2_auth_comp_id 
_pdbx_struct_sheet_hbond.range_2_auth_asym_id 
_pdbx_struct_sheet_hbond.range_2_auth_seq_id 
A 1 2 N THR A 89  ? N THR A 682 O VAL A 102 ? O VAL A 695 
A 2 3 O VAL A 105 ? O VAL A 698 N ILE A 66  ? N ILE A 659 
A 3 4 N ALA A 65  ? N ALA A 658 O ALA A 117 ? O ALA A 710 
A 4 5 N VAL A 120 ? N VAL A 713 O THR A 149 ? O THR A 742 
A 5 6 O ALA A 152 ? O ALA A 745 N THR A 40  ? N THR A 633 
A 6 7 N VAL A 37  ? N VAL A 630 O THR A 169 ? O THR A 762 
# 
loop_
_struct_site.id 
_struct_site.pdbx_evidence_code 
_struct_site.pdbx_auth_asym_id 
_struct_site.pdbx_auth_comp_id 
_struct_site.pdbx_auth_seq_id 
_struct_site.pdbx_auth_ins_code 
_struct_site.pdbx_num_residues 
_struct_site.details 
AC1 Software A ACT 1   ? 8 'BINDING SITE FOR RESIDUE ACT A 1'   
AC2 Software A ACT 2   ? 8 'BINDING SITE FOR RESIDUE ACT A 2'   
AC3 Software A ACT 3   ? 3 'BINDING SITE FOR RESIDUE ACT A 3'   
AC4 Software A ACT 4   ? 6 'BINDING SITE FOR RESIDUE ACT A 4'   
AC5 Software A ACT 5   ? 4 'BINDING SITE FOR RESIDUE ACT A 5'   
AC6 Software A ACT 6   ? 8 'BINDING SITE FOR RESIDUE ACT A 6'   
AC7 Software A ACT 7   ? 7 'BINDING SITE FOR RESIDUE ACT A 7'   
AC8 Software A ACT 8   ? 4 'BINDING SITE FOR RESIDUE ACT A 8'   
AC9 Software A ACT 9   ? 5 'BINDING SITE FOR RESIDUE ACT A 9'   
BC1 Software A ACT 10  ? 6 'BINDING SITE FOR RESIDUE ACT A 10'  
BC2 Software A ACT 11  ? 4 'BINDING SITE FOR RESIDUE ACT A 11'  
BC3 Software A EDO 768 ? 5 'BINDING SITE FOR RESIDUE EDO A 768' 
BC4 Software A EDO 769 ? 5 'BINDING SITE FOR RESIDUE EDO A 769' 
BC5 Software A FMT 770 ? 4 'BINDING SITE FOR RESIDUE FMT A 770' 
BC6 Software A FMT 771 ? 4 'BINDING SITE FOR RESIDUE FMT A 771' 
# 
loop_
_struct_site_gen.id 
_struct_site_gen.site_id 
_struct_site_gen.pdbx_num_res 
_struct_site_gen.label_comp_id 
_struct_site_gen.label_asym_id 
_struct_site_gen.label_seq_id 
_struct_site_gen.pdbx_auth_ins_code 
_struct_site_gen.auth_comp_id 
_struct_site_gen.auth_asym_id 
_struct_site_gen.auth_seq_id 
_struct_site_gen.label_atom_id 
_struct_site_gen.label_alt_id 
_struct_site_gen.symmetry 
_struct_site_gen.details 
1  AC1 8 ASN A 42  ? ASN A 635 . ? 11_655 ? 
2  AC1 8 ASN A 124 ? ASN A 717 . ? 1_555  ? 
3  AC1 8 GLN A 125 ? GLN A 718 . ? 1_555  ? 
4  AC1 8 GLU A 126 ? GLU A 719 . ? 1_555  ? 
5  AC1 8 GLY A 154 ? GLY A 747 . ? 1_555  ? 
6  AC1 8 SER A 155 ? SER A 748 . ? 1_555  ? 
7  AC1 8 HOH Q .   ? HOH A 815 . ? 1_555  ? 
8  AC1 8 HOH Q .   ? HOH A 844 . ? 1_555  ? 
9  AC2 8 LEU A 71  ? LEU A 664 . ? 6_654  ? 
10 AC2 8 LYS A 82  ? LYS A 675 . ? 1_555  ? 
11 AC2 8 GLU A 86  ? GLU A 679 . ? 1_555  ? 
12 AC2 8 GLN A 87  ? GLN A 680 . ? 1_555  ? 
13 AC2 8 PHE A 108 ? PHE A 701 . ? 6_654  ? 
14 AC2 8 HOH Q .   ? HOH A 864 . ? 6_654  ? 
15 AC2 8 HOH Q .   ? HOH A 869 . ? 1_555  ? 
16 AC2 8 HOH Q .   ? HOH A 896 . ? 6_654  ? 
17 AC3 3 LEU A 19  ? LEU A 612 . ? 1_555  ? 
18 AC3 3 ARG A 134 ? ARG A 727 . ? 1_555  ? 
19 AC3 3 HOH Q .   ? HOH A 822 . ? 1_555  ? 
20 AC4 6 LYS A 69  ? LYS A 662 . ? 1_555  ? 
21 AC4 6 GLU A 73  ? GLU A 666 . ? 1_555  ? 
22 AC4 6 ALA A 83  ? ALA A 676 . ? 5_565  ? 
23 AC4 6 ASN A 127 ? ASN A 720 . ? 1_555  ? 
24 AC4 6 HOH Q .   ? HOH A 887 . ? 1_555  ? 
25 AC4 6 HOH Q .   ? HOH A 919 . ? 1_555  ? 
26 AC5 4 THR A 78  ? THR A 671 . ? 1_555  ? 
27 AC5 4 LYS A 82  ? LYS A 675 . ? 1_555  ? 
28 AC5 4 THR A 89  ? THR A 682 . ? 1_555  ? 
29 AC5 4 LEU A 90  ? LEU A 683 . ? 1_555  ? 
30 AC6 8 SER A 107 ? SER A 700 . ? 1_555  ? 
31 AC6 8 ALA A 110 ? ALA A 703 . ? 1_555  ? 
32 AC6 8 LEU A 136 ? LEU A 729 . ? 1_555  ? 
33 AC6 8 THR A 139 ? THR A 732 . ? 1_555  ? 
34 AC6 8 ILE A 140 ? ILE A 733 . ? 1_555  ? 
35 AC6 8 ARG A 143 ? ARG A 736 . ? 1_555  ? 
36 AC6 8 HOH Q .   ? HOH A 817 . ? 1_555  ? 
37 AC6 8 HOH Q .   ? HOH A 847 . ? 1_555  ? 
38 AC7 7 GLU A 75  ? GLU A 668 . ? 1_555  ? 
39 AC7 7 ALA A 76  ? ALA A 669 . ? 1_555  ? 
40 AC7 7 LYS A 79  ? LYS A 672 . ? 1_555  ? 
41 AC7 7 HOH Q .   ? HOH A 799 . ? 1_555  ? 
42 AC7 7 HOH Q .   ? HOH A 866 . ? 1_555  ? 
43 AC7 7 HOH Q .   ? HOH A 893 . ? 1_555  ? 
44 AC7 7 HOH Q .   ? HOH A 957 . ? 1_555  ? 
45 AC8 4 GLN A 49  ? GLN A 642 . ? 1_555  ? 
46 AC8 4 ASN A 171 ? ASN A 764 . ? 1_555  ? 
47 AC8 4 GLU A 172 ? GLU A 765 . ? 1_555  ? 
48 AC8 4 HOH Q .   ? HOH A 774 . ? 1_555  ? 
49 AC9 5 ALA A 72  ? ALA A 665 . ? 1_555  ? 
50 AC9 5 GLU A 73  ? GLU A 666 . ? 1_555  ? 
51 AC9 5 ALA A 76  ? ALA A 669 . ? 1_555  ? 
52 AC9 5 HOH Q .   ? HOH A 872 . ? 1_555  ? 
53 AC9 5 HOH Q .   ? HOH A 957 . ? 1_555  ? 
54 BC1 6 GLU A 73  ? GLU A 666 . ? 1_555  ? 
55 BC1 6 TRP A 121 ? TRP A 714 . ? 1_555  ? 
56 BC1 6 ASN A 122 ? ASN A 715 . ? 1_555  ? 
57 BC1 6 ASN A 127 ? ASN A 720 . ? 1_555  ? 
58 BC1 6 HOH Q .   ? HOH A 871 . ? 1_555  ? 
59 BC1 6 HOH Q .   ? HOH A 914 . ? 1_555  ? 
60 BC2 4 ASN A 122 ? ASN A 715 . ? 1_555  ? 
61 BC2 4 ASN A 124 ? ASN A 717 . ? 1_555  ? 
62 BC2 4 HOH Q .   ? HOH A 788 . ? 1_555  ? 
63 BC2 4 HOH Q .   ? HOH A 815 . ? 1_555  ? 
64 BC3 5 GLU A 131 ? GLU A 724 . ? 1_555  ? 
65 BC3 5 ASP A 132 ? ASP A 725 . ? 1_555  ? 
66 BC3 5 HOH Q .   ? HOH A 797 . ? 5_565  ? 
67 BC3 5 HOH Q .   ? HOH A 876 . ? 5_565  ? 
68 BC3 5 HOH Q .   ? HOH A 910 . ? 1_555  ? 
69 BC4 5 GLY A 154 ? GLY A 747 . ? 1_555  ? 
70 BC4 5 SER A 155 ? SER A 748 . ? 1_555  ? 
71 BC4 5 HOH Q .   ? HOH A 777 . ? 1_555  ? 
72 BC4 5 HOH Q .   ? HOH A 898 . ? 1_555  ? 
73 BC4 5 HOH Q .   ? HOH A 955 . ? 1_555  ? 
74 BC5 4 ALA A 83  ? ALA A 676 . ? 1_555  ? 
75 BC5 4 HOH Q .   ? HOH A 870 . ? 1_555  ? 
76 BC5 4 HOH Q .   ? HOH A 890 . ? 1_555  ? 
77 BC5 4 HOH Q .   ? HOH A 944 . ? 1_555  ? 
78 BC6 4 THR A 63  ? THR A 656 . ? 1_555  ? 
79 BC6 4 THR A 64  ? THR A 657 . ? 1_555  ? 
80 BC6 4 GLY A 101 ? GLY A 694 . ? 1_555  ? 
81 BC6 4 HOH Q .   ? HOH A 853 . ? 1_555  ? 
# 
_pdbx_entry_details.entry_id                   3DMN 
_pdbx_entry_details.compound_details           ? 
_pdbx_entry_details.source_details             ? 
_pdbx_entry_details.nonpolymer_details         ? 
_pdbx_entry_details.sequence_details           ? 
_pdbx_entry_details.has_ligand_of_interest     ? 
_pdbx_entry_details.has_protein_modification   Y 
# 
_pdbx_validate_symm_contact.id                1 
_pdbx_validate_symm_contact.PDB_model_num     1 
_pdbx_validate_symm_contact.auth_atom_id_1    O 
_pdbx_validate_symm_contact.auth_asym_id_1    A 
_pdbx_validate_symm_contact.auth_comp_id_1    HOH 
_pdbx_validate_symm_contact.auth_seq_id_1     807 
_pdbx_validate_symm_contact.PDB_ins_code_1    ? 
_pdbx_validate_symm_contact.label_alt_id_1    ? 
_pdbx_validate_symm_contact.site_symmetry_1   1_555 
_pdbx_validate_symm_contact.auth_atom_id_2    O 
_pdbx_validate_symm_contact.auth_asym_id_2    A 
_pdbx_validate_symm_contact.auth_comp_id_2    HOH 
_pdbx_validate_symm_contact.auth_seq_id_2     941 
_pdbx_validate_symm_contact.PDB_ins_code_2    ? 
_pdbx_validate_symm_contact.label_alt_id_2    ? 
_pdbx_validate_symm_contact.site_symmetry_2   5_565 
_pdbx_validate_symm_contact.dist              2.18 
# 
_pdbx_validate_rmsd_angle.id                         1 
_pdbx_validate_rmsd_angle.PDB_model_num              1 
_pdbx_validate_rmsd_angle.auth_atom_id_1             N 
_pdbx_validate_rmsd_angle.auth_asym_id_1             A 
_pdbx_validate_rmsd_angle.auth_comp_id_1             ASN 
_pdbx_validate_rmsd_angle.auth_seq_id_1              688 
_pdbx_validate_rmsd_angle.PDB_ins_code_1             ? 
_pdbx_validate_rmsd_angle.label_alt_id_1             ? 
_pdbx_validate_rmsd_angle.auth_atom_id_2             CA 
_pdbx_validate_rmsd_angle.auth_asym_id_2             A 
_pdbx_validate_rmsd_angle.auth_comp_id_2             ASN 
_pdbx_validate_rmsd_angle.auth_seq_id_2              688 
_pdbx_validate_rmsd_angle.PDB_ins_code_2             ? 
_pdbx_validate_rmsd_angle.label_alt_id_2             ? 
_pdbx_validate_rmsd_angle.auth_atom_id_3             C 
_pdbx_validate_rmsd_angle.auth_asym_id_3             A 
_pdbx_validate_rmsd_angle.auth_comp_id_3             ASN 
_pdbx_validate_rmsd_angle.auth_seq_id_3              688 
_pdbx_validate_rmsd_angle.PDB_ins_code_3             ? 
_pdbx_validate_rmsd_angle.label_alt_id_3             ? 
_pdbx_validate_rmsd_angle.angle_value                128.61 
_pdbx_validate_rmsd_angle.angle_target_value         111.00 
_pdbx_validate_rmsd_angle.angle_deviation            17.61 
_pdbx_validate_rmsd_angle.angle_standard_deviation   2.70 
_pdbx_validate_rmsd_angle.linker_flag                N 
# 
loop_
_pdbx_validate_torsion.id 
_pdbx_validate_torsion.PDB_model_num 
_pdbx_validate_torsion.auth_comp_id 
_pdbx_validate_torsion.auth_asym_id 
_pdbx_validate_torsion.auth_seq_id 
_pdbx_validate_torsion.PDB_ins_code 
_pdbx_validate_torsion.label_alt_id 
_pdbx_validate_torsion.phi 
_pdbx_validate_torsion.psi 
1 1 ALA A 692 ? ? 72.92  44.88 
2 1 PRO A 693 ? ? -47.14 76.44 
# 
_pdbx_SG_project.id                    1 
_pdbx_SG_project.project_name          'PSI, Protein Structure Initiative' 
_pdbx_SG_project.full_name_of_center   'Midwest Center for Structural Genomics' 
_pdbx_SG_project.initial_of_center     MCSG 
# 
loop_
_pdbx_struct_mod_residue.id 
_pdbx_struct_mod_residue.label_asym_id 
_pdbx_struct_mod_residue.label_comp_id 
_pdbx_struct_mod_residue.label_seq_id 
_pdbx_struct_mod_residue.auth_asym_id 
_pdbx_struct_mod_residue.auth_comp_id 
_pdbx_struct_mod_residue.auth_seq_id 
_pdbx_struct_mod_residue.PDB_ins_code 
_pdbx_struct_mod_residue.parent_comp_id 
_pdbx_struct_mod_residue.details 
1 A MSE 56  A MSE 649 ? MET SELENOMETHIONINE 
2 A MSE 145 A MSE 738 ? MET SELENOMETHIONINE 
# 
_pdbx_refine_tls.id               1 
_pdbx_refine_tls.details          ? 
_pdbx_refine_tls.method           refined 
_pdbx_refine_tls.origin_x         0.0800 
_pdbx_refine_tls.origin_y         -0.5034 
_pdbx_refine_tls.origin_z         -0.4320 
_pdbx_refine_tls.T[1][1]          -0.2011 
_pdbx_refine_tls.T[2][2]          -0.1637 
_pdbx_refine_tls.T[3][3]          -0.1709 
_pdbx_refine_tls.T[1][2]          0.0068 
_pdbx_refine_tls.T[1][3]          -0.0156 
_pdbx_refine_tls.T[2][3]          0.0097 
_pdbx_refine_tls.L[1][1]          0.7607 
_pdbx_refine_tls.L[2][2]          1.1555 
_pdbx_refine_tls.L[3][3]          0.8692 
_pdbx_refine_tls.L[1][2]          0.2594 
_pdbx_refine_tls.L[1][3]          0.1455 
_pdbx_refine_tls.L[2][3]          0.4155 
_pdbx_refine_tls.S[1][1]          0.0109 
_pdbx_refine_tls.S[1][2]          -0.0849 
_pdbx_refine_tls.S[1][3]          -0.0665 
_pdbx_refine_tls.S[2][1]          0.0200 
_pdbx_refine_tls.S[2][2]          0.0133 
_pdbx_refine_tls.S[2][3]          -0.0839 
_pdbx_refine_tls.S[3][1]          0.0046 
_pdbx_refine_tls.S[3][2]          0.0890 
_pdbx_refine_tls.S[3][3]          -0.0242 
_pdbx_refine_tls.pdbx_refine_id   'X-RAY DIFFRACTION' 
# 
_pdbx_refine_tls_group.id                  1 
_pdbx_refine_tls_group.refine_tls_id       1 
_pdbx_refine_tls_group.beg_auth_asym_id    A 
_pdbx_refine_tls_group.beg_auth_seq_id     596 
_pdbx_refine_tls_group.beg_label_asym_id   A 
_pdbx_refine_tls_group.beg_label_seq_id    3 
_pdbx_refine_tls_group.end_auth_asym_id    A 
_pdbx_refine_tls_group.end_auth_seq_id     765 
_pdbx_refine_tls_group.end_label_asym_id   A 
_pdbx_refine_tls_group.end_label_seq_id    172 
_pdbx_refine_tls_group.selection           ? 
_pdbx_refine_tls_group.pdbx_refine_id      'X-RAY DIFFRACTION' 
_pdbx_refine_tls_group.selection_details   ? 
# 
loop_
_pdbx_unobs_or_zero_occ_residues.id 
_pdbx_unobs_or_zero_occ_residues.PDB_model_num 
_pdbx_unobs_or_zero_occ_residues.polymer_flag 
_pdbx_unobs_or_zero_occ_residues.occupancy_flag 
_pdbx_unobs_or_zero_occ_residues.auth_asym_id 
_pdbx_unobs_or_zero_occ_residues.auth_comp_id 
_pdbx_unobs_or_zero_occ_residues.auth_seq_id 
_pdbx_unobs_or_zero_occ_residues.PDB_ins_code 
_pdbx_unobs_or_zero_occ_residues.label_asym_id 
_pdbx_unobs_or_zero_occ_residues.label_comp_id 
_pdbx_unobs_or_zero_occ_residues.label_seq_id 
1  1 Y 1 A SER 594 ? A SER 1   
2  1 Y 1 A ASN 595 ? A ASN 2   
3  1 Y 1 A GLY 615 ? A GLY 22  
4  1 Y 1 A GLU 616 ? A GLU 23  
5  1 Y 1 A ALA 617 ? A ALA 24  
6  1 Y 1 A VAL 618 ? A VAL 25  
7  1 Y 1 A THR 619 ? A THR 26  
8  1 Y 1 A ALA 620 ? A ALA 27  
9  1 Y 1 A PHE 621 ? A PHE 28  
10 1 Y 1 A ASP 622 ? A ASP 29  
11 1 Y 1 A GLN 689 ? A GLN 96  
12 1 Y 1 A ALA 766 ? A ALA 173 
13 1 Y 1 A LYS 767 ? A LYS 174 
# 
loop_
_chem_comp_atom.comp_id 
_chem_comp_atom.atom_id 
_chem_comp_atom.type_symbol 
_chem_comp_atom.pdbx_aromatic_flag 
_chem_comp_atom.pdbx_stereo_config 
_chem_comp_atom.pdbx_ordinal 
ACT C    C  N N 1   
ACT O    O  N N 2   
ACT OXT  O  N N 3   
ACT CH3  C  N N 4   
ACT H1   H  N N 5   
ACT H2   H  N N 6   
ACT H3   H  N N 7   
ALA N    N  N N 8   
ALA CA   C  N S 9   
ALA C    C  N N 10  
ALA O    O  N N 11  
ALA CB   C  N N 12  
ALA OXT  O  N N 13  
ALA H    H  N N 14  
ALA H2   H  N N 15  
ALA HA   H  N N 16  
ALA HB1  H  N N 17  
ALA HB2  H  N N 18  
ALA HB3  H  N N 19  
ALA HXT  H  N N 20  
ARG N    N  N N 21  
ARG CA   C  N S 22  
ARG C    C  N N 23  
ARG O    O  N N 24  
ARG CB   C  N N 25  
ARG CG   C  N N 26  
ARG CD   C  N N 27  
ARG NE   N  N N 28  
ARG CZ   C  N N 29  
ARG NH1  N  N N 30  
ARG NH2  N  N N 31  
ARG OXT  O  N N 32  
ARG H    H  N N 33  
ARG H2   H  N N 34  
ARG HA   H  N N 35  
ARG HB2  H  N N 36  
ARG HB3  H  N N 37  
ARG HG2  H  N N 38  
ARG HG3  H  N N 39  
ARG HD2  H  N N 40  
ARG HD3  H  N N 41  
ARG HE   H  N N 42  
ARG HH11 H  N N 43  
ARG HH12 H  N N 44  
ARG HH21 H  N N 45  
ARG HH22 H  N N 46  
ARG HXT  H  N N 47  
ASN N    N  N N 48  
ASN CA   C  N S 49  
ASN C    C  N N 50  
ASN O    O  N N 51  
ASN CB   C  N N 52  
ASN CG   C  N N 53  
ASN OD1  O  N N 54  
ASN ND2  N  N N 55  
ASN OXT  O  N N 56  
ASN H    H  N N 57  
ASN H2   H  N N 58  
ASN HA   H  N N 59  
ASN HB2  H  N N 60  
ASN HB3  H  N N 61  
ASN HD21 H  N N 62  
ASN HD22 H  N N 63  
ASN HXT  H  N N 64  
ASP N    N  N N 65  
ASP CA   C  N S 66  
ASP C    C  N N 67  
ASP O    O  N N 68  
ASP CB   C  N N 69  
ASP CG   C  N N 70  
ASP OD1  O  N N 71  
ASP OD2  O  N N 72  
ASP OXT  O  N N 73  
ASP H    H  N N 74  
ASP H2   H  N N 75  
ASP HA   H  N N 76  
ASP HB2  H  N N 77  
ASP HB3  H  N N 78  
ASP HD2  H  N N 79  
ASP HXT  H  N N 80  
CYS N    N  N N 81  
CYS CA   C  N R 82  
CYS C    C  N N 83  
CYS O    O  N N 84  
CYS CB   C  N N 85  
CYS SG   S  N N 86  
CYS OXT  O  N N 87  
CYS H    H  N N 88  
CYS H2   H  N N 89  
CYS HA   H  N N 90  
CYS HB2  H  N N 91  
CYS HB3  H  N N 92  
CYS HG   H  N N 93  
CYS HXT  H  N N 94  
EDO C1   C  N N 95  
EDO O1   O  N N 96  
EDO C2   C  N N 97  
EDO O2   O  N N 98  
EDO H11  H  N N 99  
EDO H12  H  N N 100 
EDO HO1  H  N N 101 
EDO H21  H  N N 102 
EDO H22  H  N N 103 
EDO HO2  H  N N 104 
FMT C    C  N N 105 
FMT O1   O  N N 106 
FMT O2   O  N N 107 
FMT H    H  N N 108 
FMT HO2  H  N N 109 
GLN N    N  N N 110 
GLN CA   C  N S 111 
GLN C    C  N N 112 
GLN O    O  N N 113 
GLN CB   C  N N 114 
GLN CG   C  N N 115 
GLN CD   C  N N 116 
GLN OE1  O  N N 117 
GLN NE2  N  N N 118 
GLN OXT  O  N N 119 
GLN H    H  N N 120 
GLN H2   H  N N 121 
GLN HA   H  N N 122 
GLN HB2  H  N N 123 
GLN HB3  H  N N 124 
GLN HG2  H  N N 125 
GLN HG3  H  N N 126 
GLN HE21 H  N N 127 
GLN HE22 H  N N 128 
GLN HXT  H  N N 129 
GLU N    N  N N 130 
GLU CA   C  N S 131 
GLU C    C  N N 132 
GLU O    O  N N 133 
GLU CB   C  N N 134 
GLU CG   C  N N 135 
GLU CD   C  N N 136 
GLU OE1  O  N N 137 
GLU OE2  O  N N 138 
GLU OXT  O  N N 139 
GLU H    H  N N 140 
GLU H2   H  N N 141 
GLU HA   H  N N 142 
GLU HB2  H  N N 143 
GLU HB3  H  N N 144 
GLU HG2  H  N N 145 
GLU HG3  H  N N 146 
GLU HE2  H  N N 147 
GLU HXT  H  N N 148 
GLY N    N  N N 149 
GLY CA   C  N N 150 
GLY C    C  N N 151 
GLY O    O  N N 152 
GLY OXT  O  N N 153 
GLY H    H  N N 154 
GLY H2   H  N N 155 
GLY HA2  H  N N 156 
GLY HA3  H  N N 157 
GLY HXT  H  N N 158 
HIS N    N  N N 159 
HIS CA   C  N S 160 
HIS C    C  N N 161 
HIS O    O  N N 162 
HIS CB   C  N N 163 
HIS CG   C  Y N 164 
HIS ND1  N  Y N 165 
HIS CD2  C  Y N 166 
HIS CE1  C  Y N 167 
HIS NE2  N  Y N 168 
HIS OXT  O  N N 169 
HIS H    H  N N 170 
HIS H2   H  N N 171 
HIS HA   H  N N 172 
HIS HB2  H  N N 173 
HIS HB3  H  N N 174 
HIS HD1  H  N N 175 
HIS HD2  H  N N 176 
HIS HE1  H  N N 177 
HIS HE2  H  N N 178 
HIS HXT  H  N N 179 
HOH O    O  N N 180 
HOH H1   H  N N 181 
HOH H2   H  N N 182 
ILE N    N  N N 183 
ILE CA   C  N S 184 
ILE C    C  N N 185 
ILE O    O  N N 186 
ILE CB   C  N S 187 
ILE CG1  C  N N 188 
ILE CG2  C  N N 189 
ILE CD1  C  N N 190 
ILE OXT  O  N N 191 
ILE H    H  N N 192 
ILE H2   H  N N 193 
ILE HA   H  N N 194 
ILE HB   H  N N 195 
ILE HG12 H  N N 196 
ILE HG13 H  N N 197 
ILE HG21 H  N N 198 
ILE HG22 H  N N 199 
ILE HG23 H  N N 200 
ILE HD11 H  N N 201 
ILE HD12 H  N N 202 
ILE HD13 H  N N 203 
ILE HXT  H  N N 204 
LEU N    N  N N 205 
LEU CA   C  N S 206 
LEU C    C  N N 207 
LEU O    O  N N 208 
LEU CB   C  N N 209 
LEU CG   C  N N 210 
LEU CD1  C  N N 211 
LEU CD2  C  N N 212 
LEU OXT  O  N N 213 
LEU H    H  N N 214 
LEU H2   H  N N 215 
LEU HA   H  N N 216 
LEU HB2  H  N N 217 
LEU HB3  H  N N 218 
LEU HG   H  N N 219 
LEU HD11 H  N N 220 
LEU HD12 H  N N 221 
LEU HD13 H  N N 222 
LEU HD21 H  N N 223 
LEU HD22 H  N N 224 
LEU HD23 H  N N 225 
LEU HXT  H  N N 226 
LYS N    N  N N 227 
LYS CA   C  N S 228 
LYS C    C  N N 229 
LYS O    O  N N 230 
LYS CB   C  N N 231 
LYS CG   C  N N 232 
LYS CD   C  N N 233 
LYS CE   C  N N 234 
LYS NZ   N  N N 235 
LYS OXT  O  N N 236 
LYS H    H  N N 237 
LYS H2   H  N N 238 
LYS HA   H  N N 239 
LYS HB2  H  N N 240 
LYS HB3  H  N N 241 
LYS HG2  H  N N 242 
LYS HG3  H  N N 243 
LYS HD2  H  N N 244 
LYS HD3  H  N N 245 
LYS HE2  H  N N 246 
LYS HE3  H  N N 247 
LYS HZ1  H  N N 248 
LYS HZ2  H  N N 249 
LYS HZ3  H  N N 250 
LYS HXT  H  N N 251 
MSE N    N  N N 252 
MSE CA   C  N S 253 
MSE C    C  N N 254 
MSE O    O  N N 255 
MSE OXT  O  N N 256 
MSE CB   C  N N 257 
MSE CG   C  N N 258 
MSE SE   SE N N 259 
MSE CE   C  N N 260 
MSE H    H  N N 261 
MSE H2   H  N N 262 
MSE HA   H  N N 263 
MSE HXT  H  N N 264 
MSE HB2  H  N N 265 
MSE HB3  H  N N 266 
MSE HG2  H  N N 267 
MSE HG3  H  N N 268 
MSE HE1  H  N N 269 
MSE HE2  H  N N 270 
MSE HE3  H  N N 271 
PHE N    N  N N 272 
PHE CA   C  N S 273 
PHE C    C  N N 274 
PHE O    O  N N 275 
PHE CB   C  N N 276 
PHE CG   C  Y N 277 
PHE CD1  C  Y N 278 
PHE CD2  C  Y N 279 
PHE CE1  C  Y N 280 
PHE CE2  C  Y N 281 
PHE CZ   C  Y N 282 
PHE OXT  O  N N 283 
PHE H    H  N N 284 
PHE H2   H  N N 285 
PHE HA   H  N N 286 
PHE HB2  H  N N 287 
PHE HB3  H  N N 288 
PHE HD1  H  N N 289 
PHE HD2  H  N N 290 
PHE HE1  H  N N 291 
PHE HE2  H  N N 292 
PHE HZ   H  N N 293 
PHE HXT  H  N N 294 
PRO N    N  N N 295 
PRO CA   C  N S 296 
PRO C    C  N N 297 
PRO O    O  N N 298 
PRO CB   C  N N 299 
PRO CG   C  N N 300 
PRO CD   C  N N 301 
PRO OXT  O  N N 302 
PRO H    H  N N 303 
PRO HA   H  N N 304 
PRO HB2  H  N N 305 
PRO HB3  H  N N 306 
PRO HG2  H  N N 307 
PRO HG3  H  N N 308 
PRO HD2  H  N N 309 
PRO HD3  H  N N 310 
PRO HXT  H  N N 311 
SER N    N  N N 312 
SER CA   C  N S 313 
SER C    C  N N 314 
SER O    O  N N 315 
SER CB   C  N N 316 
SER OG   O  N N 317 
SER OXT  O  N N 318 
SER H    H  N N 319 
SER H2   H  N N 320 
SER HA   H  N N 321 
SER HB2  H  N N 322 
SER HB3  H  N N 323 
SER HG   H  N N 324 
SER HXT  H  N N 325 
THR N    N  N N 326 
THR CA   C  N S 327 
THR C    C  N N 328 
THR O    O  N N 329 
THR CB   C  N R 330 
THR OG1  O  N N 331 
THR CG2  C  N N 332 
THR OXT  O  N N 333 
THR H    H  N N 334 
THR H2   H  N N 335 
THR HA   H  N N 336 
THR HB   H  N N 337 
THR HG1  H  N N 338 
THR HG21 H  N N 339 
THR HG22 H  N N 340 
THR HG23 H  N N 341 
THR HXT  H  N N 342 
TRP N    N  N N 343 
TRP CA   C  N S 344 
TRP C    C  N N 345 
TRP O    O  N N 346 
TRP CB   C  N N 347 
TRP CG   C  Y N 348 
TRP CD1  C  Y N 349 
TRP CD2  C  Y N 350 
TRP NE1  N  Y N 351 
TRP CE2  C  Y N 352 
TRP CE3  C  Y N 353 
TRP CZ2  C  Y N 354 
TRP CZ3  C  Y N 355 
TRP CH2  C  Y N 356 
TRP OXT  O  N N 357 
TRP H    H  N N 358 
TRP H2   H  N N 359 
TRP HA   H  N N 360 
TRP HB2  H  N N 361 
TRP HB3  H  N N 362 
TRP HD1  H  N N 363 
TRP HE1  H  N N 364 
TRP HE3  H  N N 365 
TRP HZ2  H  N N 366 
TRP HZ3  H  N N 367 
TRP HH2  H  N N 368 
TRP HXT  H  N N 369 
TYR N    N  N N 370 
TYR CA   C  N S 371 
TYR C    C  N N 372 
TYR O    O  N N 373 
TYR CB   C  N N 374 
TYR CG   C  Y N 375 
TYR CD1  C  Y N 376 
TYR CD2  C  Y N 377 
TYR CE1  C  Y N 378 
TYR CE2  C  Y N 379 
TYR CZ   C  Y N 380 
TYR OH   O  N N 381 
TYR OXT  O  N N 382 
TYR H    H  N N 383 
TYR H2   H  N N 384 
TYR HA   H  N N 385 
TYR HB2  H  N N 386 
TYR HB3  H  N N 387 
TYR HD1  H  N N 388 
TYR HD2  H  N N 389 
TYR HE1  H  N N 390 
TYR HE2  H  N N 391 
TYR HH   H  N N 392 
TYR HXT  H  N N 393 
VAL N    N  N N 394 
VAL CA   C  N S 395 
VAL C    C  N N 396 
VAL O    O  N N 397 
VAL CB   C  N N 398 
VAL CG1  C  N N 399 
VAL CG2  C  N N 400 
VAL OXT  O  N N 401 
VAL H    H  N N 402 
VAL H2   H  N N 403 
VAL HA   H  N N 404 
VAL HB   H  N N 405 
VAL HG11 H  N N 406 
VAL HG12 H  N N 407 
VAL HG13 H  N N 408 
VAL HG21 H  N N 409 
VAL HG22 H  N N 410 
VAL HG23 H  N N 411 
VAL HXT  H  N N 412 
# 
loop_
_chem_comp_bond.comp_id 
_chem_comp_bond.atom_id_1 
_chem_comp_bond.atom_id_2 
_chem_comp_bond.value_order 
_chem_comp_bond.pdbx_aromatic_flag 
_chem_comp_bond.pdbx_stereo_config 
_chem_comp_bond.pdbx_ordinal 
ACT C   O    doub N N 1   
ACT C   OXT  sing N N 2   
ACT C   CH3  sing N N 3   
ACT CH3 H1   sing N N 4   
ACT CH3 H2   sing N N 5   
ACT CH3 H3   sing N N 6   
ALA N   CA   sing N N 7   
ALA N   H    sing N N 8   
ALA N   H2   sing N N 9   
ALA CA  C    sing N N 10  
ALA CA  CB   sing N N 11  
ALA CA  HA   sing N N 12  
ALA C   O    doub N N 13  
ALA C   OXT  sing N N 14  
ALA CB  HB1  sing N N 15  
ALA CB  HB2  sing N N 16  
ALA CB  HB3  sing N N 17  
ALA OXT HXT  sing N N 18  
ARG N   CA   sing N N 19  
ARG N   H    sing N N 20  
ARG N   H2   sing N N 21  
ARG CA  C    sing N N 22  
ARG CA  CB   sing N N 23  
ARG CA  HA   sing N N 24  
ARG C   O    doub N N 25  
ARG C   OXT  sing N N 26  
ARG CB  CG   sing N N 27  
ARG CB  HB2  sing N N 28  
ARG CB  HB3  sing N N 29  
ARG CG  CD   sing N N 30  
ARG CG  HG2  sing N N 31  
ARG CG  HG3  sing N N 32  
ARG CD  NE   sing N N 33  
ARG CD  HD2  sing N N 34  
ARG CD  HD3  sing N N 35  
ARG NE  CZ   sing N N 36  
ARG NE  HE   sing N N 37  
ARG CZ  NH1  sing N N 38  
ARG CZ  NH2  doub N N 39  
ARG NH1 HH11 sing N N 40  
ARG NH1 HH12 sing N N 41  
ARG NH2 HH21 sing N N 42  
ARG NH2 HH22 sing N N 43  
ARG OXT HXT  sing N N 44  
ASN N   CA   sing N N 45  
ASN N   H    sing N N 46  
ASN N   H2   sing N N 47  
ASN CA  C    sing N N 48  
ASN CA  CB   sing N N 49  
ASN CA  HA   sing N N 50  
ASN C   O    doub N N 51  
ASN C   OXT  sing N N 52  
ASN CB  CG   sing N N 53  
ASN CB  HB2  sing N N 54  
ASN CB  HB3  sing N N 55  
ASN CG  OD1  doub N N 56  
ASN CG  ND2  sing N N 57  
ASN ND2 HD21 sing N N 58  
ASN ND2 HD22 sing N N 59  
ASN OXT HXT  sing N N 60  
ASP N   CA   sing N N 61  
ASP N   H    sing N N 62  
ASP N   H2   sing N N 63  
ASP CA  C    sing N N 64  
ASP CA  CB   sing N N 65  
ASP CA  HA   sing N N 66  
ASP C   O    doub N N 67  
ASP C   OXT  sing N N 68  
ASP CB  CG   sing N N 69  
ASP CB  HB2  sing N N 70  
ASP CB  HB3  sing N N 71  
ASP CG  OD1  doub N N 72  
ASP CG  OD2  sing N N 73  
ASP OD2 HD2  sing N N 74  
ASP OXT HXT  sing N N 75  
CYS N   CA   sing N N 76  
CYS N   H    sing N N 77  
CYS N   H2   sing N N 78  
CYS CA  C    sing N N 79  
CYS CA  CB   sing N N 80  
CYS CA  HA   sing N N 81  
CYS C   O    doub N N 82  
CYS C   OXT  sing N N 83  
CYS CB  SG   sing N N 84  
CYS CB  HB2  sing N N 85  
CYS CB  HB3  sing N N 86  
CYS SG  HG   sing N N 87  
CYS OXT HXT  sing N N 88  
EDO C1  O1   sing N N 89  
EDO C1  C2   sing N N 90  
EDO C1  H11  sing N N 91  
EDO C1  H12  sing N N 92  
EDO O1  HO1  sing N N 93  
EDO C2  O2   sing N N 94  
EDO C2  H21  sing N N 95  
EDO C2  H22  sing N N 96  
EDO O2  HO2  sing N N 97  
FMT C   O1   doub N N 98  
FMT C   O2   sing N N 99  
FMT C   H    sing N N 100 
FMT O2  HO2  sing N N 101 
GLN N   CA   sing N N 102 
GLN N   H    sing N N 103 
GLN N   H2   sing N N 104 
GLN CA  C    sing N N 105 
GLN CA  CB   sing N N 106 
GLN CA  HA   sing N N 107 
GLN C   O    doub N N 108 
GLN C   OXT  sing N N 109 
GLN CB  CG   sing N N 110 
GLN CB  HB2  sing N N 111 
GLN CB  HB3  sing N N 112 
GLN CG  CD   sing N N 113 
GLN CG  HG2  sing N N 114 
GLN CG  HG3  sing N N 115 
GLN CD  OE1  doub N N 116 
GLN CD  NE2  sing N N 117 
GLN NE2 HE21 sing N N 118 
GLN NE2 HE22 sing N N 119 
GLN OXT HXT  sing N N 120 
GLU N   CA   sing N N 121 
GLU N   H    sing N N 122 
GLU N   H2   sing N N 123 
GLU CA  C    sing N N 124 
GLU CA  CB   sing N N 125 
GLU CA  HA   sing N N 126 
GLU C   O    doub N N 127 
GLU C   OXT  sing N N 128 
GLU CB  CG   sing N N 129 
GLU CB  HB2  sing N N 130 
GLU CB  HB3  sing N N 131 
GLU CG  CD   sing N N 132 
GLU CG  HG2  sing N N 133 
GLU CG  HG3  sing N N 134 
GLU CD  OE1  doub N N 135 
GLU CD  OE2  sing N N 136 
GLU OE2 HE2  sing N N 137 
GLU OXT HXT  sing N N 138 
GLY N   CA   sing N N 139 
GLY N   H    sing N N 140 
GLY N   H2   sing N N 141 
GLY CA  C    sing N N 142 
GLY CA  HA2  sing N N 143 
GLY CA  HA3  sing N N 144 
GLY C   O    doub N N 145 
GLY C   OXT  sing N N 146 
GLY OXT HXT  sing N N 147 
HIS N   CA   sing N N 148 
HIS N   H    sing N N 149 
HIS N   H2   sing N N 150 
HIS CA  C    sing N N 151 
HIS CA  CB   sing N N 152 
HIS CA  HA   sing N N 153 
HIS C   O    doub N N 154 
HIS C   OXT  sing N N 155 
HIS CB  CG   sing N N 156 
HIS CB  HB2  sing N N 157 
HIS CB  HB3  sing N N 158 
HIS CG  ND1  sing Y N 159 
HIS CG  CD2  doub Y N 160 
HIS ND1 CE1  doub Y N 161 
HIS ND1 HD1  sing N N 162 
HIS CD2 NE2  sing Y N 163 
HIS CD2 HD2  sing N N 164 
HIS CE1 NE2  sing Y N 165 
HIS CE1 HE1  sing N N 166 
HIS NE2 HE2  sing N N 167 
HIS OXT HXT  sing N N 168 
HOH O   H1   sing N N 169 
HOH O   H2   sing N N 170 
ILE N   CA   sing N N 171 
ILE N   H    sing N N 172 
ILE N   H2   sing N N 173 
ILE CA  C    sing N N 174 
ILE CA  CB   sing N N 175 
ILE CA  HA   sing N N 176 
ILE C   O    doub N N 177 
ILE C   OXT  sing N N 178 
ILE CB  CG1  sing N N 179 
ILE CB  CG2  sing N N 180 
ILE CB  HB   sing N N 181 
ILE CG1 CD1  sing N N 182 
ILE CG1 HG12 sing N N 183 
ILE CG1 HG13 sing N N 184 
ILE CG2 HG21 sing N N 185 
ILE CG2 HG22 sing N N 186 
ILE CG2 HG23 sing N N 187 
ILE CD1 HD11 sing N N 188 
ILE CD1 HD12 sing N N 189 
ILE CD1 HD13 sing N N 190 
ILE OXT HXT  sing N N 191 
LEU N   CA   sing N N 192 
LEU N   H    sing N N 193 
LEU N   H2   sing N N 194 
LEU CA  C    sing N N 195 
LEU CA  CB   sing N N 196 
LEU CA  HA   sing N N 197 
LEU C   O    doub N N 198 
LEU C   OXT  sing N N 199 
LEU CB  CG   sing N N 200 
LEU CB  HB2  sing N N 201 
LEU CB  HB3  sing N N 202 
LEU CG  CD1  sing N N 203 
LEU CG  CD2  sing N N 204 
LEU CG  HG   sing N N 205 
LEU CD1 HD11 sing N N 206 
LEU CD1 HD12 sing N N 207 
LEU CD1 HD13 sing N N 208 
LEU CD2 HD21 sing N N 209 
LEU CD2 HD22 sing N N 210 
LEU CD2 HD23 sing N N 211 
LEU OXT HXT  sing N N 212 
LYS N   CA   sing N N 213 
LYS N   H    sing N N 214 
LYS N   H2   sing N N 215 
LYS CA  C    sing N N 216 
LYS CA  CB   sing N N 217 
LYS CA  HA   sing N N 218 
LYS C   O    doub N N 219 
LYS C   OXT  sing N N 220 
LYS CB  CG   sing N N 221 
LYS CB  HB2  sing N N 222 
LYS CB  HB3  sing N N 223 
LYS CG  CD   sing N N 224 
LYS CG  HG2  sing N N 225 
LYS CG  HG3  sing N N 226 
LYS CD  CE   sing N N 227 
LYS CD  HD2  sing N N 228 
LYS CD  HD3  sing N N 229 
LYS CE  NZ   sing N N 230 
LYS CE  HE2  sing N N 231 
LYS CE  HE3  sing N N 232 
LYS NZ  HZ1  sing N N 233 
LYS NZ  HZ2  sing N N 234 
LYS NZ  HZ3  sing N N 235 
LYS OXT HXT  sing N N 236 
MSE N   CA   sing N N 237 
MSE N   H    sing N N 238 
MSE N   H2   sing N N 239 
MSE CA  C    sing N N 240 
MSE CA  CB   sing N N 241 
MSE CA  HA   sing N N 242 
MSE C   O    doub N N 243 
MSE C   OXT  sing N N 244 
MSE OXT HXT  sing N N 245 
MSE CB  CG   sing N N 246 
MSE CB  HB2  sing N N 247 
MSE CB  HB3  sing N N 248 
MSE CG  SE   sing N N 249 
MSE CG  HG2  sing N N 250 
MSE CG  HG3  sing N N 251 
MSE SE  CE   sing N N 252 
MSE CE  HE1  sing N N 253 
MSE CE  HE2  sing N N 254 
MSE CE  HE3  sing N N 255 
PHE N   CA   sing N N 256 
PHE N   H    sing N N 257 
PHE N   H2   sing N N 258 
PHE CA  C    sing N N 259 
PHE CA  CB   sing N N 260 
PHE CA  HA   sing N N 261 
PHE C   O    doub N N 262 
PHE C   OXT  sing N N 263 
PHE CB  CG   sing N N 264 
PHE CB  HB2  sing N N 265 
PHE CB  HB3  sing N N 266 
PHE CG  CD1  doub Y N 267 
PHE CG  CD2  sing Y N 268 
PHE CD1 CE1  sing Y N 269 
PHE CD1 HD1  sing N N 270 
PHE CD2 CE2  doub Y N 271 
PHE CD2 HD2  sing N N 272 
PHE CE1 CZ   doub Y N 273 
PHE CE1 HE1  sing N N 274 
PHE CE2 CZ   sing Y N 275 
PHE CE2 HE2  sing N N 276 
PHE CZ  HZ   sing N N 277 
PHE OXT HXT  sing N N 278 
PRO N   CA   sing N N 279 
PRO N   CD   sing N N 280 
PRO N   H    sing N N 281 
PRO CA  C    sing N N 282 
PRO CA  CB   sing N N 283 
PRO CA  HA   sing N N 284 
PRO C   O    doub N N 285 
PRO C   OXT  sing N N 286 
PRO CB  CG   sing N N 287 
PRO CB  HB2  sing N N 288 
PRO CB  HB3  sing N N 289 
PRO CG  CD   sing N N 290 
PRO CG  HG2  sing N N 291 
PRO CG  HG3  sing N N 292 
PRO CD  HD2  sing N N 293 
PRO CD  HD3  sing N N 294 
PRO OXT HXT  sing N N 295 
SER N   CA   sing N N 296 
SER N   H    sing N N 297 
SER N   H2   sing N N 298 
SER CA  C    sing N N 299 
SER CA  CB   sing N N 300 
SER CA  HA   sing N N 301 
SER C   O    doub N N 302 
SER C   OXT  sing N N 303 
SER CB  OG   sing N N 304 
SER CB  HB2  sing N N 305 
SER CB  HB3  sing N N 306 
SER OG  HG   sing N N 307 
SER OXT HXT  sing N N 308 
THR N   CA   sing N N 309 
THR N   H    sing N N 310 
THR N   H2   sing N N 311 
THR CA  C    sing N N 312 
THR CA  CB   sing N N 313 
THR CA  HA   sing N N 314 
THR C   O    doub N N 315 
THR C   OXT  sing N N 316 
THR CB  OG1  sing N N 317 
THR CB  CG2  sing N N 318 
THR CB  HB   sing N N 319 
THR OG1 HG1  sing N N 320 
THR CG2 HG21 sing N N 321 
THR CG2 HG22 sing N N 322 
THR CG2 HG23 sing N N 323 
THR OXT HXT  sing N N 324 
TRP N   CA   sing N N 325 
TRP N   H    sing N N 326 
TRP N   H2   sing N N 327 
TRP CA  C    sing N N 328 
TRP CA  CB   sing N N 329 
TRP CA  HA   sing N N 330 
TRP C   O    doub N N 331 
TRP C   OXT  sing N N 332 
TRP CB  CG   sing N N 333 
TRP CB  HB2  sing N N 334 
TRP CB  HB3  sing N N 335 
TRP CG  CD1  doub Y N 336 
TRP CG  CD2  sing Y N 337 
TRP CD1 NE1  sing Y N 338 
TRP CD1 HD1  sing N N 339 
TRP CD2 CE2  doub Y N 340 
TRP CD2 CE3  sing Y N 341 
TRP NE1 CE2  sing Y N 342 
TRP NE1 HE1  sing N N 343 
TRP CE2 CZ2  sing Y N 344 
TRP CE3 CZ3  doub Y N 345 
TRP CE3 HE3  sing N N 346 
TRP CZ2 CH2  doub Y N 347 
TRP CZ2 HZ2  sing N N 348 
TRP CZ3 CH2  sing Y N 349 
TRP CZ3 HZ3  sing N N 350 
TRP CH2 HH2  sing N N 351 
TRP OXT HXT  sing N N 352 
TYR N   CA   sing N N 353 
TYR N   H    sing N N 354 
TYR N   H2   sing N N 355 
TYR CA  C    sing N N 356 
TYR CA  CB   sing N N 357 
TYR CA  HA   sing N N 358 
TYR C   O    doub N N 359 
TYR C   OXT  sing N N 360 
TYR CB  CG   sing N N 361 
TYR CB  HB2  sing N N 362 
TYR CB  HB3  sing N N 363 
TYR CG  CD1  doub Y N 364 
TYR CG  CD2  sing Y N 365 
TYR CD1 CE1  sing Y N 366 
TYR CD1 HD1  sing N N 367 
TYR CD2 CE2  doub Y N 368 
TYR CD2 HD2  sing N N 369 
TYR CE1 CZ   doub Y N 370 
TYR CE1 HE1  sing N N 371 
TYR CE2 CZ   sing Y N 372 
TYR CE2 HE2  sing N N 373 
TYR CZ  OH   sing N N 374 
TYR OH  HH   sing N N 375 
TYR OXT HXT  sing N N 376 
VAL N   CA   sing N N 377 
VAL N   H    sing N N 378 
VAL N   H2   sing N N 379 
VAL CA  C    sing N N 380 
VAL CA  CB   sing N N 381 
VAL CA  HA   sing N N 382 
VAL C   O    doub N N 383 
VAL C   OXT  sing N N 384 
VAL CB  CG1  sing N N 385 
VAL CB  CG2  sing N N 386 
VAL CB  HB   sing N N 387 
VAL CG1 HG11 sing N N 388 
VAL CG1 HG12 sing N N 389 
VAL CG1 HG13 sing N N 390 
VAL CG2 HG21 sing N N 391 
VAL CG2 HG22 sing N N 392 
VAL CG2 HG23 sing N N 393 
VAL OXT HXT  sing N N 394 
# 
_atom_sites.entry_id                    3DMN 
_atom_sites.fract_transf_matrix[1][1]   -0.00294549 
_atom_sites.fract_transf_matrix[1][2]   0.01039335 
_atom_sites.fract_transf_matrix[1][3]   0.00430600 
_atom_sites.fract_transf_matrix[2][1]   0.00297205 
_atom_sites.fract_transf_matrix[2][2]   0.00970212 
_atom_sites.fract_transf_matrix[2][3]   -0.00568062 
_atom_sites.fract_transf_matrix[3][1]   -0.01189596 
_atom_sites.fract_transf_matrix[3][2]   -0.00046426 
_atom_sites.fract_transf_matrix[3][3]   -0.00701679 
_atom_sites.fract_transf_vector[1]      0.727515 
_atom_sites.fract_transf_vector[2]      0.655079 
_atom_sites.fract_transf_vector[3]      0.035827 
# 
loop_
_atom_type.symbol 
C  
N  
O  
S  
SE 
# 
loop_
_atom_site.group_PDB 
_atom_site.id 
_atom_site.type_symbol 
_atom_site.label_atom_id 
_atom_site.label_alt_id 
_atom_site.label_comp_id 
_atom_site.label_asym_id 
_atom_site.label_entity_id 
_atom_site.label_seq_id 
_atom_site.pdbx_PDB_ins_code 
_atom_site.Cartn_x 
_atom_site.Cartn_y 
_atom_site.Cartn_z 
_atom_site.occupancy 
_atom_site.B_iso_or_equiv 
_atom_site.pdbx_formal_charge 
_atom_site.auth_seq_id 
_atom_site.auth_comp_id 
_atom_site.auth_asym_id 
_atom_site.auth_atom_id 
_atom_site.pdbx_PDB_model_num 
ATOM   1    N  N   . ALA A 1 3   ? 16.643  -7.562  -6.803  1.00 52.44 ? 596 ALA A N   1 
ATOM   2    C  CA  . ALA A 1 3   ? 16.653  -8.986  -7.271  1.00 52.03 ? 596 ALA A CA  1 
ATOM   3    C  C   . ALA A 1 3   ? 17.221  -9.909  -6.197  1.00 51.73 ? 596 ALA A C   1 
ATOM   4    O  O   . ALA A 1 3   ? 17.041  -11.131 -6.251  1.00 52.23 ? 596 ALA A O   1 
ATOM   5    C  CB  . ALA A 1 3   ? 17.450  -9.128  -8.575  1.00 52.53 ? 596 ALA A CB  1 
ATOM   6    N  N   . SER A 1 4   ? 17.923  -9.316  -5.231  1.00 50.50 ? 597 SER A N   1 
ATOM   7    C  CA  . SER A 1 4   ? 18.454  -10.051 -4.080  1.00 48.89 ? 597 SER A CA  1 
ATOM   8    C  C   . SER A 1 4   ? 17.422  -10.110 -2.952  1.00 48.11 ? 597 SER A C   1 
ATOM   9    O  O   . SER A 1 4   ? 17.392  -11.067 -2.174  1.00 47.53 ? 597 SER A O   1 
ATOM   10   C  CB  . SER A 1 4   ? 19.738  -9.393  -3.573  1.00 49.13 ? 597 SER A CB  1 
ATOM   11   O  OG  . SER A 1 4   ? 20.722  -9.351  -4.586  1.00 48.13 ? 597 SER A OG  1 
ATOM   12   N  N   . TYR A 1 5   ? 16.589  -9.073  -2.875  1.00 46.98 ? 598 TYR A N   1 
ATOM   13   C  CA  . TYR A 1 5   ? 15.533  -8.997  -1.863  1.00 46.69 ? 598 TYR A CA  1 
ATOM   14   C  C   . TYR A 1 5   ? 14.375  -9.922  -2.207  1.00 46.91 ? 598 TYR A C   1 
ATOM   15   O  O   . TYR A 1 5   ? 13.958  -9.998  -3.371  1.00 48.01 ? 598 TYR A O   1 
ATOM   16   C  CB  . TYR A 1 5   ? 14.979  -7.573  -1.763  1.00 46.13 ? 598 TYR A CB  1 
ATOM   17   C  CG  . TYR A 1 5   ? 15.920  -6.599  -1.102  1.00 45.34 ? 598 TYR A CG  1 
ATOM   18   C  CD1 . TYR A 1 5   ? 15.977  -6.492  0.291   1.00 46.08 ? 598 TYR A CD1 1 
ATOM   19   C  CD2 . TYR A 1 5   ? 16.774  -5.798  -1.871  1.00 46.11 ? 598 TYR A CD2 1 
ATOM   20   C  CE1 . TYR A 1 5   ? 16.855  -5.588  0.910   1.00 44.81 ? 598 TYR A CE1 1 
ATOM   21   C  CE2 . TYR A 1 5   ? 17.645  -4.903  -1.279  1.00 44.56 ? 598 TYR A CE2 1 
ATOM   22   C  CZ  . TYR A 1 5   ? 17.685  -4.800  0.118   1.00 45.80 ? 598 TYR A CZ  1 
ATOM   23   O  OH  . TYR A 1 5   ? 18.557  -3.910  0.712   1.00 42.86 ? 598 TYR A OH  1 
ATOM   24   N  N   . ARG A 1 6   ? 13.828  -10.579 -1.186  1.00 45.73 ? 599 ARG A N   1 
ATOM   25   C  CA  . ARG A 1 6   ? 12.619  -11.397 -1.356  1.00 44.82 ? 599 ARG A CA  1 
ATOM   26   C  C   . ARG A 1 6   ? 11.605  -11.113 -0.250  1.00 42.16 ? 599 ARG A C   1 
ATOM   27   O  O   . ARG A 1 6   ? 11.991  -10.926 0.919   1.00 42.87 ? 599 ARG A O   1 
ATOM   28   C  CB  . ARG A 1 6   ? 12.987  -12.869 -1.378  1.00 45.46 ? 599 ARG A CB  1 
ATOM   29   C  CG  . ARG A 1 6   ? 13.297  -13.365 -2.767  1.00 49.70 ? 599 ARG A CG  1 
ATOM   30   C  CD  . ARG A 1 6   ? 14.508  -14.274 -2.796  1.00 54.87 ? 599 ARG A CD  1 
ATOM   31   N  NE  . ARG A 1 6   ? 14.464  -15.204 -3.928  1.00 60.25 ? 599 ARG A NE  1 
ATOM   32   C  CZ  . ARG A 1 6   ? 14.509  -14.857 -5.217  1.00 61.64 ? 599 ARG A CZ  1 
ATOM   33   N  NH1 . ARG A 1 6   ? 14.463  -15.801 -6.152  1.00 62.66 ? 599 ARG A NH1 1 
ATOM   34   N  NH2 . ARG A 1 6   ? 14.592  -13.579 -5.581  1.00 62.66 ? 599 ARG A NH2 1 
ATOM   35   N  N   . SER A 1 7   ? 10.326  -11.071 -0.626  1.00 40.44 ? 600 SER A N   1 
ATOM   36   C  CA  . SER A 1 7   ? 9.264   -10.853 0.334   1.00 37.38 ? 600 SER A CA  1 
ATOM   37   C  C   . SER A 1 7   ? 8.943   -12.158 1.039   1.00 34.65 ? 600 SER A C   1 
ATOM   38   O  O   . SER A 1 7   ? 9.455   -13.245 0.684   1.00 34.03 ? 600 SER A O   1 
ATOM   39   C  CB  . SER A 1 7   ? 7.969   -10.336 -0.305  1.00 37.76 ? 600 SER A CB  1 
ATOM   40   O  OG  . SER A 1 7   ? 8.141   -9.195  -1.132  1.00 43.12 ? 600 SER A OG  1 
ATOM   41   N  N   . THR A 1 8   ? 8.088   -12.043 2.044   1.00 30.63 ? 601 THR A N   1 
ATOM   42   C  CA  . THR A 1 8   ? 7.577   -13.213 2.751   1.00 28.67 ? 601 THR A CA  1 
ATOM   43   C  C   . THR A 1 8   ? 6.755   -14.039 1.777   1.00 27.45 ? 601 THR A C   1 
ATOM   44   O  O   . THR A 1 8   ? 6.236   -13.521 0.790   1.00 27.39 ? 601 THR A O   1 
ATOM   45   C  CB  . THR A 1 8   ? 6.624   -12.804 3.879   1.00 28.34 ? 601 THR A CB  1 
ATOM   46   O  OG1 . THR A 1 8   ? 5.516   -12.099 3.324   1.00 28.77 ? 601 THR A OG1 1 
ATOM   47   C  CG2 . THR A 1 8   ? 7.366   -11.950 4.965   1.00 28.61 ? 601 THR A CG2 1 
ATOM   48   N  N   . GLN A 1 9   ? 6.629   -15.330 2.084   1.00 26.98 ? 602 GLN A N   1 
ATOM   49   C  CA  . GLN A 1 9   ? 5.722   -16.166 1.284   1.00 25.83 ? 602 GLN A CA  1 
ATOM   50   C  C   . GLN A 1 9   ? 4.302   -15.597 1.186   1.00 26.06 ? 602 GLN A C   1 
ATOM   51   O  O   . GLN A 1 9   ? 3.643   -15.738 0.153   1.00 25.99 ? 602 GLN A O   1 
ATOM   52   C  CB  . GLN A 1 9   ? 5.644   -17.544 1.911   1.00 26.34 ? 602 GLN A CB  1 
ATOM   53   C  CG  . GLN A 1 9   ? 4.714   -18.462 1.104   1.00 26.68 ? 602 GLN A CG  1 
ATOM   54   C  CD  . GLN A 1 9   ? 4.854   -19.900 1.529   1.00 26.31 ? 602 GLN A CD  1 
ATOM   55   O  OE1 . GLN A 1 9   ? 5.038   -20.206 2.716   1.00 27.31 ? 602 GLN A OE1 1 
ATOM   56   N  NE2 . GLN A 1 9   ? 4.774   -20.799 0.556   1.00 28.33 ? 602 GLN A NE2 1 
ATOM   57   N  N   . GLN A 1 10  ? 3.826   -14.990 2.265   1.00 26.07 ? 603 GLN A N   1 
ATOM   58   C  CA  . GLN A 1 10  ? 2.460   -14.446 2.307   1.00 26.63 ? 603 GLN A CA  1 
ATOM   59   C  C   . GLN A 1 10  ? 2.303   -13.352 1.252   1.00 27.17 ? 603 GLN A C   1 
ATOM   60   O  O   . GLN A 1 10  ? 1.323   -13.336 0.496   1.00 28.40 ? 603 GLN A O   1 
ATOM   61   C  CB  . GLN A 1 10  ? 2.151   -13.920 3.713   1.00 28.52 ? 603 GLN A CB  1 
ATOM   62   C  CG  . GLN A 1 10  ? 1.845   -15.055 4.711   1.00 29.61 ? 603 GLN A CG  1 
ATOM   63   C  CD  . GLN A 1 10  ? 3.035   -15.863 5.142   1.00 32.71 ? 603 GLN A CD  1 
ATOM   64   O  OE1 . GLN A 1 10  ? 4.194   -15.448 5.028   1.00 30.40 ? 603 GLN A OE1 1 
ATOM   65   N  NE2 . GLN A 1 10  ? 2.750   -17.045 5.641   1.00 35.11 ? 603 GLN A NE2 1 
ATOM   66   N  N   . ILE A 1 11  ? 3.258   -12.424 1.218   1.00 26.17 ? 604 ILE A N   1 
ATOM   67   C  CA  . ILE A 1 11  ? 3.196   -11.321 0.237   1.00 26.61 ? 604 ILE A CA  1 
ATOM   68   C  C   . ILE A 1 11  ? 3.405   -11.851 -1.184  1.00 26.84 ? 604 ILE A C   1 
ATOM   69   O  O   . ILE A 1 11  ? 2.692   -11.448 -2.096  1.00 27.77 ? 604 ILE A O   1 
ATOM   70   C  CB  . ILE A 1 11  ? 4.226   -10.216 0.635   1.00 27.26 ? 604 ILE A CB  1 
ATOM   71   C  CG1 . ILE A 1 11  ? 3.716   -9.556  1.908   1.00 28.78 ? 604 ILE A CG1 1 
ATOM   72   C  CG2 . ILE A 1 11  ? 4.435   -9.192  -0.473  1.00 28.17 ? 604 ILE A CG2 1 
ATOM   73   C  CD1 . ILE A 1 11  ? 4.710   -8.670  2.543   1.00 30.15 ? 604 ILE A CD1 1 
ATOM   74   N  N   . THR A 1 12  ? 4.367   -12.764 -1.359  1.00 27.97 ? 605 THR A N   1 
ATOM   75   C  CA  . THR A 1 12  ? 4.648   -13.355 -2.668  1.00 28.47 ? 605 THR A CA  1 
ATOM   76   C  C   . THR A 1 12  ? 3.408   -14.042 -3.251  1.00 28.17 ? 605 THR A C   1 
ATOM   77   O  O   . THR A 1 12  ? 3.065   -13.868 -4.417  1.00 28.31 ? 605 THR A O   1 
ATOM   78   C  CB  . THR A 1 12  ? 5.808   -14.360 -2.515  1.00 28.90 ? 605 THR A CB  1 
ATOM   79   O  OG1 . THR A 1 12  ? 6.990   -13.624 -2.149  1.00 33.88 ? 605 THR A OG1 1 
ATOM   80   C  CG2 . THR A 1 12  ? 6.016   -15.138 -3.807  1.00 32.17 ? 605 THR A CG2 1 
ATOM   81   N  N   . ASP A 1 13  ? 2.742   -14.828 -2.416  1.00 26.82 ? 606 ASP A N   1 
ATOM   82   C  CA  . ASP A 1 13  ? 1.576   -15.554 -2.863  1.00 26.86 ? 606 ASP A CA  1 
ATOM   83   C  C   . ASP A 1 13  ? 0.374   -14.660 -3.196  1.00 27.51 ? 606 ASP A C   1 
ATOM   84   O  O   . ASP A 1 13  ? -0.316  -14.900 -4.178  1.00 28.39 ? 606 ASP A O   1 
ATOM   85   C  CB  . ASP A 1 13  ? 1.162   -16.586 -1.821  1.00 25.89 ? 606 ASP A CB  1 
ATOM   86   C  CG  . ASP A 1 13  ? 2.031   -17.806 -1.849  1.00 27.70 ? 606 ASP A CG  1 
ATOM   87   O  OD1 . ASP A 1 13  ? 2.934   -17.947 -2.725  1.00 27.09 ? 606 ASP A OD1 1 
ATOM   88   O  OD2 . ASP A 1 13  ? 1.837   -18.678 -0.954  1.00 28.54 ? 606 ASP A OD2 1 
ATOM   89   N  N   . PHE A 1 14  ? 0.109   -13.686 -2.339  1.00 27.45 ? 607 PHE A N   1 
ATOM   90   C  CA  . PHE A 1 14  ? -0.927  -12.702 -2.630  1.00 28.16 ? 607 PHE A CA  1 
ATOM   91   C  C   . PHE A 1 14  ? -0.614  -11.940 -3.942  1.00 28.21 ? 607 PHE A C   1 
ATOM   92   O  O   . PHE A 1 14  ? -1.457  -11.868 -4.875  1.00 28.31 ? 607 PHE A O   1 
ATOM   93   C  CB  . PHE A 1 14  ? -1.030  -11.738 -1.454  1.00 27.51 ? 607 PHE A CB  1 
ATOM   94   C  CG  . PHE A 1 14  ? -1.962  -10.578 -1.724  1.00 28.17 ? 607 PHE A CG  1 
ATOM   95   C  CD1 . PHE A 1 14  ? -3.318  -10.693 -1.430  1.00 29.96 ? 607 PHE A CD1 1 
ATOM   96   C  CD2 . PHE A 1 14  ? -1.464  -9.368  -2.176  1.00 29.46 ? 607 PHE A CD2 1 
ATOM   97   C  CE1 . PHE A 1 14  ? -4.219  -9.613  -1.668  1.00 30.68 ? 607 PHE A CE1 1 
ATOM   98   C  CE2 . PHE A 1 14  ? -2.322  -8.288  -2.419  1.00 27.95 ? 607 PHE A CE2 1 
ATOM   99   C  CZ  . PHE A 1 14  ? -3.690  -8.386  -2.144  1.00 28.47 ? 607 PHE A CZ  1 
ATOM   100  N  N   . THR A 1 15  ? 0.615   -11.417 -4.053  1.00 28.84 ? 608 THR A N   1 
ATOM   101  C  CA  . THR A 1 15  ? 0.914   -10.613 -5.222  1.00 29.34 ? 608 THR A CA  1 
ATOM   102  C  C   . THR A 1 15  ? 0.932   -11.394 -6.533  1.00 29.68 ? 608 THR A C   1 
ATOM   103  O  O   . THR A 1 15  ? 0.523   -10.867 -7.569  1.00 29.38 ? 608 THR A O   1 
ATOM   104  C  CB  . THR A 1 15  ? 2.218   -9.819  -5.051  1.00 29.94 ? 608 THR A CB  1 
ATOM   105  O  OG1 . THR A 1 15  ? 3.329   -10.726 -4.916  1.00 32.54 ? 608 THR A OG1 1 
ATOM   106  C  CG2 . THR A 1 15  ? 2.135   -8.906  -3.839  1.00 29.85 ? 608 THR A CG2 1 
ATOM   107  N  N   . LYS A 1 16  ? 1.396   -12.648 -6.502  1.00 28.55 ? 609 LYS A N   1 
ATOM   108  C  CA  . LYS A 1 16  ? 1.496   -13.414 -7.746  1.00 30.01 ? 609 LYS A CA  1 
ATOM   109  C  C   . LYS A 1 16  ? 0.112   -13.524 -8.418  1.00 29.93 ? 609 LYS A C   1 
ATOM   110  O  O   . LYS A 1 16  ? 0.011   -13.576 -9.631  1.00 29.63 ? 609 LYS A O   1 
ATOM   111  C  CB  . LYS A 1 16  ? 2.113   -14.800 -7.505  1.00 30.44 ? 609 LYS A CB  1 
ATOM   112  C  CG  . LYS A 1 16  ? 1.181   -15.781 -6.829  1.00 35.20 ? 609 LYS A CG  1 
ATOM   113  C  CD  . LYS A 1 16  ? 1.890   -17.011 -6.349  1.00 39.23 ? 609 LYS A CD  1 
ATOM   114  C  CE  . LYS A 1 16  ? 0.890   -17.882 -5.600  1.00 39.43 ? 609 LYS A CE  1 
ATOM   115  N  NZ  . LYS A 1 16  ? 1.705   -19.150 -5.226  1.00 40.41 ? 609 LYS A NZ  1 
ATOM   116  N  N   . GLU A 1 17  ? -0.953  -13.545 -7.616  1.00 28.62 ? 610 GLU A N   1 
ATOM   117  C  CA  . GLU A 1 17  ? -2.291  -13.815 -8.148  1.00 29.00 ? 610 GLU A CA  1 
ATOM   118  C  C   . GLU A 1 17  ? -2.908  -12.554 -8.735  1.00 28.85 ? 610 GLU A C   1 
ATOM   119  O  O   . GLU A 1 17  ? -4.008  -12.608 -9.311  1.00 29.26 ? 610 GLU A O   1 
ATOM   120  C  CB  . GLU A 1 17  ? -3.176  -14.395 -7.050  1.00 29.41 ? 610 GLU A CB  1 
ATOM   121  C  CG  . GLU A 1 17  ? -2.634  -15.750 -6.553  1.00 28.74 ? 610 GLU A CG  1 
ATOM   122  C  CD  . GLU A 1 17  ? -3.709  -16.699 -6.041  1.00 30.24 ? 610 GLU A CD  1 
ATOM   123  O  OE1 . GLU A 1 17  ? -4.843  -16.291 -5.788  1.00 29.26 ? 610 GLU A OE1 1 
ATOM   124  O  OE2 . GLU A 1 17  ? -3.360  -17.882 -5.791  1.00 29.26 ? 610 GLU A OE2 1 
ATOM   125  N  N   . ILE A 1 18  ? -2.209  -11.420 -8.580  1.00 27.91 ? 611 ILE A N   1 
ATOM   126  C  CA  . ILE A 1 18  ? -2.688  -10.160 -9.226  1.00 28.91 ? 611 ILE A CA  1 
ATOM   127  C  C   . ILE A 1 18  ? -2.494  -10.233 -10.750 1.00 29.56 ? 611 ILE A C   1 
ATOM   128  O  O   . ILE A 1 18  ? -3.258  -9.623  -11.530 1.00 30.26 ? 611 ILE A O   1 
ATOM   129  C  CB  . ILE A 1 18  ? -1.983  -8.933  -8.656  1.00 27.93 ? 611 ILE A CB  1 
ATOM   130  C  CG1 . ILE A 1 18  ? -2.288  -8.820  -7.167  1.00 29.55 ? 611 ILE A CG1 1 
ATOM   131  C  CG2 . ILE A 1 18  ? -2.464  -7.620  -9.373  1.00 29.06 ? 611 ILE A CG2 1 
ATOM   132  C  CD1 . ILE A 1 18  ? -1.512  -7.761  -6.389  1.00 29.60 ? 611 ILE A CD1 1 
ATOM   133  N  N   . LEU A 1 19  ? -1.452  -10.947 -11.162 1.00 31.41 ? 612 LEU A N   1 
ATOM   134  C  CA  . LEU A 1 19  ? -1.148  -11.108 -12.587 1.00 32.91 ? 612 LEU A CA  1 
ATOM   135  C  C   . LEU A 1 19  ? -1.985  -12.219 -13.202 1.00 35.65 ? 612 LEU A C   1 
ATOM   136  O  O   . LEU A 1 19  ? -2.273  -13.206 -12.551 1.00 35.98 ? 612 LEU A O   1 
ATOM   137  C  CB  . LEU A 1 19  ? 0.333   -11.448 -12.791 1.00 32.71 ? 612 LEU A CB  1 
ATOM   138  C  CG  . LEU A 1 19  ? 1.271   -10.360 -12.257 1.00 31.21 ? 612 LEU A CG  1 
ATOM   139  C  CD1 . LEU A 1 19  ? 2.738   -10.738 -12.479 1.00 34.69 ? 612 LEU A CD1 1 
ATOM   140  C  CD2 . LEU A 1 19  ? 0.987   -8.996  -12.916 1.00 34.71 ? 612 LEU A CD2 1 
ATOM   141  N  N   . VAL A 1 20  ? -2.380  -12.041 -14.450 1.00 37.78 ? 613 VAL A N   1 
ATOM   142  C  CA  . VAL A 1 20  ? -2.978  -13.132 -15.228 1.00 42.64 ? 613 VAL A CA  1 
ATOM   143  C  C   . VAL A 1 20  ? -1.899  -13.514 -16.265 1.00 45.75 ? 613 VAL A C   1 
ATOM   144  O  O   . VAL A 1 20  ? -1.667  -12.793 -17.227 1.00 47.61 ? 613 VAL A O   1 
ATOM   145  C  CB  . VAL A 1 20  ? -4.350  -12.709 -15.828 1.00 42.32 ? 613 VAL A CB  1 
ATOM   146  C  CG1 . VAL A 1 20  ? -5.285  -12.316 -14.712 1.00 42.84 ? 613 VAL A CG1 1 
ATOM   147  C  CG2 . VAL A 1 20  ? -4.221  -11.531 -16.755 1.00 44.10 ? 613 VAL A CG2 1 
ATOM   148  N  N   . ASN A 1 21  ? -1.199  -14.612 -16.018 1.00 49.44 ? 614 ASN A N   1 
ATOM   149  C  CA  . ASN A 1 21  ? 0.098   -14.852 -16.677 1.00 51.70 ? 614 ASN A CA  1 
ATOM   150  C  C   . ASN A 1 21  ? 0.005   -15.677 -17.956 1.00 52.61 ? 614 ASN A C   1 
ATOM   151  O  O   . ASN A 1 21  ? 0.443   -15.237 -19.028 1.00 54.40 ? 614 ASN A O   1 
ATOM   152  C  CB  . ASN A 1 21  ? 1.090   -15.506 -15.698 1.00 52.55 ? 614 ASN A CB  1 
ATOM   153  C  CG  . ASN A 1 21  ? 1.664   -14.515 -14.672 1.00 54.02 ? 614 ASN A CG  1 
ATOM   154  O  OD1 . ASN A 1 21  ? 1.557   -14.730 -13.462 1.00 54.60 ? 614 ASN A OD1 1 
ATOM   155  N  ND2 . ASN A 1 21  ? 2.307   -13.447 -15.157 1.00 55.63 ? 614 ASN A ND2 1 
ATOM   156  N  N   . ARG A 1 30  ? 10.920  -16.916 4.273   1.00 38.27 ? 623 ARG A N   1 
ATOM   157  C  CA  . ARG A 1 30  ? 10.421  -15.722 4.911   1.00 36.19 ? 623 ARG A CA  1 
ATOM   158  C  C   . ARG A 1 30  ? 8.926   -15.886 5.170   1.00 35.23 ? 623 ARG A C   1 
ATOM   159  O  O   . ARG A 1 30  ? 8.157   -15.982 4.238   1.00 33.66 ? 623 ARG A O   1 
ATOM   160  C  CB  . ARG A 1 30  ? 10.677  -14.506 4.013   1.00 37.73 ? 623 ARG A CB  1 
ATOM   161  N  N   . GLN A 1 31  ? 8.535   -15.929 6.438   1.00 34.39 ? 624 GLN A N   1 
ATOM   162  C  CA  . GLN A 1 31  ? 7.117   -15.961 6.830   1.00 34.32 ? 624 GLN A CA  1 
ATOM   163  C  C   . GLN A 1 31  ? 6.722   -14.665 7.508   1.00 34.46 ? 624 GLN A C   1 
ATOM   164  O  O   . GLN A 1 31  ? 7.489   -14.125 8.299   1.00 34.89 ? 624 GLN A O   1 
ATOM   165  C  CB  . GLN A 1 31  ? 6.849   -17.098 7.816   1.00 34.19 ? 624 GLN A CB  1 
ATOM   166  C  CG  . GLN A 1 31  ? 7.124   -18.498 7.265   1.00 34.34 ? 624 GLN A CG  1 
ATOM   167  C  CD  . GLN A 1 31  ? 6.156   -18.854 6.137   1.00 32.72 ? 624 GLN A CD  1 
ATOM   168  O  OE1 . GLN A 1 31  ? 4.936   -18.798 6.319   1.00 34.47 ? 624 GLN A OE1 1 
ATOM   169  N  NE2 . GLN A 1 31  ? 6.698   -19.203 4.965   1.00 30.84 ? 624 GLN A NE2 1 
ATOM   170  N  N   . GLY A 1 32  ? 5.511   -14.197 7.227   1.00 33.71 ? 625 GLY A N   1 
ATOM   171  C  CA  . GLY A 1 32  ? 4.976   -13.005 7.850   1.00 33.83 ? 625 GLY A CA  1 
ATOM   172  C  C   . GLY A 1 32  ? 3.456   -12.999 7.869   1.00 34.41 ? 625 GLY A C   1 
ATOM   173  O  O   . GLY A 1 32  ? 2.814   -14.024 7.571   1.00 34.60 ? 625 GLY A O   1 
ATOM   174  N  N   . ASP A 1 33  ? 2.888   -11.848 8.224   1.00 33.50 ? 626 ASP A N   1 
ATOM   175  C  CA  . ASP A 1 33  ? 1.434   -11.681 8.331   1.00 34.03 ? 626 ASP A CA  1 
ATOM   176  C  C   . ASP A 1 33  ? 0.807   -11.764 6.943   1.00 33.04 ? 626 ASP A C   1 
ATOM   177  O  O   . ASP A 1 33  ? 1.387   -11.285 5.952   1.00 32.12 ? 626 ASP A O   1 
ATOM   178  C  CB  . ASP A 1 33  ? 1.089   -10.280 8.867   1.00 35.14 ? 626 ASP A CB  1 
ATOM   179  C  CG  . ASP A 1 33  ? 1.415   -10.094 10.325  1.00 40.01 ? 626 ASP A CG  1 
ATOM   180  O  OD1 . ASP A 1 33  ? 1.549   -11.088 11.071  1.00 41.81 ? 626 ASP A OD1 1 
ATOM   181  O  OD2 . ASP A 1 33  ? 1.506   -8.915  10.721  1.00 45.63 ? 626 ASP A OD2 1 
ATOM   182  N  N   . LEU A 1 34  ? -0.410  -12.298 6.873   1.00 32.93 ? 627 LEU A N   1 
ATOM   183  C  CA  . LEU A 1 34  ? -1.174  -12.156 5.622   1.00 31.92 ? 627 LEU A CA  1 
ATOM   184  C  C   . LEU A 1 34  ? -1.375  -10.669 5.319   1.00 31.89 ? 627 LEU A C   1 
ATOM   185  O  O   . LEU A 1 34  ? -1.629  -9.886  6.246   1.00 30.87 ? 627 LEU A O   1 
ATOM   186  C  CB  . LEU A 1 34  ? -2.558  -12.790 5.735   1.00 33.15 ? 627 LEU A CB  1 
ATOM   187  C  CG  . LEU A 1 34  ? -2.600  -14.312 5.827   1.00 35.07 ? 627 LEU A CG  1 
ATOM   188  C  CD1 . LEU A 1 34  ? -4.042  -14.771 6.102   1.00 36.02 ? 627 LEU A CD1 1 
ATOM   189  C  CD2 . LEU A 1 34  ? -2.028  -14.962 4.587   1.00 38.24 ? 627 LEU A CD2 1 
ATOM   190  N  N   . PRO A 1 35  ? -1.254  -10.273 4.027   1.00 31.28 ? 628 PRO A N   1 
ATOM   191  C  CA  . PRO A 1 35  ? -1.640  -8.874  3.679   1.00 29.76 ? 628 PRO A CA  1 
ATOM   192  C  C   . PRO A 1 35  ? -3.026  -8.559  4.189   1.00 30.65 ? 628 PRO A C   1 
ATOM   193  O  O   . PRO A 1 35  ? -3.902  -9.433  4.224   1.00 29.39 ? 628 PRO A O   1 
ATOM   194  C  CB  . PRO A 1 35  ? -1.615  -8.861  2.151   1.00 30.31 ? 628 PRO A CB  1 
ATOM   195  C  CG  . PRO A 1 35  ? -0.553  -9.942  1.812   1.00 30.47 ? 628 PRO A CG  1 
ATOM   196  C  CD  . PRO A 1 35  ? -0.779  -11.032 2.856   1.00 30.61 ? 628 PRO A CD  1 
ATOM   197  N  N   . ASN A 1 36  ? -3.195  -7.341  4.680   1.00 29.90 ? 629 ASN A N   1 
ATOM   198  C  CA  . ASN A 1 36  ? -4.520  -6.919  5.170   1.00 29.42 ? 629 ASN A CA  1 
ATOM   199  C  C   . ASN A 1 36  ? -5.126  -5.899  4.248   1.00 30.11 ? 629 ASN A C   1 
ATOM   200  O  O   . ASN A 1 36  ? -4.502  -4.890  3.936   1.00 30.01 ? 629 ASN A O   1 
ATOM   201  C  CB  . ASN A 1 36  ? -4.523  -6.474  6.650   1.00 30.51 ? 629 ASN A CB  1 
ATOM   202  C  CG  . ASN A 1 36  ? -3.745  -5.200  6.916   1.00 31.39 ? 629 ASN A CG  1 
ATOM   203  O  OD1 . ASN A 1 36  ? -4.283  -4.259  7.541   1.00 37.37 ? 629 ASN A OD1 1 
ATOM   204  N  ND2 . ASN A 1 36  ? -2.494  -5.160  6.504   1.00 27.08 ? 629 ASN A ND2 1 
ATOM   205  N  N   . VAL A 1 37  ? -6.350  -6.192  3.814   1.00 29.75 ? 630 VAL A N   1 
ATOM   206  C  CA  . VAL A 1 37  ? -7.092  -5.298  2.927   1.00 29.27 ? 630 VAL A CA  1 
ATOM   207  C  C   . VAL A 1 37  ? -8.216  -4.661  3.750   1.00 29.72 ? 630 VAL A C   1 
ATOM   208  O  O   . VAL A 1 37  ? -8.935  -5.353  4.499   1.00 29.41 ? 630 VAL A O   1 
ATOM   209  C  CB  . VAL A 1 37  ? -7.690  -6.112  1.747   1.00 29.79 ? 630 VAL A CB  1 
ATOM   210  C  CG1 . VAL A 1 37  ? -8.579  -5.225  0.856   1.00 31.11 ? 630 VAL A CG1 1 
ATOM   211  C  CG2 . VAL A 1 37  ? -6.536  -6.737  0.932   1.00 30.87 ? 630 VAL A CG2 1 
ATOM   212  N  N   . VAL A 1 38  ? -8.363  -3.344  3.601   1.00 28.48 ? 631 VAL A N   1 
ATOM   213  C  CA  . VAL A 1 38  ? -9.441  -2.652  4.332   1.00 30.26 ? 631 VAL A CA  1 
ATOM   214  C  C   . VAL A 1 38  ? -10.166 -1.802  3.342   1.00 29.13 ? 631 VAL A C   1 
ATOM   215  O  O   . VAL A 1 38  ? -9.561  -0.967  2.678   1.00 29.96 ? 631 VAL A O   1 
ATOM   216  C  CB  . VAL A 1 38  ? -8.915  -1.796  5.491   1.00 30.19 ? 631 VAL A CB  1 
ATOM   217  C  CG1 . VAL A 1 38  ? -10.084 -1.234  6.289   1.00 33.01 ? 631 VAL A CG1 1 
ATOM   218  C  CG2 . VAL A 1 38  ? -8.028  -2.628  6.399   1.00 32.53 ? 631 VAL A CG2 1 
ATOM   219  N  N   . VAL A 1 39  ? -11.480 -2.030  3.253   1.00 29.22 ? 632 VAL A N   1 
ATOM   220  C  CA  . VAL A 1 39  ? -12.329 -1.251  2.343   1.00 28.47 ? 632 VAL A CA  1 
ATOM   221  C  C   . VAL A 1 39  ? -13.112 -0.263  3.181   1.00 29.64 ? 632 VAL A C   1 
ATOM   222  O  O   . VAL A 1 39  ? -13.750 -0.658  4.166   1.00 31.22 ? 632 VAL A O   1 
ATOM   223  C  CB  . VAL A 1 39  ? -13.268 -2.145  1.527   1.00 29.04 ? 632 VAL A CB  1 
ATOM   224  C  CG1 . VAL A 1 39  ? -14.244 -1.292  0.672   1.00 29.29 ? 632 VAL A CG1 1 
ATOM   225  C  CG2 . VAL A 1 39  ? -12.431 -3.097  0.634   1.00 28.84 ? 632 VAL A CG2 1 
ATOM   226  N  N   . THR A 1 40  ? -13.031 1.015   2.814   1.00 28.59 ? 633 THR A N   1 
ATOM   227  C  CA  . THR A 1 40  ? -13.588 2.098   3.625   1.00 28.56 ? 633 THR A CA  1 
ATOM   228  C  C   . THR A 1 40  ? -14.605 2.880   2.800   1.00 28.15 ? 633 THR A C   1 
ATOM   229  O  O   . THR A 1 40  ? -14.536 2.875   1.578   1.00 28.16 ? 633 THR A O   1 
ATOM   230  C  CB  . THR A 1 40  ? -12.476 3.050   4.084   1.00 28.70 ? 633 THR A CB  1 
ATOM   231  O  OG1 . THR A 1 40  ? -11.901 3.728   2.956   1.00 28.47 ? 633 THR A OG1 1 
ATOM   232  C  CG2 . THR A 1 40  ? -11.357 2.271   4.848   1.00 29.08 ? 633 THR A CG2 1 
ATOM   233  N  N   . PRO A 1 41  ? -15.585 3.522   3.459   1.00 27.77 ? 634 PRO A N   1 
ATOM   234  C  CA  . PRO A 1 41  ? -16.670 4.160   2.706   1.00 27.58 ? 634 PRO A CA  1 
ATOM   235  C  C   . PRO A 1 41  ? -16.376 5.478   2.050   1.00 27.91 ? 634 PRO A C   1 
ATOM   236  O  O   . PRO A 1 41  ? -17.149 5.901   1.187   1.00 28.18 ? 634 PRO A O   1 
ATOM   237  C  CB  . PRO A 1 41  ? -17.767 4.372   3.778   1.00 27.02 ? 634 PRO A CB  1 
ATOM   238  C  CG  . PRO A 1 41  ? -16.933 4.529   5.091   1.00 27.63 ? 634 PRO A CG  1 
ATOM   239  C  CD  . PRO A 1 41  ? -15.839 3.514   4.912   1.00 27.09 ? 634 PRO A CD  1 
ATOM   240  N  N   . ASN A 1 42  ? -15.328 6.182   2.487   1.00 27.94 ? 635 ASN A N   1 
ATOM   241  C  CA  . ASN A 1 42  ? -15.042 7.502   1.941   1.00 27.19 ? 635 ASN A CA  1 
ATOM   242  C  C   . ASN A 1 42  ? -13.597 7.854   2.218   1.00 27.47 ? 635 ASN A C   1 
ATOM   243  O  O   . ASN A 1 42  ? -12.907 7.128   2.980   1.00 27.15 ? 635 ASN A O   1 
ATOM   244  C  CB  . ASN A 1 42  ? -15.994 8.589   2.480   1.00 27.28 ? 635 ASN A CB  1 
ATOM   245  C  CG  . ASN A 1 42  ? -16.121 8.520   3.988   1.00 27.56 ? 635 ASN A CG  1 
ATOM   246  O  OD1 . ASN A 1 42  ? -15.104 8.581   4.691   1.00 27.47 ? 635 ASN A OD1 1 
ATOM   247  N  ND2 . ASN A 1 42  ? -17.340 8.346   4.490   1.00 31.36 ? 635 ASN A ND2 1 
ATOM   248  N  N   . PHE A 1 43  ? -13.173 8.979   1.626   1.00 27.24 ? 636 PHE A N   1 
ATOM   249  C  CA  . PHE A 1 43  ? -11.759 9.379   1.675   1.00 27.35 ? 636 PHE A CA  1 
ATOM   250  C  C   . PHE A 1 43  ? -11.258 9.535   3.125   1.00 27.11 ? 636 PHE A C   1 
ATOM   251  O  O   . PHE A 1 43  ? -10.212 8.969   3.461   1.00 26.47 ? 636 PHE A O   1 
ATOM   252  C  CB  . PHE A 1 43  ? -11.595 10.666  0.908   1.00 27.79 ? 636 PHE A CB  1 
ATOM   253  C  CG  . PHE A 1 43  ? -10.212 11.237  0.958   1.00 28.03 ? 636 PHE A CG  1 
ATOM   254  C  CD1 . PHE A 1 43  ? -9.266  10.845  0.042   1.00 30.77 ? 636 PHE A CD1 1 
ATOM   255  C  CD2 . PHE A 1 43  ? -9.888  12.191  1.936   1.00 29.40 ? 636 PHE A CD2 1 
ATOM   256  C  CE1 . PHE A 1 43  ? -7.972  11.401  0.082   1.00 29.55 ? 636 PHE A CE1 1 
ATOM   257  C  CE2 . PHE A 1 43  ? -8.616  12.759  1.990   1.00 32.39 ? 636 PHE A CE2 1 
ATOM   258  C  CZ  . PHE A 1 43  ? -7.650  12.341  1.089   1.00 30.77 ? 636 PHE A CZ  1 
ATOM   259  N  N   . GLU A 1 44  ? -12.034 10.231  3.954   1.00 27.44 ? 637 GLU A N   1 
ATOM   260  C  CA  . GLU A 1 44  ? -11.652 10.479  5.354   1.00 27.51 ? 637 GLU A CA  1 
ATOM   261  C  C   . GLU A 1 44  ? -11.574 9.170   6.143   1.00 27.15 ? 637 GLU A C   1 
ATOM   262  O  O   . GLU A 1 44  ? -10.658 8.982   6.959   1.00 27.38 ? 637 GLU A O   1 
ATOM   263  C  CB  . GLU A 1 44  ? -12.584 11.502  6.012   1.00 29.65 ? 637 GLU A CB  1 
ATOM   264  C  CG  . GLU A 1 44  ? -12.464 12.907  5.392   1.00 31.96 ? 637 GLU A CG  1 
ATOM   265  C  CD  . GLU A 1 44  ? -11.081 13.581  5.545   1.00 39.55 ? 637 GLU A CD  1 
ATOM   266  O  OE1 . GLU A 1 44  ? -10.339 13.321  6.525   1.00 40.81 ? 637 GLU A OE1 1 
ATOM   267  O  OE2 . GLU A 1 44  ? -10.733 14.406  4.662   1.00 41.40 ? 637 GLU A OE2 1 
ATOM   268  N  N   . ALA A 1 45  ? -12.491 8.223   5.871   1.00 26.38 ? 638 ALA A N   1 
ATOM   269  C  CA  . ALA A 1 45  ? -12.369 6.916   6.515   1.00 26.12 ? 638 ALA A CA  1 
ATOM   270  C  C   . ALA A 1 45  ? -11.128 6.136   6.044   1.00 26.37 ? 638 ALA A C   1 
ATOM   271  O  O   . ALA A 1 45  ? -10.490 5.369   6.807   1.00 26.62 ? 638 ALA A O   1 
ATOM   272  C  CB  . ALA A 1 45  ? -13.612 6.108   6.291   1.00 25.52 ? 638 ALA A CB  1 
ATOM   273  N  N   . GLY A 1 46  ? -10.798 6.293   4.759   1.00 26.42 ? 639 GLY A N   1 
ATOM   274  C  CA  . GLY A 1 46  ? -9.546  5.695   4.256   1.00 27.98 ? 639 GLY A CA  1 
ATOM   275  C  C   . GLY A 1 46  ? -8.345  6.251   4.982   1.00 27.21 ? 639 GLY A C   1 
ATOM   276  O  O   . GLY A 1 46  ? -7.459  5.501   5.384   1.00 26.51 ? 639 GLY A O   1 
ATOM   277  N  N   . VAL A 1 47  ? -8.320  7.578   5.160   1.00 26.62 ? 640 VAL A N   1 
ATOM   278  C  CA  . VAL A 1 47  ? -7.205  8.222   5.856   1.00 26.36 ? 640 VAL A CA  1 
ATOM   279  C  C   . VAL A 1 47  ? -7.158  7.720   7.324   1.00 26.49 ? 640 VAL A C   1 
ATOM   280  O  O   . VAL A 1 47  ? -6.077  7.452   7.844   1.00 27.42 ? 640 VAL A O   1 
ATOM   281  C  CB  . VAL A 1 47  ? -7.358  9.739   5.779   1.00 27.05 ? 640 VAL A CB  1 
ATOM   282  C  CG1 . VAL A 1 47  ? -6.309  10.426  6.640   1.00 27.03 ? 640 VAL A CG1 1 
ATOM   283  C  CG2 . VAL A 1 47  ? -7.230  10.211  4.299   1.00 27.75 ? 640 VAL A CG2 1 
ATOM   284  N  N   . ASP A 1 48  ? -8.321  7.567   7.977   1.00 25.79 ? 641 ASP A N   1 
ATOM   285  C  CA  . ASP A 1 48  ? -8.350  6.978   9.329   1.00 25.78 ? 641 ASP A CA  1 
ATOM   286  C  C   . ASP A 1 48  ? -7.576  5.638   9.331   1.00 26.24 ? 641 ASP A C   1 
ATOM   287  O  O   . ASP A 1 48  ? -6.798  5.325   10.257  1.00 27.65 ? 641 ASP A O   1 
ATOM   288  C  CB  . ASP A 1 48  ? -9.783  6.636   9.743   1.00 24.53 ? 641 ASP A CB  1 
ATOM   289  C  CG  . ASP A 1 48  ? -10.642 7.868   10.096  1.00 24.70 ? 641 ASP A CG  1 
ATOM   290  O  OD1 . ASP A 1 48  ? -10.127 9.016   10.132  1.00 26.68 ? 641 ASP A OD1 1 
ATOM   291  O  OD2 . ASP A 1 48  ? -11.831 7.662   10.479  1.00 26.76 ? 641 ASP A OD2 1 
ATOM   292  N  N   . GLN A 1 49  ? -7.840  4.814   8.314   1.00 26.49 ? 642 GLN A N   1 
ATOM   293  C  CA  A GLN A 1 49  ? -7.194  3.501   8.311   0.50 27.37 ? 642 GLN A CA  1 
ATOM   294  C  CA  B GLN A 1 49  ? -7.204  3.507   8.284   0.50 27.18 ? 642 GLN A CA  1 
ATOM   295  C  C   . GLN A 1 49  ? -5.701  3.606   8.094   1.00 27.51 ? 642 GLN A C   1 
ATOM   296  O  O   . GLN A 1 49  ? -4.930  2.810   8.666   1.00 28.34 ? 642 GLN A O   1 
ATOM   297  C  CB  A GLN A 1 49  ? -7.831  2.530   7.306   0.50 26.94 ? 642 GLN A CB  1 
ATOM   298  C  CB  B GLN A 1 49  ? -7.897  2.629   7.234   0.50 26.63 ? 642 GLN A CB  1 
ATOM   299  C  CG  A GLN A 1 49  ? -7.160  1.154   7.296   0.50 28.63 ? 642 GLN A CG  1 
ATOM   300  C  CG  B GLN A 1 49  ? -9.355  2.367   7.648   0.50 27.12 ? 642 GLN A CG  1 
ATOM   301  C  CD  A GLN A 1 49  ? -7.119  0.430   8.647   0.50 26.90 ? 642 GLN A CD  1 
ATOM   302  C  CD  B GLN A 1 49  ? -9.468  1.451   8.862   0.50 29.54 ? 642 GLN A CD  1 
ATOM   303  O  OE1 A GLN A 1 49  ? -8.011  0.571   9.495   0.50 31.26 ? 642 GLN A OE1 1 
ATOM   304  O  OE1 B GLN A 1 49  ? -8.604  0.607   9.094   0.50 31.29 ? 642 GLN A OE1 1 
ATOM   305  N  NE2 A GLN A 1 49  ? -6.070  -0.373  8.840   0.50 28.35 ? 642 GLN A NE2 1 
ATOM   306  N  NE2 B GLN A 1 49  ? -10.561 1.586   9.614   0.50 26.83 ? 642 GLN A NE2 1 
ATOM   307  N  N   . VAL A 1 50  ? -5.271  4.554   7.267   1.00 26.98 ? 643 VAL A N   1 
ATOM   308  C  CA  . VAL A 1 50  ? -3.830  4.788   7.079   1.00 26.02 ? 643 VAL A CA  1 
ATOM   309  C  C   . VAL A 1 50  ? -3.176  5.200   8.420   1.00 26.05 ? 643 VAL A C   1 
ATOM   310  O  O   . VAL A 1 50  ? -2.108  4.701   8.797   1.00 26.38 ? 643 VAL A O   1 
ATOM   311  C  CB  . VAL A 1 50  ? -3.564  5.847   6.014   1.00 26.97 ? 643 VAL A CB  1 
ATOM   312  C  CG1 . VAL A 1 50  ? -2.106  6.153   5.936   1.00 26.87 ? 643 VAL A CG1 1 
ATOM   313  C  CG2 . VAL A 1 50  ? -4.081  5.344   4.637   1.00 28.51 ? 643 VAL A CG2 1 
ATOM   314  N  N   . VAL A 1 51  ? -3.814  6.122   9.127   1.00 25.74 ? 644 VAL A N   1 
ATOM   315  C  CA  . VAL A 1 51  ? -3.287  6.576   10.432  1.00 27.33 ? 644 VAL A CA  1 
ATOM   316  C  C   . VAL A 1 51  ? -3.144  5.385   11.397  1.00 27.45 ? 644 VAL A C   1 
ATOM   317  O  O   . VAL A 1 51  ? -2.103  5.182   12.062  1.00 27.57 ? 644 VAL A O   1 
ATOM   318  C  CB  . VAL A 1 51  ? -4.210  7.663   11.015  1.00 27.07 ? 644 VAL A CB  1 
ATOM   319  C  CG1 . VAL A 1 51  ? -3.901  7.939   12.486  1.00 28.60 ? 644 VAL A CG1 1 
ATOM   320  C  CG2 . VAL A 1 51  ? -4.032  8.960   10.214  1.00 30.06 ? 644 VAL A CG2 1 
ATOM   321  N  N   . ASP A 1 52  ? -4.193  4.573   11.428  1.00 27.09 ? 645 ASP A N   1 
ATOM   322  C  CA  . ASP A 1 52  ? -4.268  3.422   12.298  1.00 28.13 ? 645 ASP A CA  1 
ATOM   323  C  C   . ASP A 1 52  ? -3.205  2.370   11.931  1.00 28.54 ? 645 ASP A C   1 
ATOM   324  O  O   . ASP A 1 52  ? -2.527  1.812   12.831  1.00 30.23 ? 645 ASP A O   1 
ATOM   325  C  CB  . ASP A 1 52  ? -5.642  2.802   12.240  1.00 28.96 ? 645 ASP A CB  1 
ATOM   326  C  CG  . ASP A 1 52  ? -6.699  3.667   12.867  1.00 29.27 ? 645 ASP A CG  1 
ATOM   327  O  OD1 . ASP A 1 52  ? -6.375  4.739   13.413  1.00 29.90 ? 645 ASP A OD1 1 
ATOM   328  O  OD2 . ASP A 1 52  ? -7.873  3.223   12.846  1.00 30.79 ? 645 ASP A OD2 1 
ATOM   329  N  N   . GLN A 1 53  ? -3.052  2.114   10.631  1.00 27.74 ? 646 GLN A N   1 
ATOM   330  C  CA  . GLN A 1 53  ? -2.028  1.173   10.176  1.00 28.46 ? 646 GLN A CA  1 
ATOM   331  C  C   . GLN A 1 53  ? -0.607  1.657   10.481  1.00 28.73 ? 646 GLN A C   1 
ATOM   332  O  O   . GLN A 1 53  ? 0.262   0.877   10.861  1.00 29.18 ? 646 GLN A O   1 
ATOM   333  C  CB  . GLN A 1 53  ? -2.187  0.885   8.684   1.00 28.55 ? 646 GLN A CB  1 
ATOM   334  C  CG  . GLN A 1 53  ? -1.296  -0.297  8.228   1.00 30.01 ? 646 GLN A CG  1 
ATOM   335  C  CD  . GLN A 1 53  ? -1.771  -1.610  8.795   1.00 30.81 ? 646 GLN A CD  1 
ATOM   336  O  OE1 . GLN A 1 53  ? -0.977  -2.401  9.336   1.00 35.57 ? 646 GLN A OE1 1 
ATOM   337  N  NE2 . GLN A 1 53  ? -3.058  -1.838  8.720   1.00 29.10 ? 646 GLN A NE2 1 
ATOM   338  N  N   . LEU A 1 54  ? -0.379  2.958   10.333  1.00 28.47 ? 647 LEU A N   1 
ATOM   339  C  CA  . LEU A 1 54  ? 0.939   3.515   10.630  1.00 29.64 ? 647 LEU A CA  1 
ATOM   340  C  C   . LEU A 1 54  ? 1.254   3.302   12.109  1.00 29.85 ? 647 LEU A C   1 
ATOM   341  O  O   . LEU A 1 54  ? 2.364   2.918   12.464  1.00 30.60 ? 647 LEU A O   1 
ATOM   342  C  CB  . LEU A 1 54  ? 0.960   4.989   10.275  1.00 29.22 ? 647 LEU A CB  1 
ATOM   343  C  CG  . LEU A 1 54  ? 1.024   5.297   8.762   1.00 29.23 ? 647 LEU A CG  1 
ATOM   344  C  CD1 . LEU A 1 54  ? 0.829   6.772   8.556   1.00 31.77 ? 647 LEU A CD1 1 
ATOM   345  C  CD2 . LEU A 1 54  ? 2.366   4.848   8.153   1.00 31.60 ? 647 LEU A CD2 1 
ATOM   346  N  N   . ALA A 1 55  ? 0.250   3.493   12.963  1.00 30.15 ? 648 ALA A N   1 
ATOM   347  C  CA  . ALA A 1 55  ? 0.433   3.280   14.406  1.00 31.94 ? 648 ALA A CA  1 
ATOM   348  C  C   . ALA A 1 55  ? 0.716   1.804   14.682  1.00 32.39 ? 648 ALA A C   1 
ATOM   349  O  O   . ALA A 1 55  ? 1.596   1.496   15.483  1.00 34.20 ? 648 ALA A O   1 
ATOM   350  C  CB  . ALA A 1 55  ? -0.777  3.763   15.181  1.00 32.39 ? 648 ALA A CB  1 
HETATM 351  N  N   . MSE A 1 56  ? -0.032  0.901   14.038  1.00 32.54 ? 649 MSE A N   1 
HETATM 352  C  CA  A MSE A 1 56  ? 0.197   -0.536  14.205  0.50 33.61 ? 649 MSE A CA  1 
HETATM 353  C  CA  B MSE A 1 56  ? 0.169   -0.543  14.161  0.50 35.69 ? 649 MSE A CA  1 
HETATM 354  C  C   . MSE A 1 56  ? 1.602   -0.909  13.754  1.00 33.55 ? 649 MSE A C   1 
HETATM 355  O  O   . MSE A 1 56  ? 2.335   -1.562  14.493  1.00 34.34 ? 649 MSE A O   1 
HETATM 356  C  CB  A MSE A 1 56  ? -0.809  -1.358  13.423  0.50 34.02 ? 649 MSE A CB  1 
HETATM 357  C  CB  B MSE A 1 56  ? -0.826  -1.240  13.244  0.50 35.27 ? 649 MSE A CB  1 
HETATM 358  C  CG  A MSE A 1 56  ? -0.541  -2.852  13.460  0.50 37.03 ? 649 MSE A CG  1 
HETATM 359  C  CG  B MSE A 1 56  ? -1.316  -2.592  13.694  0.50 38.84 ? 649 MSE A CG  1 
HETATM 360  SE SE  A MSE A 1 56  ? -0.780  -3.597  15.249  0.30 42.24 ? 649 MSE A SE  1 
HETATM 361  SE SE  B MSE A 1 56  ? -3.274  -2.719  13.745  0.30 44.35 ? 649 MSE A SE  1 
HETATM 362  C  CE  A MSE A 1 56  ? -2.585  -2.916  15.576  0.50 41.17 ? 649 MSE A CE  1 
HETATM 363  C  CE  B MSE A 1 56  ? -3.828  -1.523  12.308  0.50 40.59 ? 649 MSE A CE  1 
ATOM   364  N  N   . ASN A 1 57  ? 1.981   -0.496  12.546  1.00 33.02 ? 650 ASN A N   1 
ATOM   365  C  CA  . ASN A 1 57  ? 3.306   -0.798  12.007  1.00 33.09 ? 650 ASN A CA  1 
ATOM   366  C  C   . ASN A 1 57  ? 4.414   -0.245  12.901  1.00 33.98 ? 650 ASN A C   1 
ATOM   367  O  O   . ASN A 1 57  ? 5.372   -0.960  13.211  1.00 33.63 ? 650 ASN A O   1 
ATOM   368  C  CB  . ASN A 1 57  ? 3.441   -0.268  10.569  1.00 32.63 ? 650 ASN A CB  1 
ATOM   369  C  CG  . ASN A 1 57  ? 2.581   -1.023  9.592   1.00 33.26 ? 650 ASN A CG  1 
ATOM   370  O  OD1 . ASN A 1 57  ? 1.839   -1.957  9.971   1.00 30.93 ? 650 ASN A OD1 1 
ATOM   371  N  ND2 . ASN A 1 57  ? 2.647   -0.611  8.324   1.00 31.01 ? 650 ASN A ND2 1 
ATOM   372  N  N   . ASP A 1 58  ? 4.257   1.004   13.347  1.00 34.28 ? 651 ASP A N   1 
ATOM   373  C  CA  . ASP A 1 58  ? 5.211   1.627   14.288  1.00 35.30 ? 651 ASP A CA  1 
ATOM   374  C  C   . ASP A 1 58  ? 5.392   0.778   15.536  1.00 34.62 ? 651 ASP A C   1 
ATOM   375  O  O   . ASP A 1 58  ? 6.495   0.639   16.044  1.00 35.23 ? 651 ASP A O   1 
ATOM   376  C  CB  . ASP A 1 58  ? 4.683   2.988   14.728  1.00 35.27 ? 651 ASP A CB  1 
ATOM   377  C  CG  . ASP A 1 58  ? 4.847   4.060   13.682  1.00 37.33 ? 651 ASP A CG  1 
ATOM   378  O  OD1 . ASP A 1 58  ? 5.427   3.798   12.614  1.00 39.12 ? 651 ASP A OD1 1 
ATOM   379  O  OD2 . ASP A 1 58  ? 4.380   5.194   13.942  1.00 39.24 ? 651 ASP A OD2 1 
ATOM   380  N  N   . SER A 1 59  ? 4.295   0.226   16.034  1.00 35.56 ? 652 SER A N   1 
ATOM   381  C  CA  . SER A 1 59  ? 4.303   -0.548  17.276  1.00 36.38 ? 652 SER A CA  1 
ATOM   382  C  C   . SER A 1 59  ? 5.067   -1.874  17.132  1.00 37.32 ? 652 SER A C   1 
ATOM   383  O  O   . SER A 1 59  ? 5.557   -2.460  18.134  1.00 37.69 ? 652 SER A O   1 
ATOM   384  C  CB  . SER A 1 59  ? 2.871   -0.765  17.764  1.00 35.69 ? 652 SER A CB  1 
ATOM   385  O  OG  . SER A 1 59  ? 2.299   -1.923  17.198  1.00 38.55 ? 652 SER A OG  1 
ATOM   386  N  N   . GLU A 1 60  ? 5.193   -2.331  15.886  1.00 38.51 ? 653 GLU A N   1 
ATOM   387  C  CA  . GLU A 1 60  ? 5.906   -3.564  15.568  1.00 39.77 ? 653 GLU A CA  1 
ATOM   388  C  C   . GLU A 1 60  ? 7.302   -3.242  15.058  1.00 39.46 ? 653 GLU A C   1 
ATOM   389  O  O   . GLU A 1 60  ? 8.045   -4.137  14.644  1.00 39.61 ? 653 GLU A O   1 
ATOM   390  C  CB  . GLU A 1 60  ? 5.110   -4.393  14.568  1.00 40.93 ? 653 GLU A CB  1 
ATOM   391  C  CG  . GLU A 1 60  ? 3.711   -4.674  15.101  1.00 45.64 ? 653 GLU A CG  1 
ATOM   392  C  CD  . GLU A 1 60  ? 3.188   -6.023  14.681  1.00 51.91 ? 653 GLU A CD  1 
ATOM   393  O  OE1 . GLU A 1 60  ? 2.697   -6.771  15.566  1.00 55.04 ? 653 GLU A OE1 1 
ATOM   394  O  OE2 . GLU A 1 60  ? 3.277   -6.336  13.470  1.00 54.05 ? 653 GLU A OE2 1 
ATOM   395  N  N   . ARG A 1 61  ? 7.636   -1.953  15.100  1.00 38.55 ? 654 ARG A N   1 
ATOM   396  C  CA  . ARG A 1 61  ? 8.950   -1.432  14.727  1.00 39.08 ? 654 ARG A CA  1 
ATOM   397  C  C   . ARG A 1 61  ? 9.228   -1.592  13.242  1.00 38.15 ? 654 ARG A C   1 
ATOM   398  O  O   . ARG A 1 61  ? 10.380  -1.791  12.831  1.00 37.67 ? 654 ARG A O   1 
ATOM   399  C  CB  . ARG A 1 61  ? 10.071  -2.062  15.579  1.00 39.17 ? 654 ARG A CB  1 
ATOM   400  C  CG  . ARG A 1 61  ? 9.857   -1.960  17.087  1.00 41.21 ? 654 ARG A CG  1 
ATOM   401  C  CD  . ARG A 1 61  ? 10.992  -2.642  17.822  1.00 42.58 ? 654 ARG A CD  1 
ATOM   402  N  NE  . ARG A 1 61  ? 10.849  -4.100  17.768  1.00 50.43 ? 654 ARG A NE  1 
ATOM   403  C  CZ  . ARG A 1 61  ? 10.658  -4.884  18.829  1.00 53.04 ? 654 ARG A CZ  1 
ATOM   404  N  NH1 . ARG A 1 61  ? 10.610  -4.368  20.054  1.00 54.54 ? 654 ARG A NH1 1 
ATOM   405  N  NH2 . ARG A 1 61  ? 10.539  -6.197  18.666  1.00 55.26 ? 654 ARG A NH2 1 
ATOM   406  N  N   . ASP A 1 62  ? 8.167   -1.484  12.437  1.00 36.66 ? 655 ASP A N   1 
ATOM   407  C  CA  . ASP A 1 62  ? 8.289   -1.491  10.979  1.00 37.27 ? 655 ASP A CA  1 
ATOM   408  C  C   . ASP A 1 62  ? 8.658   -0.106  10.502  1.00 37.10 ? 655 ASP A C   1 
ATOM   409  O  O   . ASP A 1 62  ? 8.389   0.893   11.194  1.00 37.72 ? 655 ASP A O   1 
ATOM   410  C  CB  . ASP A 1 62  ? 6.955   -1.847  10.313  1.00 37.09 ? 655 ASP A CB  1 
ATOM   411  C  CG  . ASP A 1 62  ? 6.502   -3.250  10.625  1.00 40.27 ? 655 ASP A CG  1 
ATOM   412  O  OD1 . ASP A 1 62  ? 7.361   -4.101  10.992  1.00 41.38 ? 655 ASP A OD1 1 
ATOM   413  O  OD2 . ASP A 1 62  ? 5.273   -3.469  10.505  1.00 41.17 ? 655 ASP A OD2 1 
ATOM   414  N  N   . THR A 1 63  ? 9.261   -0.054  9.316   1.00 36.34 ? 656 THR A N   1 
ATOM   415  C  CA  . THR A 1 63  ? 9.407   1.191   8.582   1.00 36.30 ? 656 THR A CA  1 
ATOM   416  C  C   . THR A 1 63  ? 8.468   1.095   7.384   1.00 34.94 ? 656 THR A C   1 
ATOM   417  O  O   . THR A 1 63  ? 8.630   0.203   6.545   1.00 33.31 ? 656 THR A O   1 
ATOM   418  C  CB  . THR A 1 63  ? 10.815  1.354   8.062   1.00 37.09 ? 656 THR A CB  1 
ATOM   419  O  OG1 . THR A 1 63  ? 11.733  1.364   9.173   1.00 39.88 ? 656 THR A OG1 1 
ATOM   420  C  CG2 . THR A 1 63  ? 10.934  2.669   7.285   1.00 37.84 ? 656 THR A CG2 1 
ATOM   421  N  N   . THR A 1 64  ? 7.500   2.006   7.343   1.00 34.99 ? 657 THR A N   1 
ATOM   422  C  CA  . THR A 1 64  ? 6.441   1.997   6.345   1.00 34.95 ? 657 THR A CA  1 
ATOM   423  C  C   . THR A 1 64  ? 6.582   3.047   5.228   1.00 35.03 ? 657 THR A C   1 
ATOM   424  O  O   . THR A 1 64  ? 6.879   4.227   5.524   1.00 37.22 ? 657 THR A O   1 
ATOM   425  C  CB  . THR A 1 64  ? 5.070   2.174   7.046   1.00 35.38 ? 657 THR A CB  1 
ATOM   426  O  OG1 . THR A 1 64  ? 4.956   1.229   8.147   1.00 35.96 ? 657 THR A OG1 1 
ATOM   427  C  CG2 . THR A 1 64  ? 3.952   2.020   6.042   1.00 35.82 ? 657 THR A CG2 1 
ATOM   428  N  N   . ALA A 1 65  ? 6.353   2.636   3.972   1.00 31.08 ? 658 ALA A N   1 
ATOM   429  C  CA  . ALA A 1 65  ? 6.100   3.577   2.857   1.00 30.74 ? 658 ALA A CA  1 
ATOM   430  C  C   . ALA A 1 65  ? 4.668   3.471   2.399   1.00 30.11 ? 658 ALA A C   1 
ATOM   431  O  O   . ALA A 1 65  ? 4.131   2.368   2.328   1.00 29.59 ? 658 ALA A O   1 
ATOM   432  C  CB  . ALA A 1 65  ? 7.002   3.311   1.703   1.00 31.71 ? 658 ALA A CB  1 
ATOM   433  N  N   . ILE A 1 66  ? 4.037   4.603   2.115   1.00 28.15 ? 659 ILE A N   1 
ATOM   434  C  CA  . ILE A 1 66  ? 2.713   4.593   1.517   1.00 28.59 ? 659 ILE A CA  1 
ATOM   435  C  C   . ILE A 1 66  ? 2.883   4.868   0.030   1.00 29.00 ? 659 ILE A C   1 
ATOM   436  O  O   . ILE A 1 66  ? 3.536   5.862   -0.349  1.00 30.18 ? 659 ILE A O   1 
ATOM   437  C  CB  . ILE A 1 66  ? 1.862   5.716   2.069   1.00 29.08 ? 659 ILE A CB  1 
ATOM   438  C  CG1 . ILE A 1 66  ? 1.799   5.594   3.596   1.00 28.82 ? 659 ILE A CG1 1 
ATOM   439  C  CG2 . ILE A 1 66  ? 0.490   5.676   1.379   1.00 30.11 ? 659 ILE A CG2 1 
ATOM   440  C  CD1 . ILE A 1 66  ? 1.092   6.820   4.267   1.00 29.84 ? 659 ILE A CD1 1 
ATOM   441  N  N   . ILE A 1 67  ? 2.400   3.941   -0.798  1.00 26.98 ? 660 ILE A N   1 
ATOM   442  C  CA  . ILE A 1 67  ? 2.516   4.118   -2.272  1.00 28.66 ? 660 ILE A CA  1 
ATOM   443  C  C   . ILE A 1 67  ? 1.165   4.470   -2.871  1.00 29.81 ? 660 ILE A C   1 
ATOM   444  O  O   . ILE A 1 67  ? 0.196   3.690   -2.728  1.00 29.66 ? 660 ILE A O   1 
ATOM   445  C  CB  . ILE A 1 67  ? 3.079   2.850   -2.967  1.00 28.87 ? 660 ILE A CB  1 
ATOM   446  C  CG1 . ILE A 1 67  ? 4.382   2.450   -2.270  1.00 29.34 ? 660 ILE A CG1 1 
ATOM   447  C  CG2 . ILE A 1 67  ? 3.276   3.128   -4.462  1.00 28.41 ? 660 ILE A CG2 1 
ATOM   448  C  CD1 . ILE A 1 67  ? 5.098   1.179   -2.825  1.00 30.51 ? 660 ILE A CD1 1 
ATOM   449  N  N   . GLY A 1 68  ? 1.086   5.644   -3.480  1.00 30.76 ? 661 GLY A N   1 
ATOM   450  C  CA  . GLY A 1 68  ? -0.150  6.106   -4.190  1.00 30.11 ? 661 GLY A CA  1 
ATOM   451  C  C   . GLY A 1 68  ? 0.100   5.956   -5.701  1.00 29.17 ? 661 GLY A C   1 
ATOM   452  O  O   . GLY A 1 68  ? 1.229   5.894   -6.146  1.00 29.97 ? 661 GLY A O   1 
ATOM   453  N  N   . LYS A 1 69  ? -0.952  5.906   -6.484  1.00 28.07 ? 662 LYS A N   1 
ATOM   454  C  CA  . LYS A 1 69  ? -0.794  5.626   -7.910  1.00 28.47 ? 662 LYS A CA  1 
ATOM   455  C  C   . LYS A 1 69  ? -0.138  6.785   -8.621  1.00 28.85 ? 662 LYS A C   1 
ATOM   456  O  O   . LYS A 1 69  ? 0.751   6.565   -9.464  1.00 28.08 ? 662 LYS A O   1 
ATOM   457  C  CB  . LYS A 1 69  ? -2.145  5.317   -8.545  1.00 28.96 ? 662 LYS A CB  1 
ATOM   458  C  CG  . LYS A 1 69  ? -2.026  4.992   -10.034 1.00 28.51 ? 662 LYS A CG  1 
ATOM   459  C  CD  . LYS A 1 69  ? -3.383  4.544   -10.660 1.00 30.08 ? 662 LYS A CD  1 
ATOM   460  C  CE  . LYS A 1 69  ? -4.422  5.638   -10.591 1.00 27.70 ? 662 LYS A CE  1 
ATOM   461  N  NZ  . LYS A 1 69  ? -5.660  5.249   -11.399 1.00 30.16 ? 662 LYS A NZ  1 
ATOM   462  N  N   . SER A 1 70  ? -0.659  7.991   -8.363  1.00 28.47 ? 663 SER A N   1 
ATOM   463  C  CA  . SER A 1 70  ? -0.265  9.151   -9.126  1.00 27.07 ? 663 SER A CA  1 
ATOM   464  C  C   . SER A 1 70  ? 0.169   10.257  -8.198  1.00 27.33 ? 663 SER A C   1 
ATOM   465  O  O   . SER A 1 70  ? -0.175  10.246  -7.002  1.00 26.51 ? 663 SER A O   1 
ATOM   466  C  CB  . SER A 1 70  ? -1.485  9.667   -9.929  1.00 28.55 ? 663 SER A CB  1 
ATOM   467  O  OG  . SER A 1 70  ? -2.472  10.175  -9.021  1.00 28.42 ? 663 SER A OG  1 
ATOM   468  N  N   . LEU A 1 71  ? 0.865   11.268  -8.747  1.00 26.80 ? 664 LEU A N   1 
ATOM   469  C  CA  . LEU A 1 71  ? 1.211   12.414  -7.903  1.00 27.00 ? 664 LEU A CA  1 
ATOM   470  C  C   . LEU A 1 71  ? -0.034  13.075  -7.292  1.00 27.95 ? 664 LEU A C   1 
ATOM   471  O  O   . LEU A 1 71  ? -0.009  13.448  -6.130  1.00 27.17 ? 664 LEU A O   1 
ATOM   472  C  CB  . LEU A 1 71  ? 2.044   13.445  -8.661  1.00 27.53 ? 664 LEU A CB  1 
ATOM   473  C  CG  . LEU A 1 71  ? 2.409   14.664  -7.830  1.00 28.95 ? 664 LEU A CG  1 
ATOM   474  C  CD1 . LEU A 1 71  ? 3.328   14.247  -6.657  1.00 32.67 ? 664 LEU A CD1 1 
ATOM   475  C  CD2 . LEU A 1 71  ? 3.059   15.707  -8.704  1.00 31.11 ? 664 LEU A CD2 1 
ATOM   476  N  N   . ALA A 1 72  ? -1.086  13.277  -8.083  1.00 27.78 ? 665 ALA A N   1 
ATOM   477  C  CA  . ALA A 1 72  ? -2.260  14.043  -7.605  1.00 29.00 ? 665 ALA A CA  1 
ATOM   478  C  C   . ALA A 1 72  ? -2.852  13.309  -6.378  1.00 28.10 ? 665 ALA A C   1 
ATOM   479  O  O   . ALA A 1 72  ? -3.217  13.926  -5.349  1.00 28.44 ? 665 ALA A O   1 
ATOM   480  C  CB  . ALA A 1 72  ? -3.293  14.134  -8.697  1.00 29.70 ? 665 ALA A CB  1 
ATOM   481  N  N   . GLU A 1 73  ? -2.954  11.987  -6.470  1.00 27.94 ? 666 GLU A N   1 
ATOM   482  C  CA  . GLU A 1 73  ? -3.530  11.192  -5.355  1.00 28.74 ? 666 GLU A CA  1 
ATOM   483  C  C   . GLU A 1 73  ? -2.620  11.236  -4.130  1.00 28.31 ? 666 GLU A C   1 
ATOM   484  O  O   . GLU A 1 73  ? -3.091  11.366  -3.011  1.00 28.75 ? 666 GLU A O   1 
ATOM   485  C  CB  . GLU A 1 73  ? -3.826  9.775   -5.815  1.00 30.42 ? 666 GLU A CB  1 
ATOM   486  C  CG  . GLU A 1 73  ? -4.936  9.866   -6.844  1.00 28.49 ? 666 GLU A CG  1 
ATOM   487  C  CD  . GLU A 1 73  ? -5.395  8.517   -7.385  1.00 31.05 ? 666 GLU A CD  1 
ATOM   488  O  OE1 . GLU A 1 73  ? -4.774  7.487   -7.029  1.00 32.95 ? 666 GLU A OE1 1 
ATOM   489  O  OE2 . GLU A 1 73  ? -6.424  8.536   -8.152  1.00 29.84 ? 666 GLU A OE2 1 
ATOM   490  N  N   . CYS A 1 74  ? -1.315  11.159  -4.364  1.00 27.48 ? 667 CYS A N   1 
ATOM   491  C  CA  . CYS A 1 74  ? -0.336  11.341  -3.276  1.00 27.34 ? 667 CYS A CA  1 
ATOM   492  C  C   . CYS A 1 74  ? -0.403  12.690  -2.616  1.00 27.85 ? 667 CYS A C   1 
ATOM   493  O  O   . CYS A 1 74  ? -0.284  12.760  -1.386  1.00 28.07 ? 667 CYS A O   1 
ATOM   494  C  CB  . CYS A 1 74  ? 1.095   11.097  -3.791  1.00 27.57 ? 667 CYS A CB  1 
ATOM   495  S  SG  . CYS A 1 74  ? 1.405   9.339   -4.171  1.00 29.32 ? 667 CYS A SG  1 
ATOM   496  N  N   . GLU A 1 75  ? -0.598  13.755  -3.406  1.00 27.03 ? 668 GLU A N   1 
ATOM   497  C  CA  . GLU A 1 75  ? -0.732  15.102  -2.831  1.00 27.31 ? 668 GLU A CA  1 
ATOM   498  C  C   . GLU A 1 75  ? -1.973  15.173  -1.937  1.00 27.58 ? 668 GLU A C   1 
ATOM   499  O  O   . GLU A 1 75  ? -1.917  15.754  -0.857  1.00 28.49 ? 668 GLU A O   1 
ATOM   500  C  CB  . GLU A 1 75  ? -0.829  16.121  -3.973  1.00 27.63 ? 668 GLU A CB  1 
ATOM   501  C  CG  . GLU A 1 75  ? 0.523   16.344  -4.551  1.00 28.64 ? 668 GLU A CG  1 
ATOM   502  C  CD  . GLU A 1 75  ? 0.506   17.166  -5.812  1.00 34.42 ? 668 GLU A CD  1 
ATOM   503  O  OE1 . GLU A 1 75  ? -0.559  17.246  -6.459  1.00 39.41 ? 668 GLU A OE1 1 
ATOM   504  O  OE2 . GLU A 1 75  ? 1.577   17.730  -6.153  1.00 35.89 ? 668 GLU A OE2 1 
ATOM   505  N  N   . ALA A 1 76  ? -3.093  14.611  -2.409  1.00 28.61 ? 669 ALA A N   1 
ATOM   506  C  CA  . ALA A 1 76  ? -4.359  14.683  -1.637  1.00 28.88 ? 669 ALA A CA  1 
ATOM   507  C  C   . ALA A 1 76  ? -4.175  13.920  -0.313  1.00 28.54 ? 669 ALA A C   1 
ATOM   508  O  O   . ALA A 1 76  ? -4.600  14.390  0.739   1.00 29.25 ? 669 ALA A O   1 
ATOM   509  C  CB  . ALA A 1 76  ? -5.486  14.082  -2.425  1.00 28.69 ? 669 ALA A CB  1 
ATOM   510  N  N   . LEU A 1 77  ? -3.517  12.761  -0.368  1.00 27.87 ? 670 LEU A N   1 
ATOM   511  C  CA  . LEU A 1 77  ? -3.324  11.951  0.854   1.00 28.14 ? 670 LEU A CA  1 
ATOM   512  C  C   . LEU A 1 77  ? -2.400  12.679  1.802   1.00 28.04 ? 670 LEU A C   1 
ATOM   513  O  O   . LEU A 1 77  ? -2.625  12.682  3.016   1.00 28.24 ? 670 LEU A O   1 
ATOM   514  C  CB  . LEU A 1 77  ? -2.774  10.564  0.511   1.00 28.00 ? 670 LEU A CB  1 
ATOM   515  C  CG  . LEU A 1 77  ? -2.480  9.728   1.757   1.00 28.70 ? 670 LEU A CG  1 
ATOM   516  C  CD1 . LEU A 1 77  ? -3.772  9.494   2.564   1.00 29.72 ? 670 LEU A CD1 1 
ATOM   517  C  CD2 . LEU A 1 77  ? -1.775  8.412   1.412   1.00 29.70 ? 670 LEU A CD2 1 
ATOM   518  N  N   . THR A 1 78  ? -1.333  13.250  1.247   1.00 26.40 ? 671 THR A N   1 
ATOM   519  C  CA  . THR A 1 78  ? -0.331  13.961  2.052   1.00 26.92 ? 671 THR A CA  1 
ATOM   520  C  C   . THR A 1 78  ? -0.984  15.106  2.821   1.00 27.08 ? 671 THR A C   1 
ATOM   521  O  O   . THR A 1 78  ? -0.757  15.241  4.035   1.00 27.94 ? 671 THR A O   1 
ATOM   522  C  CB  . THR A 1 78  ? 0.841   14.424  1.164   1.00 28.12 ? 671 THR A CB  1 
ATOM   523  O  OG1 . THR A 1 78  ? 1.522   13.273  0.664   1.00 28.53 ? 671 THR A OG1 1 
ATOM   524  C  CG2 . THR A 1 78  ? 1.802   15.316  1.997   1.00 29.17 ? 671 THR A CG2 1 
ATOM   525  N  N   . LYS A 1 79  ? -1.758  15.936  2.128   1.00 27.45 ? 672 LYS A N   1 
ATOM   526  C  CA  . LYS A 1 79  ? -2.430  17.070  2.787   1.00 27.58 ? 672 LYS A CA  1 
ATOM   527  C  C   . LYS A 1 79  ? -3.292  16.526  3.936   1.00 27.42 ? 672 LYS A C   1 
ATOM   528  O  O   . LYS A 1 79  ? -3.285  17.065  5.041   1.00 27.52 ? 672 LYS A O   1 
ATOM   529  C  CB  . LYS A 1 79  ? -3.297  17.805  1.770   1.00 28.34 ? 672 LYS A CB  1 
ATOM   530  C  CG  . LYS A 1 79  ? -4.109  18.919  2.409   1.00 30.40 ? 672 LYS A CG  1 
ATOM   531  C  CD  . LYS A 1 79  ? -4.997  19.617  1.384   1.00 35.68 ? 672 LYS A CD  1 
ATOM   532  C  CE  . LYS A 1 79  ? -5.954  20.578  2.088   1.00 38.78 ? 672 LYS A CE  1 
ATOM   533  N  NZ  . LYS A 1 79  ? -6.878  21.297  1.153   1.00 44.07 ? 672 LYS A NZ  1 
ATOM   534  N  N   . ALA A 1 80  ? -4.036  15.446  3.670   1.00 27.03 ? 673 ALA A N   1 
ATOM   535  C  CA  . ALA A 1 80  ? -4.939  14.887  4.687   1.00 27.35 ? 673 ALA A CA  1 
ATOM   536  C  C   . ALA A 1 80  ? -4.132  14.340  5.878   1.00 27.20 ? 673 ALA A C   1 
ATOM   537  O  O   . ALA A 1 80  ? -4.476  14.590  7.036   1.00 28.05 ? 673 ALA A O   1 
ATOM   538  C  CB  . ALA A 1 80  ? -5.783  13.803  4.097   1.00 28.54 ? 673 ALA A CB  1 
ATOM   539  N  N   . LEU A 1 81  ? -3.023  13.645  5.605   1.00 26.54 ? 674 LEU A N   1 
ATOM   540  C  CA  . LEU A 1 81  ? -2.273  13.053  6.700   1.00 26.16 ? 674 LEU A CA  1 
ATOM   541  C  C   . LEU A 1 81  ? -1.621  14.132  7.566   1.00 25.00 ? 674 LEU A C   1 
ATOM   542  O  O   . LEU A 1 81  ? -1.547  14.016  8.802   1.00 25.39 ? 674 LEU A O   1 
ATOM   543  C  CB  . LEU A 1 81  ? -1.209  12.119  6.162   1.00 27.15 ? 674 LEU A CB  1 
ATOM   544  C  CG  . LEU A 1 81  ? -1.754  10.780  5.643   1.00 27.18 ? 674 LEU A CG  1 
ATOM   545  C  CD1 . LEU A 1 81  ? -0.540  10.084  4.990   1.00 31.18 ? 674 LEU A CD1 1 
ATOM   546  C  CD2 . LEU A 1 81  ? -2.340  9.908   6.786   1.00 29.51 ? 674 LEU A CD2 1 
ATOM   547  N  N   . LYS A 1 82  ? -1.165  15.212  6.937   1.00 25.13 ? 675 LYS A N   1 
ATOM   548  C  CA  . LYS A 1 82  ? -0.588  16.313  7.752   1.00 25.34 ? 675 LYS A CA  1 
ATOM   549  C  C   . LYS A 1 82  ? -1.653  16.896  8.677   1.00 25.02 ? 675 LYS A C   1 
ATOM   550  O  O   . LYS A 1 82  ? -1.369  17.252  9.810   1.00 24.32 ? 675 LYS A O   1 
ATOM   551  C  CB  . LYS A 1 82  ? 0.012   17.395  6.852   1.00 26.60 ? 675 LYS A CB  1 
ATOM   552  C  CG  . LYS A 1 82  ? 1.307   16.913  6.186   1.00 27.13 ? 675 LYS A CG  1 
ATOM   553  C  CD  . LYS A 1 82  ? 1.959   18.071  5.427   1.00 30.01 ? 675 LYS A CD  1 
ATOM   554  C  CE  . LYS A 1 82  ? 3.258   17.658  4.703   1.00 29.78 ? 675 LYS A CE  1 
ATOM   555  N  NZ  . LYS A 1 82  ? 3.828   18.816  3.868   1.00 31.49 ? 675 LYS A NZ  1 
ATOM   556  N  N   . ALA A 1 83  ? -2.889  16.971  8.184   1.00 25.32 ? 676 ALA A N   1 
ATOM   557  C  CA  . ALA A 1 83  ? -4.019  17.427  9.000   1.00 24.90 ? 676 ALA A CA  1 
ATOM   558  C  C   . ALA A 1 83  ? -4.446  16.392  10.051  1.00 25.68 ? 676 ALA A C   1 
ATOM   559  O  O   . ALA A 1 83  ? -5.313  16.685  10.893  1.00 27.05 ? 676 ALA A O   1 
ATOM   560  C  CB  . ALA A 1 83  ? -5.207  17.826  8.054   1.00 26.26 ? 676 ALA A CB  1 
ATOM   561  N  N   . ARG A 1 84  ? -3.805  15.221  10.061  1.00 24.58 ? 677 ARG A N   1 
ATOM   562  C  CA  . ARG A 1 84  ? -3.992  14.266  11.167  1.00 25.75 ? 677 ARG A CA  1 
ATOM   563  C  C   . ARG A 1 84  ? -2.827  14.281  12.127  1.00 26.80 ? 677 ARG A C   1 
ATOM   564  O  O   . ARG A 1 84  ? -2.749  13.423  13.038  1.00 26.43 ? 677 ARG A O   1 
ATOM   565  C  CB  . ARG A 1 84  ? -4.163  12.813  10.661  1.00 26.26 ? 677 ARG A CB  1 
ATOM   566  C  CG  . ARG A 1 84  ? -5.328  12.636  9.708   1.00 27.34 ? 677 ARG A CG  1 
ATOM   567  C  CD  . ARG A 1 84  ? -6.657  13.282  10.180  1.00 27.09 ? 677 ARG A CD  1 
ATOM   568  N  NE  . ARG A 1 84  ? -7.709  12.868  9.219   1.00 29.94 ? 677 ARG A NE  1 
ATOM   569  C  CZ  . ARG A 1 84  ? -8.307  11.667  9.210   1.00 29.04 ? 677 ARG A CZ  1 
ATOM   570  N  NH1 . ARG A 1 84  ? -7.998  10.739  10.140  1.00 28.29 ? 677 ARG A NH1 1 
ATOM   571  N  NH2 . ARG A 1 84  ? -9.223  11.416  8.247   1.00 28.58 ? 677 ARG A NH2 1 
ATOM   572  N  N   . GLY A 1 85  ? -1.929  15.259  11.971  1.00 26.01 ? 678 GLY A N   1 
ATOM   573  C  CA  . GLY A 1 85  ? -0.776  15.415  12.841  1.00 26.32 ? 678 GLY A CA  1 
ATOM   574  C  C   . GLY A 1 85  ? 0.400   14.519  12.488  1.00 25.64 ? 678 GLY A C   1 
ATOM   575  O  O   . GLY A 1 85  ? 1.339   14.421  13.295  1.00 27.54 ? 678 GLY A O   1 
ATOM   576  N  N   . GLU A 1 86  ? 0.363   13.892  11.304  1.00 25.38 ? 679 GLU A N   1 
ATOM   577  C  CA  . GLU A 1 86  ? 1.464   12.990  10.902  1.00 26.80 ? 679 GLU A CA  1 
ATOM   578  C  C   . GLU A 1 86  ? 2.614   13.838  10.390  1.00 27.66 ? 679 GLU A C   1 
ATOM   579  O  O   . GLU A 1 86  ? 2.392   14.896  9.762   1.00 27.88 ? 679 GLU A O   1 
ATOM   580  C  CB  . GLU A 1 86  ? 1.032   12.058  9.774   1.00 28.13 ? 679 GLU A CB  1 
ATOM   581  C  CG  . GLU A 1 86  ? -0.122  11.122  10.148  1.00 29.16 ? 679 GLU A CG  1 
ATOM   582  C  CD  . GLU A 1 86  ? 0.258   9.923   11.037  1.00 32.81 ? 679 GLU A CD  1 
ATOM   583  O  OE1 . GLU A 1 86  ? 1.434   9.750   11.438  1.00 34.54 ? 679 GLU A OE1 1 
ATOM   584  O  OE2 . GLU A 1 86  ? -0.663  9.113   11.312  1.00 35.12 ? 679 GLU A OE2 1 
ATOM   585  N  N   . GLN A 1 87  ? 3.836   13.327  10.563  1.00 27.44 ? 680 GLN A N   1 
ATOM   586  C  CA  . GLN A 1 87  ? 4.999   13.903  9.869   1.00 28.90 ? 680 GLN A CA  1 
ATOM   587  C  C   . GLN A 1 87  ? 5.028   13.216  8.522   1.00 28.15 ? 680 GLN A C   1 
ATOM   588  O  O   . GLN A 1 87  ? 5.096   11.993  8.484   1.00 30.27 ? 680 GLN A O   1 
ATOM   589  C  CB  . GLN A 1 87  ? 6.294   13.571  10.628  1.00 29.60 ? 680 GLN A CB  1 
ATOM   590  C  CG  . GLN A 1 87  ? 7.507   14.355  10.162  1.00 32.69 ? 680 GLN A CG  1 
ATOM   591  C  CD  . GLN A 1 87  ? 8.740   14.094  11.049  1.00 30.87 ? 680 GLN A CD  1 
ATOM   592  O  OE1 . GLN A 1 87  ? 8.883   13.024  11.650  1.00 37.50 ? 680 GLN A OE1 1 
ATOM   593  N  NE2 . GLN A 1 87  ? 9.611   15.080  11.133  1.00 37.57 ? 680 GLN A NE2 1 
ATOM   594  N  N   . VAL A 1 88  ? 4.897   13.979  7.449   1.00 27.67 ? 681 VAL A N   1 
ATOM   595  C  CA  . VAL A 1 88  ? 4.764   13.377  6.091   1.00 28.62 ? 681 VAL A CA  1 
ATOM   596  C  C   . VAL A 1 88  ? 5.789   13.964  5.139   1.00 29.30 ? 681 VAL A C   1 
ATOM   597  O  O   . VAL A 1 88  ? 6.041   15.202  5.115   1.00 30.06 ? 681 VAL A O   1 
ATOM   598  C  CB  . VAL A 1 88  ? 3.387   13.610  5.495   1.00 28.48 ? 681 VAL A CB  1 
ATOM   599  C  CG1 . VAL A 1 88  ? 3.211   12.716  4.207   1.00 28.49 ? 681 VAL A CG1 1 
ATOM   600  C  CG2 . VAL A 1 88  ? 2.341   13.263  6.527   1.00 30.48 ? 681 VAL A CG2 1 
ATOM   601  N  N   . THR A 1 89  ? 6.398   13.062  4.364   1.00 29.17 ? 682 THR A N   1 
ATOM   602  C  CA  . THR A 1 89  ? 7.315   13.463  3.305   1.00 29.50 ? 682 THR A CA  1 
ATOM   603  C  C   . THR A 1 89  ? 6.779   12.880  2.001   1.00 29.61 ? 682 THR A C   1 
ATOM   604  O  O   . THR A 1 89  ? 6.806   11.658  1.804   1.00 29.82 ? 682 THR A O   1 
ATOM   605  C  CB  . THR A 1 89  ? 8.720   12.937  3.578   1.00 28.72 ? 682 THR A CB  1 
ATOM   606  O  OG1 . THR A 1 89  ? 9.215   13.555  4.767   1.00 30.09 ? 682 THR A OG1 1 
ATOM   607  C  CG2 . THR A 1 89  ? 9.659   13.259  2.405   1.00 31.74 ? 682 THR A CG2 1 
ATOM   608  N  N   . LEU A 1 90  ? 6.287   13.759  1.131   1.00 29.77 ? 683 LEU A N   1 
ATOM   609  C  CA  . LEU A 1 90  ? 5.839   13.334  -0.180  1.00 31.46 ? 683 LEU A CA  1 
ATOM   610  C  C   . LEU A 1 90  ? 7.092   13.357  -1.036  1.00 32.63 ? 683 LEU A C   1 
ATOM   611  O  O   . LEU A 1 90  ? 7.646   14.444  -1.346  1.00 31.86 ? 683 LEU A O   1 
ATOM   612  C  CB  . LEU A 1 90  ? 4.725   14.244  -0.690  1.00 31.54 ? 683 LEU A CB  1 
ATOM   613  C  CG  . LEU A 1 90  ? 4.307   14.064  -2.153  1.00 35.17 ? 683 LEU A CG  1 
ATOM   614  C  CD1 . LEU A 1 90  ? 4.038   12.646  -2.371  1.00 34.70 ? 683 LEU A CD1 1 
ATOM   615  C  CD2 . LEU A 1 90  ? 3.099   14.902  -2.468  1.00 39.40 ? 683 LEU A CD2 1 
ATOM   616  N  N   . ILE A 1 91  ? 7.599   12.143  -1.303  1.00 35.09 ? 684 ILE A N   1 
ATOM   617  C  CA  . ILE A 1 91  ? 8.973   11.981  -1.845  1.00 37.92 ? 684 ILE A CA  1 
ATOM   618  C  C   . ILE A 1 91  ? 9.032   12.384  -3.282  1.00 38.76 ? 684 ILE A C   1 
ATOM   619  O  O   . ILE A 1 91  ? 8.072   12.197  -4.041  1.00 39.84 ? 684 ILE A O   1 
ATOM   620  C  CB  . ILE A 1 91  ? 9.651   10.566  -1.612  1.00 36.99 ? 684 ILE A CB  1 
ATOM   621  C  CG1 . ILE A 1 91  ? 9.036   9.467   -2.490  1.00 38.56 ? 684 ILE A CG1 1 
ATOM   622  C  CG2 . ILE A 1 91  ? 9.715   10.217  -0.095  1.00 39.13 ? 684 ILE A CG2 1 
ATOM   623  C  CD1 . ILE A 1 91  ? 9.985   8.293   -2.782  1.00 39.08 ? 684 ILE A CD1 1 
ATOM   624  N  N   . GLN A 1 92  ? 10.176  13.008  -3.634  1.00 39.65 ? 685 GLN A N   1 
ATOM   625  C  CA  . GLN A 1 92  ? 10.426  13.493  -5.008  1.00 41.73 ? 685 GLN A CA  1 
ATOM   626  C  C   . GLN A 1 92  ? 11.625  12.763  -5.631  1.00 41.64 ? 685 GLN A C   1 
ATOM   627  O  O   . GLN A 1 92  ? 11.897  12.886  -6.838  1.00 41.15 ? 685 GLN A O   1 
ATOM   628  C  CB  . GLN A 1 92  ? 10.710  15.003  -5.016  1.00 41.30 ? 685 GLN A CB  1 
ATOM   629  C  CG  . GLN A 1 92  ? 9.705   15.884  -4.242  1.00 43.70 ? 685 GLN A CG  1 
ATOM   630  C  CD  . GLN A 1 92  ? 9.733   17.348  -4.675  1.00 45.01 ? 685 GLN A CD  1 
ATOM   631  O  OE1 . GLN A 1 92  ? 10.412  17.709  -5.640  1.00 50.13 ? 685 GLN A OE1 1 
ATOM   632  N  NE2 . GLN A 1 92  ? 9.000   18.200  -3.952  1.00 49.34 ? 685 GLN A NE2 1 
ATOM   633  N  N   . THR A 1 93  ? 12.339  12.013  -4.789  1.00 41.02 ? 686 THR A N   1 
ATOM   634  C  CA  . THR A 1 93  ? 13.482  11.226  -5.247  1.00 41.21 ? 686 THR A CA  1 
ATOM   635  C  C   . THR A 1 93  ? 13.675  10.059  -4.273  1.00 41.43 ? 686 THR A C   1 
ATOM   636  O  O   . THR A 1 93  ? 13.249  10.150  -3.135  1.00 41.08 ? 686 THR A O   1 
ATOM   637  C  CB  . THR A 1 93  ? 14.719  12.148  -5.411  1.00 41.87 ? 686 THR A CB  1 
ATOM   638  O  OG1 . THR A 1 93  ? 15.648  11.523  -6.299  1.00 42.32 ? 686 THR A OG1 1 
ATOM   639  C  CG2 . THR A 1 93  ? 15.371  12.513  -4.041  1.00 39.94 ? 686 THR A CG2 1 
ATOM   640  N  N   . GLU A 1 94  ? 14.289  8.964   -4.709  1.00 41.55 ? 687 GLU A N   1 
ATOM   641  C  CA  . GLU A 1 94  ? 14.328  7.748   -3.877  1.00 42.69 ? 687 GLU A CA  1 
ATOM   642  C  C   . GLU A 1 94  ? 15.019  7.969   -2.515  1.00 41.56 ? 687 GLU A C   1 
ATOM   643  O  O   . GLU A 1 94  ? 14.605  7.473   -1.455  1.00 39.70 ? 687 GLU A O   1 
ATOM   644  C  CB  . GLU A 1 94  ? 14.922  6.561   -4.680  1.00 42.20 ? 687 GLU A CB  1 
ATOM   645  C  CG  . GLU A 1 94  ? 16.435  6.391   -4.622  1.00 45.46 ? 687 GLU A CG  1 
ATOM   646  C  CD  . GLU A 1 94  ? 16.991  5.353   -5.615  1.00 46.48 ? 687 GLU A CD  1 
ATOM   647  O  OE1 . GLU A 1 94  ? 16.211  4.518   -6.152  1.00 52.48 ? 687 GLU A OE1 1 
ATOM   648  O  OE2 . GLU A 1 94  ? 18.226  5.387   -5.854  1.00 52.70 ? 687 GLU A OE2 1 
ATOM   649  N  N   . ASN A 1 95  ? 16.048  8.797   -2.544  1.00 41.54 ? 688 ASN A N   1 
ATOM   650  C  CA  . ASN A 1 95  ? 17.058  8.713   -1.537  1.00 42.22 ? 688 ASN A CA  1 
ATOM   651  C  C   . ASN A 1 95  ? 17.019  7.948   -0.189  1.00 42.37 ? 688 ASN A C   1 
ATOM   652  O  O   . ASN A 1 95  ? 18.075  7.355   0.163   1.00 43.92 ? 688 ASN A O   1 
ATOM   653  C  CB  . ASN A 1 95  ? 18.031  9.861   -1.567  1.00 41.45 ? 688 ASN A CB  1 
ATOM   654  C  CG  . ASN A 1 95  ? 19.291  9.395   -2.136  1.00 42.54 ? 688 ASN A CG  1 
ATOM   655  O  OD1 . ASN A 1 95  ? 19.471  8.171   -2.227  1.00 41.36 ? 688 ASN A OD1 1 
ATOM   656  N  ND2 . ASN A 1 95  ? 20.149  10.293  -2.578  1.00 39.43 ? 688 ASN A ND2 1 
ATOM   657  N  N   . ARG A 1 97  ? 13.465  13.840  1.114   1.00 60.54 ? 690 ARG A N   1 
ATOM   658  C  CA  . ARG A 1 97  ? 14.120  15.084  1.481   1.00 60.25 ? 690 ARG A CA  1 
ATOM   659  C  C   . ARG A 1 97  ? 14.205  15.272  2.992   1.00 59.19 ? 690 ARG A C   1 
ATOM   660  O  O   . ARG A 1 97  ? 15.306  15.368  3.547   1.00 59.41 ? 690 ARG A O   1 
ATOM   661  C  CB  . ARG A 1 97  ? 13.431  16.288  0.828   1.00 60.79 ? 690 ARG A CB  1 
ATOM   662  C  CG  . ARG A 1 97  ? 14.066  17.626  1.163   1.00 61.49 ? 690 ARG A CG  1 
ATOM   663  C  CD  . ARG A 1 97  ? 13.249  18.803  0.640   1.00 62.15 ? 690 ARG A CD  1 
ATOM   664  N  NE  . ARG A 1 97  ? 13.720  19.437  -0.609  1.00 65.46 ? 690 ARG A NE  1 
ATOM   665  C  CZ  . ARG A 1 97  ? 14.497  18.902  -1.560  1.00 65.77 ? 690 ARG A CZ  1 
ATOM   666  N  NH1 . ARG A 1 97  ? 14.800  19.638  -2.616  1.00 66.41 ? 690 ARG A NH1 1 
ATOM   667  N  NH2 . ARG A 1 97  ? 14.969  17.660  -1.489  1.00 65.58 ? 690 ARG A NH2 1 
ATOM   668  N  N   . LEU A 1 98  ? 13.047  15.358  3.646   1.00 57.47 ? 691 LEU A N   1 
ATOM   669  C  CA  . LEU A 1 98  ? 12.988  15.596  5.097   1.00 56.22 ? 691 LEU A CA  1 
ATOM   670  C  C   . LEU A 1 98  ? 12.279  14.457  5.830   1.00 54.72 ? 691 LEU A C   1 
ATOM   671  O  O   . LEU A 1 98  ? 11.734  13.549  5.202   1.00 53.68 ? 691 LEU A O   1 
ATOM   672  C  CB  . LEU A 1 98  ? 12.259  16.923  5.396   1.00 56.46 ? 691 LEU A CB  1 
ATOM   673  C  CG  . LEU A 1 98  ? 13.034  18.188  5.805   1.00 57.16 ? 691 LEU A CG  1 
ATOM   674  C  CD1 . LEU A 1 98  ? 13.767  18.823  4.632   1.00 57.93 ? 691 LEU A CD1 1 
ATOM   675  C  CD2 . LEU A 1 98  ? 12.099  19.222  6.469   1.00 56.98 ? 691 LEU A CD2 1 
ATOM   676  N  N   . ALA A 1 99  ? 12.361  14.485  7.161   1.00 53.45 ? 692 ALA A N   1 
ATOM   677  C  CA  . ALA A 1 99  ? 11.315  13.940  8.044   1.00 52.70 ? 692 ALA A CA  1 
ATOM   678  C  C   . ALA A 1 99  ? 11.130  12.431  8.189   1.00 52.71 ? 692 ALA A C   1 
ATOM   679  O  O   . ALA A 1 99  ? 9.987   11.967  8.164   1.00 50.85 ? 692 ALA A O   1 
ATOM   680  C  CB  . ALA A 1 99  ? 9.978   14.563  7.684   1.00 51.46 ? 692 ALA A CB  1 
ATOM   681  N  N   . PRO A 1 100 ? 12.225  11.650  8.351   1.00 52.51 ? 693 PRO A N   1 
ATOM   682  C  CA  . PRO A 1 100 ? 12.036  10.215  8.619   1.00 51.81 ? 693 PRO A CA  1 
ATOM   683  C  C   . PRO A 1 100 ? 11.008  9.914   9.696   1.00 51.49 ? 693 PRO A C   1 
ATOM   684  O  O   . PRO A 1 100 ? 11.345  9.653   10.870  1.00 52.58 ? 693 PRO A O   1 
ATOM   685  C  CB  . PRO A 1 100 ? 13.432  9.753   8.960   1.00 52.97 ? 693 PRO A CB  1 
ATOM   686  C  CG  . PRO A 1 100 ? 14.226  10.572  8.017   1.00 52.75 ? 693 PRO A CG  1 
ATOM   687  C  CD  . PRO A 1 100 ? 13.653  11.948  8.221   1.00 52.76 ? 693 PRO A CD  1 
ATOM   688  N  N   . GLY A 1 101 ? 9.761   10.060  9.238   1.00 49.07 ? 694 GLY A N   1 
ATOM   689  C  CA  . GLY A 1 101 ? 8.484   9.645   9.817   1.00 45.84 ? 694 GLY A CA  1 
ATOM   690  C  C   . GLY A 1 101 ? 7.767   8.952   8.653   1.00 44.10 ? 694 GLY A C   1 
ATOM   691  O  O   . GLY A 1 101 ? 8.117   7.821   8.347   1.00 43.43 ? 694 GLY A O   1 
ATOM   692  N  N   . VAL A 1 102 ? 6.846   9.633   7.942   1.00 41.33 ? 695 VAL A N   1 
ATOM   693  C  CA  . VAL A 1 102 ? 6.012   8.927   6.929   1.00 39.68 ? 695 VAL A CA  1 
ATOM   694  C  C   . VAL A 1 102 ? 6.388   9.271   5.474   1.00 37.04 ? 695 VAL A C   1 
ATOM   695  O  O   . VAL A 1 102 ? 6.266   10.424  5.070   1.00 37.50 ? 695 VAL A O   1 
ATOM   696  C  CB  . VAL A 1 102 ? 4.503   9.240   7.168   1.00 39.87 ? 695 VAL A CB  1 
ATOM   697  C  CG1 . VAL A 1 102 ? 3.602   8.467   6.240   1.00 41.23 ? 695 VAL A CG1 1 
ATOM   698  C  CG2 . VAL A 1 102 ? 4.109   8.972   8.624   1.00 41.49 ? 695 VAL A CG2 1 
ATOM   699  N  N   . ILE A 1 103 ? 6.776   8.286   4.655   1.00 34.73 ? 696 ILE A N   1 
ATOM   700  C  CA  . ILE A 1 103 ? 7.042   8.595   3.239   1.00 33.48 ? 696 ILE A CA  1 
ATOM   701  C  C   . ILE A 1 103 ? 5.807   8.244   2.417   1.00 31.01 ? 696 ILE A C   1 
ATOM   702  O  O   . ILE A 1 103 ? 5.220   7.175   2.604   1.00 29.83 ? 696 ILE A O   1 
ATOM   703  C  CB  . ILE A 1 103 ? 8.299   7.892   2.579   1.00 34.62 ? 696 ILE A CB  1 
ATOM   704  C  CG1 . ILE A 1 103 ? 8.203   6.395   2.666   1.00 39.25 ? 696 ILE A CG1 1 
ATOM   705  C  CG2 . ILE A 1 103 ? 9.622   8.442   3.141   1.00 37.60 ? 696 ILE A CG2 1 
ATOM   706  C  CD1 . ILE A 1 103 ? 9.396   5.692   2.067   1.00 38.21 ? 696 ILE A CD1 1 
ATOM   707  N  N   . VAL A 1 104 ? 5.431   9.169   1.534   1.00 29.13 ? 697 VAL A N   1 
ATOM   708  C  CA  . VAL A 1 104 ? 4.373   8.955   0.556   1.00 29.30 ? 697 VAL A CA  1 
ATOM   709  C  C   . VAL A 1 104 ? 5.068   9.001   -0.808  1.00 29.64 ? 697 VAL A C   1 
ATOM   710  O  O   . VAL A 1 104 ? 5.739   10.016  -1.135  1.00 30.16 ? 697 VAL A O   1 
ATOM   711  C  CB  . VAL A 1 104 ? 3.258   10.061  0.664   1.00 28.97 ? 697 VAL A CB  1 
ATOM   712  C  CG1 . VAL A 1 104 ? 2.270   9.824   -0.463  1.00 29.81 ? 697 VAL A CG1 1 
ATOM   713  C  CG2 . VAL A 1 104 ? 2.531   9.936   2.000   1.00 29.13 ? 697 VAL A CG2 1 
ATOM   714  N  N   . VAL A 1 105 ? 4.892   7.934   -1.582  1.00 29.44 ? 698 VAL A N   1 
ATOM   715  C  CA  . VAL A 1 105 ? 5.728   7.624   -2.738  1.00 30.72 ? 698 VAL A CA  1 
ATOM   716  C  C   . VAL A 1 105 ? 4.762   7.439   -3.921  1.00 29.44 ? 698 VAL A C   1 
ATOM   717  O  O   . VAL A 1 105 ? 3.964   6.516   -3.913  1.00 30.21 ? 698 VAL A O   1 
ATOM   718  C  CB  . VAL A 1 105 ? 6.509   6.197   -2.514  1.00 30.01 ? 698 VAL A CB  1 
ATOM   719  C  CG1 . VAL A 1 105 ? 7.413   5.821   -3.695  1.00 34.93 ? 698 VAL A CG1 1 
ATOM   720  C  CG2 . VAL A 1 105 ? 7.326   6.166   -1.213  1.00 34.25 ? 698 VAL A CG2 1 
ATOM   721  N  N   . PRO A 1 106 ? 4.846   8.304   -4.955  1.00 29.62 ? 699 PRO A N   1 
ATOM   722  C  CA  . PRO A 1 106 ? 4.063   7.917   -6.173  1.00 29.39 ? 699 PRO A CA  1 
ATOM   723  C  C   . PRO A 1 106 ? 4.626   6.650   -6.810  1.00 28.28 ? 699 PRO A C   1 
ATOM   724  O  O   . PRO A 1 106 ? 5.839   6.442   -6.784  1.00 28.44 ? 699 PRO A O   1 
ATOM   725  C  CB  . PRO A 1 106 ? 4.312   9.075   -7.129  1.00 31.07 ? 699 PRO A CB  1 
ATOM   726  C  CG  . PRO A 1 106 ? 4.773   10.199  -6.247  1.00 31.66 ? 699 PRO A CG  1 
ATOM   727  C  CD  . PRO A 1 106 ? 5.543   9.587   -5.131  1.00 31.36 ? 699 PRO A CD  1 
ATOM   728  N  N   . SER A 1 107 ? 3.766   5.838   -7.408  1.00 27.63 ? 700 SER A N   1 
ATOM   729  C  CA  . SER A 1 107 ? 4.175   4.519   -7.893  1.00 27.11 ? 700 SER A CA  1 
ATOM   730  C  C   . SER A 1 107 ? 5.411   4.603   -8.759  1.00 28.07 ? 700 SER A C   1 
ATOM   731  O  O   . SER A 1 107 ? 6.337   3.785   -8.645  1.00 29.30 ? 700 SER A O   1 
ATOM   732  C  CB  . SER A 1 107 ? 3.054   3.825   -8.676  1.00 27.43 ? 700 SER A CB  1 
ATOM   733  O  OG  . SER A 1 107 ? 2.650   4.598   -9.815  1.00 28.30 ? 700 SER A OG  1 
ATOM   734  N  N   . PHE A 1 108 ? 5.435   5.601   -9.637  1.00 26.81 ? 701 PHE A N   1 
ATOM   735  C  CA  . PHE A 1 108 ? 6.565   5.767   -10.572 1.00 28.73 ? 701 PHE A CA  1 
ATOM   736  C  C   . PHE A 1 108 ? 7.897   6.133   -9.929  1.00 30.35 ? 701 PHE A C   1 
ATOM   737  O  O   . PHE A 1 108 ? 8.946   6.146   -10.633 1.00 33.22 ? 701 PHE A O   1 
ATOM   738  C  CB  . PHE A 1 108 ? 6.200   6.784   -11.687 1.00 28.90 ? 701 PHE A CB  1 
ATOM   739  C  CG  . PHE A 1 108 ? 5.773   8.119   -11.180 1.00 28.97 ? 701 PHE A CG  1 
ATOM   740  C  CD1 . PHE A 1 108 ? 4.406   8.447   -11.104 1.00 28.11 ? 701 PHE A CD1 1 
ATOM   741  C  CD2 . PHE A 1 108 ? 6.713   9.060   -10.762 1.00 30.56 ? 701 PHE A CD2 1 
ATOM   742  C  CE1 . PHE A 1 108 ? 3.975   9.693   -10.656 1.00 27.36 ? 701 PHE A CE1 1 
ATOM   743  C  CE2 . PHE A 1 108 ? 6.316   10.315  -10.296 1.00 29.79 ? 701 PHE A CE2 1 
ATOM   744  C  CZ  . PHE A 1 108 ? 4.914   10.649  -10.252 1.00 30.53 ? 701 PHE A CZ  1 
ATOM   745  N  N   . LEU A 1 109 ? 7.880   6.479   -8.646  1.00 31.42 ? 702 LEU A N   1 
ATOM   746  C  CA  . LEU A 1 109 ? 9.143   6.808   -7.982  1.00 34.23 ? 702 LEU A CA  1 
ATOM   747  C  C   . LEU A 1 109 ? 9.606   5.684   -7.112  1.00 36.48 ? 702 LEU A C   1 
ATOM   748  O  O   . LEU A 1 109 ? 10.660  5.798   -6.473  1.00 38.12 ? 702 LEU A O   1 
ATOM   749  C  CB  . LEU A 1 109 ? 9.089   8.083   -7.161  1.00 34.37 ? 702 LEU A CB  1 
ATOM   750  C  CG  . LEU A 1 109 ? 9.010   9.387   -7.935  1.00 35.16 ? 702 LEU A CG  1 
ATOM   751  C  CD1 . LEU A 1 109 ? 9.023   10.570  -6.953  1.00 37.37 ? 702 LEU A CD1 1 
ATOM   752  C  CD2 . LEU A 1 109 ? 10.108  9.507   -9.004  1.00 38.27 ? 702 LEU A CD2 1 
ATOM   753  N  N   . ALA A 1 110 ? 8.834   4.614   -7.076  1.00 36.83 ? 703 ALA A N   1 
ATOM   754  C  CA  . ALA A 1 110 ? 9.175   3.518   -6.193  1.00 38.84 ? 703 ALA A CA  1 
ATOM   755  C  C   . ALA A 1 110 ? 10.161  2.574   -6.898  1.00 39.68 ? 703 ALA A C   1 
ATOM   756  O  O   . ALA A 1 110 ? 10.576  1.554   -6.336  1.00 40.16 ? 703 ALA A O   1 
ATOM   757  C  CB  . ALA A 1 110 ? 7.921   2.816   -5.718  1.00 37.94 ? 703 ALA A CB  1 
ATOM   758  N  N   . LYS A 1 111 ? 10.526  2.924   -8.139  1.00 40.43 ? 704 LYS A N   1 
ATOM   759  C  CA  . LYS A 1 111 ? 11.355  2.081   -8.999  1.00 42.30 ? 704 LYS A CA  1 
ATOM   760  C  C   . LYS A 1 111 ? 12.656  1.718   -8.303  1.00 41.25 ? 704 LYS A C   1 
ATOM   761  O  O   . LYS A 1 111 ? 13.388  2.609   -7.847  1.00 42.39 ? 704 LYS A O   1 
ATOM   762  C  CB  . LYS A 1 111 ? 11.654  2.827   -10.316 1.00 42.90 ? 704 LYS A CB  1 
ATOM   763  C  CG  . LYS A 1 111 ? 12.538  2.082   -11.315 1.00 44.98 ? 704 LYS A CG  1 
ATOM   764  C  CD  . LYS A 1 111 ? 12.959  3.020   -12.451 1.00 45.69 ? 704 LYS A CD  1 
ATOM   765  C  CE  . LYS A 1 111 ? 13.736  2.270   -13.529 1.00 48.97 ? 704 LYS A CE  1 
ATOM   766  N  NZ  . LYS A 1 111 ? 14.913  3.069   -13.988 1.00 50.80 ? 704 LYS A NZ  1 
ATOM   767  N  N   . GLY A 1 112 ? 12.930  0.419   -8.230  1.00 41.02 ? 705 GLY A N   1 
ATOM   768  C  CA  . GLY A 1 112 ? 14.163  -0.094  -7.635  1.00 40.80 ? 705 GLY A CA  1 
ATOM   769  C  C   . GLY A 1 112 ? 14.164  -0.030  -6.126  1.00 40.02 ? 705 GLY A C   1 
ATOM   770  O  O   . GLY A 1 112 ? 15.238  -0.104  -5.513  1.00 41.60 ? 705 GLY A O   1 
ATOM   771  N  N   . LEU A 1 113 ? 12.978  0.121   -5.522  1.00 37.99 ? 706 LEU A N   1 
ATOM   772  C  CA  . LEU A 1 113 ? 12.894  0.287   -4.061  1.00 35.87 ? 706 LEU A CA  1 
ATOM   773  C  C   . LEU A 1 113 ? 12.180  -0.887  -3.424  1.00 35.16 ? 706 LEU A C   1 
ATOM   774  O  O   . LEU A 1 113 ? 11.297  -1.471  -4.018  1.00 35.23 ? 706 LEU A O   1 
ATOM   775  C  CB  . LEU A 1 113 ? 12.178  1.586   -3.681  1.00 36.38 ? 706 LEU A CB  1 
ATOM   776  C  CG  . LEU A 1 113 ? 12.823  2.901   -4.182  1.00 36.50 ? 706 LEU A CG  1 
ATOM   777  C  CD1 . LEU A 1 113 ? 12.070  4.104   -3.617  1.00 36.69 ? 706 LEU A CD1 1 
ATOM   778  C  CD2 . LEU A 1 113 ? 14.304  2.960   -3.871  1.00 39.22 ? 706 LEU A CD2 1 
ATOM   779  N  N   . GLU A 1 114 ? 12.590  -1.232  -2.210  1.00 33.46 ? 707 GLU A N   1 
ATOM   780  C  CA  . GLU A 1 114 ? 11.849  -2.219  -1.412  1.00 32.67 ? 707 GLU A CA  1 
ATOM   781  C  C   . GLU A 1 114 ? 11.674  -1.580  -0.035  1.00 31.11 ? 707 GLU A C   1 
ATOM   782  O  O   . GLU A 1 114 ? 12.544  -0.815  0.408   1.00 31.86 ? 707 GLU A O   1 
ATOM   783  C  CB  . GLU A 1 114 ? 12.612  -3.561  -1.311  1.00 33.27 ? 707 GLU A CB  1 
ATOM   784  C  CG  . GLU A 1 114 ? 14.076  -3.456  -0.871  1.00 37.84 ? 707 GLU A CG  1 
ATOM   785  C  CD  . GLU A 1 114 ? 14.284  -3.149  0.638   1.00 40.29 ? 707 GLU A CD  1 
ATOM   786  O  OE1 . GLU A 1 114 ? 15.315  -2.526  0.972   1.00 41.61 ? 707 GLU A OE1 1 
ATOM   787  O  OE2 . GLU A 1 114 ? 13.424  -3.504  1.475   1.00 42.34 ? 707 GLU A OE2 1 
ATOM   788  N  N   . PHE A 1 115 ? 10.541  -1.876  0.614   1.00 29.83 ? 708 PHE A N   1 
ATOM   789  C  CA  . PHE A 1 115 ? 10.242  -1.327  1.909   1.00 29.08 ? 708 PHE A CA  1 
ATOM   790  C  C   . PHE A 1 115 ? 9.845   -2.455  2.856   1.00 29.50 ? 708 PHE A C   1 
ATOM   791  O  O   . PHE A 1 115 ? 9.260   -3.446  2.427   1.00 31.61 ? 708 PHE A O   1 
ATOM   792  C  CB  . PHE A 1 115 ? 9.063   -0.348  1.777   1.00 30.72 ? 708 PHE A CB  1 
ATOM   793  C  CG  . PHE A 1 115 ? 9.323   0.755   0.780   1.00 30.38 ? 708 PHE A CG  1 
ATOM   794  C  CD1 . PHE A 1 115 ? 10.143  1.821   1.116   1.00 35.11 ? 708 PHE A CD1 1 
ATOM   795  C  CD2 . PHE A 1 115 ? 8.718   0.725   -0.482  1.00 34.22 ? 708 PHE A CD2 1 
ATOM   796  C  CE1 . PHE A 1 115 ? 10.373  2.849   0.189   1.00 35.07 ? 708 PHE A CE1 1 
ATOM   797  C  CE2 . PHE A 1 115 ? 8.942   1.753   -1.409  1.00 36.21 ? 708 PHE A CE2 1 
ATOM   798  C  CZ  . PHE A 1 115 ? 9.759   2.804   -1.062  1.00 35.83 ? 708 PHE A CZ  1 
ATOM   799  N  N   . ASP A 1 116 ? 10.166  -2.300  4.143   1.00 29.97 ? 709 ASP A N   1 
ATOM   800  C  CA  . ASP A 1 116 ? 9.734   -3.227  5.168   1.00 29.86 ? 709 ASP A CA  1 
ATOM   801  C  C   . ASP A 1 116 ? 8.213   -3.409  5.134   1.00 30.02 ? 709 ASP A C   1 
ATOM   802  O  O   . ASP A 1 116 ? 7.709   -4.526  5.027   1.00 29.83 ? 709 ASP A O   1 
ATOM   803  C  CB  . ASP A 1 116 ? 10.153  -2.606  6.496   1.00 30.94 ? 709 ASP A CB  1 
ATOM   804  C  CG  . ASP A 1 116 ? 9.949   -3.513  7.665   1.00 34.85 ? 709 ASP A CG  1 
ATOM   805  O  OD1 . ASP A 1 116 ? 9.912   -4.750  7.477   1.00 36.80 ? 709 ASP A OD1 1 
ATOM   806  O  OD2 . ASP A 1 116 ? 9.870   -2.957  8.791   1.00 37.88 ? 709 ASP A OD2 1 
ATOM   807  N  N   . ALA A 1 117 ? 7.495   -2.294  5.200   1.00 28.84 ? 710 ALA A N   1 
ATOM   808  C  CA  . ALA A 1 117 ? 6.027   -2.306  5.177   1.00 27.87 ? 710 ALA A CA  1 
ATOM   809  C  C   . ALA A 1 117 ? 5.564   -1.313  4.118   1.00 28.35 ? 710 ALA A C   1 
ATOM   810  O  O   . ALA A 1 117 ? 6.157   -0.231  3.935   1.00 28.17 ? 710 ALA A O   1 
ATOM   811  C  CB  . ALA A 1 117 ? 5.496   -1.897  6.527   1.00 28.40 ? 710 ALA A CB  1 
ATOM   812  N  N   . VAL A 1 118 ? 4.498   -1.689  3.425   1.00 28.36 ? 711 VAL A N   1 
ATOM   813  C  CA  . VAL A 1 118 ? 3.903   -0.804  2.432   1.00 27.52 ? 711 VAL A CA  1 
ATOM   814  C  C   . VAL A 1 118 ? 2.429   -0.680  2.766   1.00 28.77 ? 711 VAL A C   1 
ATOM   815  O  O   . VAL A 1 118 ? 1.774   -1.671  3.077   1.00 28.95 ? 711 VAL A O   1 
ATOM   816  C  CB  . VAL A 1 118 ? 4.045   -1.393  0.985   1.00 28.89 ? 711 VAL A CB  1 
ATOM   817  C  CG1 . VAL A 1 118 ? 3.172   -0.606  -0.016  1.00 30.19 ? 711 VAL A CG1 1 
ATOM   818  C  CG2 . VAL A 1 118 ? 5.541   -1.340  0.552   1.00 29.50 ? 711 VAL A CG2 1 
ATOM   819  N  N   . ILE A 1 119 ? 1.930   0.540   2.643   1.00 27.26 ? 712 ILE A N   1 
ATOM   820  C  CA  . ILE A 1 119 ? 0.462   0.748   2.611   1.00 27.65 ? 712 ILE A CA  1 
ATOM   821  C  C   . ILE A 1 119 ? 0.104   1.225   1.209   1.00 27.78 ? 712 ILE A C   1 
ATOM   822  O  O   . ILE A 1 119 ? 0.615   2.261   0.783   1.00 28.53 ? 712 ILE A O   1 
ATOM   823  C  CB  . ILE A 1 119 ? 0.045   1.784   3.637   1.00 27.34 ? 712 ILE A CB  1 
ATOM   824  C  CG1 . ILE A 1 119 ? 0.378   1.307   5.056   1.00 29.20 ? 712 ILE A CG1 1 
ATOM   825  C  CG2 . ILE A 1 119 ? -1.485  2.150   3.503   1.00 28.61 ? 712 ILE A CG2 1 
ATOM   826  C  CD1 . ILE A 1 119 ? 0.270   2.454   6.141   1.00 28.93 ? 712 ILE A CD1 1 
ATOM   827  N  N   . VAL A 1 120 ? -0.691  0.442   0.466   1.00 27.27 ? 713 VAL A N   1 
ATOM   828  C  CA  . VAL A 1 120 ? -1.134  0.843   -0.864  1.00 26.74 ? 713 VAL A CA  1 
ATOM   829  C  C   . VAL A 1 120 ? -2.329  1.759   -0.704  1.00 27.37 ? 713 VAL A C   1 
ATOM   830  O  O   . VAL A 1 120 ? -3.388  1.355   -0.227  1.00 28.83 ? 713 VAL A O   1 
ATOM   831  C  CB  . VAL A 1 120 ? -1.517  -0.388  -1.738  1.00 27.80 ? 713 VAL A CB  1 
ATOM   832  C  CG1 . VAL A 1 120 ? -1.887  0.057   -3.124  1.00 26.73 ? 713 VAL A CG1 1 
ATOM   833  C  CG2 . VAL A 1 120 ? -0.340  -1.358  -1.776  1.00 29.25 ? 713 VAL A CG2 1 
ATOM   834  N  N   . TRP A 1 121 ? -2.172  3.003   -1.168  1.00 26.99 ? 714 TRP A N   1 
ATOM   835  C  CA  . TRP A 1 121 ? -3.258  3.970   -0.984  1.00 27.72 ? 714 TRP A CA  1 
ATOM   836  C  C   . TRP A 1 121 ? -4.290  3.891   -2.112  1.00 28.96 ? 714 TRP A C   1 
ATOM   837  O  O   . TRP A 1 121 ? -4.008  4.126   -3.318  1.00 28.42 ? 714 TRP A O   1 
ATOM   838  C  CB  . TRP A 1 121 ? -2.711  5.420   -0.850  1.00 28.13 ? 714 TRP A CB  1 
ATOM   839  C  CG  . TRP A 1 121 ? -3.792  6.427   -0.888  1.00 27.78 ? 714 TRP A CG  1 
ATOM   840  C  CD1 . TRP A 1 121 ? -3.995  7.395   -1.859  1.00 30.05 ? 714 TRP A CD1 1 
ATOM   841  C  CD2 . TRP A 1 121 ? -4.883  6.544   0.032   1.00 29.07 ? 714 TRP A CD2 1 
ATOM   842  N  NE1 . TRP A 1 121 ? -5.133  8.142   -1.563  1.00 28.63 ? 714 TRP A NE1 1 
ATOM   843  C  CE2 . TRP A 1 121 ? -5.704  7.621   -0.420  1.00 27.59 ? 714 TRP A CE2 1 
ATOM   844  C  CE3 . TRP A 1 121 ? -5.234  5.872   1.214   1.00 30.22 ? 714 TRP A CE3 1 
ATOM   845  C  CZ2 . TRP A 1 121 ? -6.842  8.021   0.278   1.00 28.61 ? 714 TRP A CZ2 1 
ATOM   846  C  CZ3 . TRP A 1 121 ? -6.408  6.262   1.895   1.00 27.83 ? 714 TRP A CZ3 1 
ATOM   847  C  CH2 . TRP A 1 121 ? -7.181  7.322   1.410   1.00 27.84 ? 714 TRP A CH2 1 
ATOM   848  N  N   . ASN A 1 122 ? -5.508  3.571   -1.691  1.00 28.25 ? 715 ASN A N   1 
ATOM   849  C  CA  . ASN A 1 122 ? -6.687  3.638   -2.568  1.00 27.68 ? 715 ASN A CA  1 
ATOM   850  C  C   . ASN A 1 122 ? -6.632  2.647   -3.727  1.00 27.35 ? 715 ASN A C   1 
ATOM   851  O  O   . ASN A 1 122 ? -6.753  3.019   -4.909  1.00 28.34 ? 715 ASN A O   1 
ATOM   852  C  CB  . ASN A 1 122 ? -7.027  5.045   -3.033  1.00 27.53 ? 715 ASN A CB  1 
ATOM   853  C  CG  . ASN A 1 122 ? -8.543  5.217   -3.168  1.00 28.17 ? 715 ASN A CG  1 
ATOM   854  O  OD1 . ASN A 1 122 ? -9.257  4.243   -2.954  1.00 29.64 ? 715 ASN A OD1 1 
ATOM   855  N  ND2 . ASN A 1 122 ? -9.023  6.408   -3.566  1.00 32.02 ? 715 ASN A ND2 1 
ATOM   856  N  N   . ALA A 1 123 ? -6.516  1.392   -3.342  1.00 27.61 ? 716 ALA A N   1 
ATOM   857  C  CA  . ALA A 1 123 ? -6.549  0.258   -4.261  1.00 28.03 ? 716 ALA A CA  1 
ATOM   858  C  C   . ALA A 1 123 ? -7.997  -0.079  -4.639  1.00 28.18 ? 716 ALA A C   1 
ATOM   859  O  O   . ALA A 1 123 ? -8.452  -1.223  -4.425  1.00 28.50 ? 716 ALA A O   1 
ATOM   860  C  CB  . ALA A 1 123 ? -5.906  -0.975  -3.574  1.00 29.82 ? 716 ALA A CB  1 
ATOM   861  N  N   . ASN A 1 124 ? -8.698  0.905   -5.201  1.00 27.59 ? 717 ASN A N   1 
ATOM   862  C  CA  . ASN A 1 124 ? -10.128 0.769   -5.377  1.00 28.53 ? 717 ASN A CA  1 
ATOM   863  C  C   . ASN A 1 124 ? -10.504 0.532   -6.840  1.00 29.14 ? 717 ASN A C   1 
ATOM   864  O  O   . ASN A 1 124 ? -9.629  0.302   -7.698  1.00 29.75 ? 717 ASN A O   1 
ATOM   865  C  CB  . ASN A 1 124 ? -10.881 1.980   -4.804  1.00 28.00 ? 717 ASN A CB  1 
ATOM   866  C  CG  . ASN A 1 124 ? -10.641 3.253   -5.608  1.00 29.92 ? 717 ASN A CG  1 
ATOM   867  O  OD1 . ASN A 1 124 ? -9.822  3.269   -6.524  1.00 29.55 ? 717 ASN A OD1 1 
ATOM   868  N  ND2 . ASN A 1 124 ? -11.372 4.334   -5.263  1.00 29.97 ? 717 ASN A ND2 1 
ATOM   869  N  N   . GLN A 1 125 ? -11.797 0.528   -7.120  1.00 28.40 ? 718 GLN A N   1 
ATOM   870  C  CA  . GLN A 1 125 ? -12.266 0.216   -8.472  1.00 29.52 ? 718 GLN A CA  1 
ATOM   871  C  C   . GLN A 1 125 ? -11.887 1.347   -9.420  1.00 30.46 ? 718 GLN A C   1 
ATOM   872  O  O   . GLN A 1 125 ? -11.421 1.089   -10.542 1.00 30.50 ? 718 GLN A O   1 
ATOM   873  C  CB  . GLN A 1 125 ? -13.784 0.054   -8.383  1.00 29.92 ? 718 GLN A CB  1 
ATOM   874  C  CG  . GLN A 1 125 ? -14.438 -0.262  -9.612  1.00 33.94 ? 718 GLN A CG  1 
ATOM   875  C  CD  . GLN A 1 125 ? -15.919 -0.413  -9.327  1.00 41.32 ? 718 GLN A CD  1 
ATOM   876  O  OE1 . GLN A 1 125 ? -16.337 -1.398  -8.724  1.00 45.19 ? 718 GLN A OE1 1 
ATOM   877  N  NE2 . GLN A 1 125 ? -16.696 0.605   -9.674  1.00 46.09 ? 718 GLN A NE2 1 
ATOM   878  N  N   . GLU A 1 126 ? -12.064 2.593   -8.979  1.00 30.55 ? 719 GLU A N   1 
ATOM   879  C  CA  . GLU A 1 126 ? -11.799 3.702   -9.887  1.00 32.78 ? 719 GLU A CA  1 
ATOM   880  C  C   . GLU A 1 126 ? -10.338 3.737   -10.299 1.00 31.60 ? 719 GLU A C   1 
ATOM   881  O  O   . GLU A 1 126 ? -10.022 4.021   -11.468 1.00 32.96 ? 719 GLU A O   1 
ATOM   882  C  CB  . GLU A 1 126 ? -12.181 5.028   -9.250  1.00 33.79 ? 719 GLU A CB  1 
ATOM   883  C  CG  . GLU A 1 126 ? -12.108 6.108   -10.316 1.00 39.53 ? 719 GLU A CG  1 
ATOM   884  C  CD  . GLU A 1 126 ? -12.629 7.420   -9.848  1.00 46.40 ? 719 GLU A CD  1 
ATOM   885  O  OE1 . GLU A 1 126 ? -13.176 7.482   -8.722  1.00 49.13 ? 719 GLU A OE1 1 
ATOM   886  O  OE2 . GLU A 1 126 ? -12.462 8.390   -10.618 1.00 49.46 ? 719 GLU A OE2 1 
ATOM   887  N  N   . ASN A 1 127 ? -9.459  3.461   -9.340  1.00 30.09 ? 720 ASN A N   1 
ATOM   888  C  CA  . ASN A 1 127 ? -8.021  3.583   -9.579  1.00 29.75 ? 720 ASN A CA  1 
ATOM   889  C  C   . ASN A 1 127 ? -7.415  2.374   -10.286 1.00 30.22 ? 720 ASN A C   1 
ATOM   890  O  O   . ASN A 1 127 ? -6.352  2.505   -10.969 1.00 31.63 ? 720 ASN A O   1 
ATOM   891  C  CB  . ASN A 1 127 ? -7.274  3.816   -8.248  1.00 28.44 ? 720 ASN A CB  1 
ATOM   892  C  CG  . ASN A 1 127 ? -7.346  5.269   -7.802  1.00 32.49 ? 720 ASN A CG  1 
ATOM   893  O  OD1 . ASN A 1 127 ? -7.452  5.556   -6.596  1.00 40.71 ? 720 ASN A OD1 1 
ATOM   894  N  ND2 . ASN A 1 127 ? -7.232  6.174   -8.751  1.00 28.89 ? 720 ASN A ND2 1 
ATOM   895  N  N   . TYR A 1 128 ? -8.015  1.192   -10.078 1.00 30.27 ? 721 TYR A N   1 
ATOM   896  C  CA  . TYR A 1 128 ? -7.441  -0.014  -10.634 1.00 30.46 ? 721 TYR A CA  1 
ATOM   897  C  C   . TYR A 1 128 ? -8.557  -0.840  -11.234 1.00 31.11 ? 721 TYR A C   1 
ATOM   898  O  O   . TYR A 1 128 ? -8.956  -1.849  -10.666 1.00 30.85 ? 721 TYR A O   1 
ATOM   899  C  CB  . TYR A 1 128 ? -6.682  -0.785  -9.534  1.00 31.39 ? 721 TYR A CB  1 
ATOM   900  C  CG  . TYR A 1 128 ? -5.491  -0.025  -9.008  1.00 31.77 ? 721 TYR A CG  1 
ATOM   901  C  CD1 . TYR A 1 128 ? -4.239  -0.081  -9.665  1.00 29.39 ? 721 TYR A CD1 1 
ATOM   902  C  CD2 . TYR A 1 128 ? -5.582  0.737   -7.842  1.00 30.74 ? 721 TYR A CD2 1 
ATOM   903  C  CE1 . TYR A 1 128 ? -3.146  0.629   -9.184  1.00 30.63 ? 721 TYR A CE1 1 
ATOM   904  C  CE2 . TYR A 1 128 ? -4.461  1.474   -7.337  1.00 31.04 ? 721 TYR A CE2 1 
ATOM   905  C  CZ  . TYR A 1 128 ? -3.248  1.398   -8.015  1.00 30.95 ? 721 TYR A CZ  1 
ATOM   906  O  OH  . TYR A 1 128 ? -2.153  2.108   -7.518  1.00 32.09 ? 721 TYR A OH  1 
ATOM   907  N  N   . GLN A 1 129 ? -9.023  -0.408  -12.420 1.00 31.62 ? 722 GLN A N   1 
ATOM   908  C  CA  . GLN A 1 129 ? -10.177 -0.966  -13.057 1.00 33.63 ? 722 GLN A CA  1 
ATOM   909  C  C   . GLN A 1 129 ? -9.780  -1.837  -14.252 1.00 32.29 ? 722 GLN A C   1 
ATOM   910  O  O   . GLN A 1 129 ? -10.446 -2.818  -14.569 1.00 32.43 ? 722 GLN A O   1 
ATOM   911  C  CB  . GLN A 1 129 ? -11.043 0.208   -13.581 1.00 35.02 ? 722 GLN A CB  1 
ATOM   912  C  CG  . GLN A 1 129 ? -12.147 -0.164  -14.520 1.00 41.13 ? 722 GLN A CG  1 
ATOM   913  C  CD  . GLN A 1 129 ? -13.385 -0.573  -13.773 1.00 48.48 ? 722 GLN A CD  1 
ATOM   914  O  OE1 . GLN A 1 129 ? -14.074 0.271   -13.183 1.00 50.81 ? 722 GLN A OE1 1 
ATOM   915  N  NE2 . GLN A 1 129 ? -13.687 -1.860  -13.789 1.00 50.85 ? 722 GLN A NE2 1 
ATOM   916  N  N   . ARG A 1 130 ? -8.668  -1.494  -14.897 1.00 30.50 ? 723 ARG A N   1 
ATOM   917  C  CA  . ARG A 1 130 ? -8.366  -2.079  -16.198 1.00 30.88 ? 723 ARG A CA  1 
ATOM   918  C  C   . ARG A 1 130 ? -7.440  -3.259  -16.075 1.00 29.03 ? 723 ARG A C   1 
ATOM   919  O  O   . ARG A 1 130 ? -6.536  -3.264  -15.240 1.00 29.11 ? 723 ARG A O   1 
ATOM   920  C  CB  . ARG A 1 130 ? -7.712  -1.033  -17.123 1.00 30.43 ? 723 ARG A CB  1 
ATOM   921  C  CG  . ARG A 1 130 ? -8.587  0.168   -17.331 1.00 31.17 ? 723 ARG A CG  1 
ATOM   922  C  CD  . ARG A 1 130 ? -8.009  1.050   -18.444 1.00 29.95 ? 723 ARG A CD  1 
ATOM   923  N  NE  . ARG A 1 130 ? -7.990  0.393   -19.742 1.00 31.37 ? 723 ARG A NE  1 
ATOM   924  C  CZ  . ARG A 1 130 ? -9.029  0.262   -20.554 1.00 32.44 ? 723 ARG A CZ  1 
ATOM   925  N  NH1 . ARG A 1 130 ? -10.235 0.750   -20.202 1.00 32.97 ? 723 ARG A NH1 1 
ATOM   926  N  NH2 . ARG A 1 130 ? -8.866  -0.342  -21.726 1.00 32.91 ? 723 ARG A NH2 1 
ATOM   927  N  N   . GLU A 1 131 ? -7.631  -4.248  -16.958 1.00 28.84 ? 724 GLU A N   1 
ATOM   928  C  CA  . GLU A 1 131 ? -6.717  -5.374  -17.014 1.00 28.48 ? 724 GLU A CA  1 
ATOM   929  C  C   . GLU A 1 131 ? -5.282  -4.923  -17.198 1.00 28.38 ? 724 GLU A C   1 
ATOM   930  O  O   . GLU A 1 131 ? -4.354  -5.541  -16.647 1.00 28.12 ? 724 GLU A O   1 
ATOM   931  C  CB  . GLU A 1 131 ? -7.077  -6.351  -18.111 1.00 30.46 ? 724 GLU A CB  1 
ATOM   932  C  CG  . GLU A 1 131 ? -8.376  -7.081  -17.787 1.00 32.46 ? 724 GLU A CG  1 
ATOM   933  C  CD  . GLU A 1 131 ? -8.229  -8.039  -16.602 1.00 34.22 ? 724 GLU A CD  1 
ATOM   934  O  OE1 . GLU A 1 131 ? -7.379  -8.946  -16.658 1.00 34.57 ? 724 GLU A OE1 1 
ATOM   935  O  OE2 . GLU A 1 131 ? -8.962  -7.843  -15.621 1.00 38.12 ? 724 GLU A OE2 1 
ATOM   936  N  N   . ASP A 1 132 ? -5.111  -3.850  -17.948 1.00 27.49 ? 725 ASP A N   1 
ATOM   937  C  CA  . ASP A 1 132 ? -3.756  -3.363  -18.197 1.00 27.32 ? 725 ASP A CA  1 
ATOM   938  C  C   . ASP A 1 132 ? -3.091  -2.808  -16.955 1.00 27.67 ? 725 ASP A C   1 
ATOM   939  O  O   . ASP A 1 132 ? -1.865  -2.590  -16.988 1.00 28.64 ? 725 ASP A O   1 
ATOM   940  C  CB  . ASP A 1 132 ? -3.763  -2.302  -19.317 1.00 26.75 ? 725 ASP A CB  1 
ATOM   941  C  CG  . ASP A 1 132 ? -2.371  -2.039  -19.852 1.00 27.24 ? 725 ASP A CG  1 
ATOM   942  O  OD1 . ASP A 1 132 ? -1.829  -3.003  -20.437 1.00 27.96 ? 725 ASP A OD1 1 
ATOM   943  O  OD2 . ASP A 1 132 ? -1.863  -0.892  -19.713 1.00 27.34 ? 725 ASP A OD2 1 
ATOM   944  N  N   . GLU A 1 133 ? -3.878  -2.519  -15.909 1.00 25.77 ? 726 GLU A N   1 
ATOM   945  C  CA  . GLU A 1 133 ? -3.343  -1.983  -14.638 1.00 26.67 ? 726 GLU A CA  1 
ATOM   946  C  C   . GLU A 1 133 ? -2.884  -3.096  -13.681 1.00 27.44 ? 726 GLU A C   1 
ATOM   947  O  O   . GLU A 1 133 ? -2.423  -2.797  -12.593 1.00 28.55 ? 726 GLU A O   1 
ATOM   948  C  CB  . GLU A 1 133 ? -4.384  -1.083  -13.963 1.00 27.03 ? 726 GLU A CB  1 
ATOM   949  C  CG  . GLU A 1 133 ? -4.411  0.257   -14.721 1.00 28.49 ? 726 GLU A CG  1 
ATOM   950  C  CD  . GLU A 1 133 ? -5.535  1.169   -14.299 1.00 32.97 ? 726 GLU A CD  1 
ATOM   951  O  OE1 . GLU A 1 133 ? -6.657  0.673   -14.042 1.00 34.48 ? 726 GLU A OE1 1 
ATOM   952  O  OE2 . GLU A 1 133 ? -5.284  2.402   -14.259 1.00 32.24 ? 726 GLU A OE2 1 
ATOM   953  N  N   . ARG A 1 134 ? -3.058  -4.368  -14.059 1.00 27.97 ? 727 ARG A N   1 
ATOM   954  C  CA  . ARG A 1 134 ? -2.600  -5.454  -13.160 1.00 28.23 ? 727 ARG A CA  1 
ATOM   955  C  C   . ARG A 1 134 ? -1.095  -5.342  -12.902 1.00 27.92 ? 727 ARG A C   1 
ATOM   956  O  O   . ARG A 1 134 ? -0.620  -5.555  -11.753 1.00 28.58 ? 727 ARG A O   1 
ATOM   957  C  CB  . ARG A 1 134 ? -2.907  -6.816  -13.781 1.00 28.08 ? 727 ARG A CB  1 
ATOM   958  C  CG  . ARG A 1 134 ? -4.389  -7.169  -13.673 1.00 28.12 ? 727 ARG A CG  1 
ATOM   959  C  CD  . ARG A 1 134 ? -4.657  -8.555  -14.207 1.00 26.86 ? 727 ARG A CD  1 
ATOM   960  N  NE  . ARG A 1 134 ? -6.094  -8.796  -14.119 1.00 28.27 ? 727 ARG A NE  1 
ATOM   961  C  CZ  . ARG A 1 134 ? -6.740  -9.132  -13.006 1.00 30.41 ? 727 ARG A CZ  1 
ATOM   962  N  NH1 . ARG A 1 134 ? -6.061  -9.341  -11.865 1.00 30.05 ? 727 ARG A NH1 1 
ATOM   963  N  NH2 . ARG A 1 134 ? -8.075  -9.244  -13.047 1.00 29.65 ? 727 ARG A NH2 1 
ATOM   964  N  N   . GLN A 1 135 ? -0.327  -5.024  -13.947 1.00 28.59 ? 728 GLN A N   1 
ATOM   965  C  CA  . GLN A 1 135 ? 1.143   -4.987  -13.799 1.00 29.02 ? 728 GLN A CA  1 
ATOM   966  C  C   . GLN A 1 135 ? 1.512   -3.923  -12.756 1.00 29.14 ? 728 GLN A C   1 
ATOM   967  O  O   . GLN A 1 135 ? 2.340   -4.153  -11.870 1.00 29.03 ? 728 GLN A O   1 
ATOM   968  C  CB  . GLN A 1 135 ? 1.803   -4.669  -15.137 1.00 30.77 ? 728 GLN A CB  1 
ATOM   969  C  CG  . GLN A 1 135 ? 3.302   -4.567  -15.033 1.00 34.30 ? 728 GLN A CG  1 
ATOM   970  C  CD  . GLN A 1 135 ? 3.909   -5.884  -14.575 1.00 39.47 ? 728 GLN A CD  1 
ATOM   971  O  OE1 . GLN A 1 135 ? 3.497   -6.953  -15.019 1.00 41.28 ? 728 GLN A OE1 1 
ATOM   972  N  NE2 . GLN A 1 135 ? 4.896   -5.806  -13.701 1.00 44.92 ? 728 GLN A NE2 1 
ATOM   973  N  N   . LEU A 1 136 ? 0.877   -2.756  -12.862 1.00 28.43 ? 729 LEU A N   1 
ATOM   974  C  CA  . LEU A 1 136 ? 1.109   -1.677  -11.882 1.00 29.03 ? 729 LEU A CA  1 
ATOM   975  C  C   . LEU A 1 136 ? 0.761   -2.100  -10.454 1.00 28.46 ? 729 LEU A C   1 
ATOM   976  O  O   . LEU A 1 136 ? 1.577   -1.929  -9.540  1.00 27.61 ? 729 LEU A O   1 
ATOM   977  C  CB  . LEU A 1 136 ? 0.290   -0.442  -12.287 1.00 29.21 ? 729 LEU A CB  1 
ATOM   978  C  CG  . LEU A 1 136 ? 0.365   0.698   -11.273 1.00 31.83 ? 729 LEU A CG  1 
ATOM   979  C  CD1 . LEU A 1 136 ? 1.753   1.291   -11.233 1.00 33.64 ? 729 LEU A CD1 1 
ATOM   980  C  CD2 . LEU A 1 136 ? -0.663  1.787   -11.640 1.00 33.41 ? 729 LEU A CD2 1 
ATOM   981  N  N   . LEU A 1 137 ? -0.444  -2.644  -10.248 1.00 27.95 ? 730 LEU A N   1 
ATOM   982  C  CA  . LEU A 1 137 ? -0.850  -3.006  -8.907  1.00 28.06 ? 730 LEU A CA  1 
ATOM   983  C  C   . LEU A 1 137 ? 0.060   -4.091  -8.351  1.00 28.06 ? 730 LEU A C   1 
ATOM   984  O  O   . LEU A 1 137 ? 0.472   -4.019  -7.193  1.00 27.97 ? 730 LEU A O   1 
ATOM   985  C  CB  . LEU A 1 137 ? -2.316  -3.463  -8.908  1.00 27.39 ? 730 LEU A CB  1 
ATOM   986  C  CG  . LEU A 1 137 ? -2.899  -3.788  -7.542  1.00 28.66 ? 730 LEU A CG  1 
ATOM   987  C  CD1 . LEU A 1 137 ? -2.841  -2.567  -6.609  1.00 27.53 ? 730 LEU A CD1 1 
ATOM   988  C  CD2 . LEU A 1 137 ? -4.343  -4.269  -7.740  1.00 31.02 ? 730 LEU A CD2 1 
ATOM   989  N  N   . TYR A 1 138 ? 0.414   -5.061  -9.193  1.00 27.25 ? 731 TYR A N   1 
ATOM   990  C  CA  . TYR A 1 138 ? 1.369   -6.102  -8.801  1.00 27.48 ? 731 TYR A CA  1 
ATOM   991  C  C   . TYR A 1 138 ? 2.708   -5.481  -8.359  1.00 28.57 ? 731 TYR A C   1 
ATOM   992  O  O   . TYR A 1 138 ? 3.257   -5.804  -7.301  1.00 28.17 ? 731 TYR A O   1 
ATOM   993  C  CB  . TYR A 1 138 ? 1.607   -7.002  -10.006 1.00 28.78 ? 731 TYR A CB  1 
ATOM   994  C  CG  . TYR A 1 138 ? 2.768   -7.937  -9.807  1.00 27.70 ? 731 TYR A CG  1 
ATOM   995  C  CD1 . TYR A 1 138 ? 2.616   -9.075  -9.026  1.00 30.78 ? 731 TYR A CD1 1 
ATOM   996  C  CD2 . TYR A 1 138 ? 3.988   -7.676  -10.392 1.00 28.90 ? 731 TYR A CD2 1 
ATOM   997  C  CE1 . TYR A 1 138 ? 3.704   -9.973  -8.859  1.00 30.18 ? 731 TYR A CE1 1 
ATOM   998  C  CE2 . TYR A 1 138 ? 5.064   -8.526  -10.227 1.00 30.12 ? 731 TYR A CE2 1 
ATOM   999  C  CZ  . TYR A 1 138 ? 4.920   -9.665  -9.457  1.00 31.03 ? 731 TYR A CZ  1 
ATOM   1000 O  OH  . TYR A 1 138 ? 6.022   -10.500 -9.315  1.00 35.00 ? 731 TYR A OH  1 
ATOM   1001 N  N   . THR A 1 139 ? 3.238   -4.618  -9.207  1.00 28.14 ? 732 THR A N   1 
ATOM   1002 C  CA  . THR A 1 139 ? 4.523   -3.975  -8.912  1.00 28.97 ? 732 THR A CA  1 
ATOM   1003 C  C   . THR A 1 139 ? 4.488   -3.189  -7.597  1.00 28.60 ? 732 THR A C   1 
ATOM   1004 O  O   . THR A 1 139 ? 5.402   -3.263  -6.811  1.00 30.49 ? 732 THR A O   1 
ATOM   1005 C  CB  . THR A 1 139 ? 4.937   -3.087  -10.074 1.00 29.12 ? 732 THR A CB  1 
ATOM   1006 O  OG1 . THR A 1 139 ? 5.062   -3.924  -11.224 1.00 30.06 ? 732 THR A OG1 1 
ATOM   1007 C  CG2 . THR A 1 139 ? 6.279   -2.429  -9.797  1.00 30.44 ? 732 THR A CG2 1 
ATOM   1008 N  N   . ILE A 1 140 ? 3.433   -2.421  -7.380  1.00 29.03 ? 733 ILE A N   1 
ATOM   1009 C  CA  . ILE A 1 140 ? 3.315   -1.657  -6.136  1.00 28.61 ? 733 ILE A CA  1 
ATOM   1010 C  C   . ILE A 1 140 ? 3.304   -2.586  -4.927  1.00 29.48 ? 733 ILE A C   1 
ATOM   1011 O  O   . ILE A 1 140 ? 4.037   -2.387  -3.958  1.00 29.65 ? 733 ILE A O   1 
ATOM   1012 C  CB  . ILE A 1 140 ? 2.054   -0.821  -6.164  1.00 29.00 ? 733 ILE A CB  1 
ATOM   1013 C  CG1 . ILE A 1 140 ? 2.193   0.277   -7.240  1.00 28.88 ? 733 ILE A CG1 1 
ATOM   1014 C  CG2 . ILE A 1 140 ? 1.766   -0.219  -4.783  1.00 31.15 ? 733 ILE A CG2 1 
ATOM   1015 C  CD1 . ILE A 1 140 ? 0.873   1.085   -7.435  1.00 31.36 ? 733 ILE A CD1 1 
ATOM   1016 N  N   . CYS A 1 141 ? 2.457   -3.598  -4.983  1.00 29.07 ? 734 CYS A N   1 
ATOM   1017 C  CA  . CYS A 1 141 ? 2.312   -4.477  -3.830  1.00 29.13 ? 734 CYS A CA  1 
ATOM   1018 C  C   . CYS A 1 141 ? 3.614   -5.242  -3.582  1.00 29.19 ? 734 CYS A C   1 
ATOM   1019 O  O   . CYS A 1 141 ? 3.956   -5.513  -2.419  1.00 29.54 ? 734 CYS A O   1 
ATOM   1020 C  CB  . CYS A 1 141 ? 1.159   -5.450  -4.074  1.00 30.06 ? 734 CYS A CB  1 
ATOM   1021 S  SG  . CYS A 1 141 ? -0.455  -4.699  -3.988  1.00 30.78 ? 734 CYS A SG  1 
ATOM   1022 N  N   . SER A 1 142 ? 4.342   -5.556  -4.658  1.00 28.43 ? 735 SER A N   1 
ATOM   1023 C  CA  A SER A 1 142 ? 5.548   -6.365  -4.583  0.50 28.65 ? 735 SER A CA  1 
ATOM   1024 C  CA  B SER A 1 142 ? 5.557   -6.361  -4.586  0.50 29.73 ? 735 SER A CA  1 
ATOM   1025 C  C   . SER A 1 142 ? 6.733   -5.599  -3.947  1.00 28.50 ? 735 SER A C   1 
ATOM   1026 O  O   . SER A 1 142 ? 7.776   -6.191  -3.671  1.00 30.12 ? 735 SER A O   1 
ATOM   1027 C  CB  A SER A 1 142 ? 5.902   -6.948  -5.963  0.50 28.43 ? 735 SER A CB  1 
ATOM   1028 C  CB  B SER A 1 142 ? 5.958   -6.856  -5.975  0.50 29.66 ? 735 SER A CB  1 
ATOM   1029 O  OG  A SER A 1 142 ? 4.894   -7.863  -6.393  0.50 25.91 ? 735 SER A OG  1 
ATOM   1030 O  OG  B SER A 1 142 ? 6.478   -5.785  -6.729  0.50 33.90 ? 735 SER A OG  1 
ATOM   1031 N  N   . ARG A 1 143 ? 6.558   -4.286  -3.724  1.00 29.82 ? 736 ARG A N   1 
ATOM   1032 C  CA  . ARG A 1 143 ? 7.585   -3.471  -3.047  1.00 30.89 ? 736 ARG A CA  1 
ATOM   1033 C  C   . ARG A 1 143 ? 7.664   -3.812  -1.565  1.00 29.99 ? 736 ARG A C   1 
ATOM   1034 O  O   . ARG A 1 143 ? 8.637   -3.451  -0.916  1.00 31.24 ? 736 ARG A O   1 
ATOM   1035 C  CB  . ARG A 1 143 ? 7.300   -1.985  -3.178  1.00 31.47 ? 736 ARG A CB  1 
ATOM   1036 C  CG  . ARG A 1 143 ? 7.131   -1.518  -4.618  1.00 34.66 ? 736 ARG A CG  1 
ATOM   1037 C  CD  . ARG A 1 143 ? 8.418   -1.130  -5.198  1.00 35.87 ? 736 ARG A CD  1 
ATOM   1038 N  NE  . ARG A 1 143 ? 8.303   -0.766  -6.609  1.00 40.42 ? 736 ARG A NE  1 
ATOM   1039 C  CZ  . ARG A 1 143 ? 9.293   -0.946  -7.474  1.00 41.14 ? 736 ARG A CZ  1 
ATOM   1040 N  NH1 . ARG A 1 143 ? 10.449  -1.471  -7.058  1.00 41.61 ? 736 ARG A NH1 1 
ATOM   1041 N  NH2 . ARG A 1 143 ? 9.131   -0.609  -8.759  1.00 42.42 ? 736 ARG A NH2 1 
ATOM   1042 N  N   . ALA A 1 144 ? 6.612   -4.448  -1.024  1.00 28.33 ? 737 ALA A N   1 
ATOM   1043 C  CA  . ALA A 1 144 ? 6.591   -4.795  0.417   1.00 27.96 ? 737 ALA A CA  1 
ATOM   1044 C  C   . ALA A 1 144 ? 7.375   -6.042  0.684   1.00 28.12 ? 737 ALA A C   1 
ATOM   1045 O  O   . ALA A 1 144 ? 7.126   -7.105  0.064   1.00 27.80 ? 737 ALA A O   1 
ATOM   1046 C  CB  . ALA A 1 144 ? 5.129   -5.043  0.912   1.00 28.28 ? 737 ALA A CB  1 
HETATM 1047 N  N   . MSE A 1 145 ? 8.269   -5.943  1.660   1.00 27.99 ? 738 MSE A N   1 
HETATM 1048 C  CA  . MSE A 1 145 ? 9.093   -7.088  2.028   1.00 29.45 ? 738 MSE A CA  1 
HETATM 1049 C  C   . MSE A 1 145 ? 8.412   -7.897  3.121   1.00 29.26 ? 738 MSE A C   1 
HETATM 1050 O  O   . MSE A 1 145 ? 8.390   -9.141  3.046   1.00 31.39 ? 738 MSE A O   1 
HETATM 1051 C  CB  . MSE A 1 145 ? 10.509  -6.655  2.436   1.00 29.97 ? 738 MSE A CB  1 
HETATM 1052 C  CG  . MSE A 1 145 ? 11.290  -6.053  1.304   1.00 30.96 ? 738 MSE A CG  1 
HETATM 1053 SE SE  . MSE A 1 145 ? 11.575  -7.288  -0.225  0.60 37.90 ? 738 MSE A SE  1 
HETATM 1054 C  CE  . MSE A 1 145 ? 10.267  -6.567  -1.521  1.00 36.23 ? 738 MSE A CE  1 
ATOM   1055 N  N   . HIS A 1 146 ? 7.852   -7.224  4.123   1.00 28.77 ? 739 HIS A N   1 
ATOM   1056 C  CA  . HIS A 1 146 ? 7.447   -7.912  5.362   1.00 28.01 ? 739 HIS A CA  1 
ATOM   1057 C  C   . HIS A 1 146 ? 5.967   -7.698  5.737   1.00 28.21 ? 739 HIS A C   1 
ATOM   1058 O  O   . HIS A 1 146 ? 5.312   -8.621  6.203   1.00 29.52 ? 739 HIS A O   1 
ATOM   1059 C  CB  . HIS A 1 146 ? 8.403   -7.544  6.522   1.00 29.10 ? 739 HIS A CB  1 
ATOM   1060 C  CG  . HIS A 1 146 ? 9.855   -7.819  6.194   1.00 30.83 ? 739 HIS A CG  1 
ATOM   1061 N  ND1 . HIS A 1 146 ? 10.854  -6.862  6.291   1.00 37.42 ? 739 HIS A ND1 1 
ATOM   1062 C  CD2 . HIS A 1 146 ? 10.458  -8.932  5.709   1.00 35.68 ? 739 HIS A CD2 1 
ATOM   1063 C  CE1 . HIS A 1 146 ? 12.003  -7.381  5.896   1.00 36.32 ? 739 HIS A CE1 1 
ATOM   1064 N  NE2 . HIS A 1 146 ? 11.795  -8.639  5.548   1.00 37.00 ? 739 HIS A NE2 1 
ATOM   1065 N  N   . GLU A 1 147 ? 5.442   -6.497  5.496   1.00 27.29 ? 740 GLU A N   1 
ATOM   1066 C  CA  . GLU A 1 147 ? 4.037   -6.176  5.816   1.00 27.59 ? 740 GLU A CA  1 
ATOM   1067 C  C   . GLU A 1 147 ? 3.415   -5.433  4.637   1.00 27.75 ? 740 GLU A C   1 
ATOM   1068 O  O   . GLU A 1 147 ? 4.013   -4.538  4.091   1.00 27.59 ? 740 GLU A O   1 
ATOM   1069 C  CB  . GLU A 1 147 ? 3.982   -5.284  7.055   1.00 30.02 ? 740 GLU A CB  1 
ATOM   1070 C  CG  . GLU A 1 147 ? 2.608   -5.251  7.727   1.00 34.07 ? 740 GLU A CG  1 
ATOM   1071 C  CD  . GLU A 1 147 ? 2.339   -6.511  8.582   1.00 40.81 ? 740 GLU A CD  1 
ATOM   1072 O  OE1 . GLU A 1 147 ? 3.318   -7.219  8.934   1.00 46.13 ? 740 GLU A OE1 1 
ATOM   1073 O  OE2 . GLU A 1 147 ? 1.163   -6.769  8.930   1.00 47.95 ? 740 GLU A OE2 1 
ATOM   1074 N  N   . LEU A 1 148 ? 2.215   -5.853  4.271   1.00 26.42 ? 741 LEU A N   1 
ATOM   1075 C  CA  . LEU A 1 148 ? 1.507   -5.233  3.146   1.00 25.96 ? 741 LEU A CA  1 
ATOM   1076 C  C   . LEU A 1 148 ? 0.062   -4.976  3.541   1.00 27.78 ? 741 LEU A C   1 
ATOM   1077 O  O   . LEU A 1 148 ? -0.649  -5.894  3.972   1.00 28.11 ? 741 LEU A O   1 
ATOM   1078 C  CB  . LEU A 1 148 ? 1.576   -6.149  1.924   1.00 26.47 ? 741 LEU A CB  1 
ATOM   1079 C  CG  . LEU A 1 148 ? 0.723   -5.740  0.721   1.00 26.48 ? 741 LEU A CG  1 
ATOM   1080 C  CD1 . LEU A 1 148 ? 1.203   -4.389  0.143   1.00 27.80 ? 741 LEU A CD1 1 
ATOM   1081 C  CD2 . LEU A 1 148 ? 0.686   -6.880  -0.375  1.00 27.09 ? 741 LEU A CD2 1 
ATOM   1082 N  N   . THR A 1 149 ? -0.359  -3.728  3.354   1.00 26.92 ? 742 THR A N   1 
ATOM   1083 C  CA  . THR A 1 149 ? -1.722  -3.291  3.705   1.00 26.77 ? 742 THR A CA  1 
ATOM   1084 C  C   . THR A 1 149 ? -2.250  -2.612  2.468   1.00 27.55 ? 742 THR A C   1 
ATOM   1085 O  O   . THR A 1 149 ? -1.554  -1.865  1.829   1.00 28.02 ? 742 THR A O   1 
ATOM   1086 C  CB  . THR A 1 149 ? -1.713  -2.235  4.850   1.00 27.25 ? 742 THR A CB  1 
ATOM   1087 O  OG1 . THR A 1 149 ? -1.149  -2.810  6.023   1.00 28.29 ? 742 THR A OG1 1 
ATOM   1088 C  CG2 . THR A 1 149 ? -3.162  -1.786  5.164   1.00 30.04 ? 742 THR A CG2 1 
ATOM   1089 N  N   . LEU A 1 150 ? -3.507  -2.896  2.131   1.00 27.28 ? 743 LEU A N   1 
ATOM   1090 C  CA  . LEU A 1 150 ? -4.200  -2.182  1.029   1.00 27.57 ? 743 LEU A CA  1 
ATOM   1091 C  C   . LEU A 1 150 ? -5.407  -1.508  1.610   1.00 27.94 ? 743 LEU A C   1 
ATOM   1092 O  O   . LEU A 1 150 ? -6.235  -2.149  2.261   1.00 29.36 ? 743 LEU A O   1 
ATOM   1093 C  CB  . LEU A 1 150 ? -4.639  -3.118  -0.119  1.00 28.59 ? 743 LEU A CB  1 
ATOM   1094 C  CG  . LEU A 1 150 ? -3.537  -3.696  -0.998  1.00 29.04 ? 743 LEU A CG  1 
ATOM   1095 C  CD1 . LEU A 1 150 ? -2.805  -4.800  -0.290  1.00 31.77 ? 743 LEU A CD1 1 
ATOM   1096 C  CD2 . LEU A 1 150 ? -4.210  -4.296  -2.257  1.00 31.38 ? 743 LEU A CD2 1 
ATOM   1097 N  N   . VAL A 1 151 ? -5.524  -0.216  1.326   1.00 26.84 ? 744 VAL A N   1 
ATOM   1098 C  CA  . VAL A 1 151 ? -6.719  0.561   1.731   1.00 27.14 ? 744 VAL A CA  1 
ATOM   1099 C  C   . VAL A 1 151 ? -7.459  0.979   0.496   1.00 27.99 ? 744 VAL A C   1 
ATOM   1100 O  O   . VAL A 1 151 ? -6.859  1.543   -0.400  1.00 27.88 ? 744 VAL A O   1 
ATOM   1101 C  CB  . VAL A 1 151 ? -6.341  1.820   2.589   1.00 27.80 ? 744 VAL A CB  1 
ATOM   1102 C  CG1 . VAL A 1 151 ? -7.592  2.645   2.943   1.00 29.25 ? 744 VAL A CG1 1 
ATOM   1103 C  CG2 . VAL A 1 151 ? -5.603  1.414   3.869   1.00 28.21 ? 744 VAL A CG2 1 
ATOM   1104 N  N   . ALA A 1 152 ? -8.773  0.718   0.443   1.00 27.13 ? 745 ALA A N   1 
ATOM   1105 C  CA  . ALA A 1 152 ? -9.558  1.092   -0.752  1.00 27.57 ? 745 ALA A CA  1 
ATOM   1106 C  C   . ALA A 1 152 ? -10.687 1.965   -0.279  1.00 28.83 ? 745 ALA A C   1 
ATOM   1107 O  O   . ALA A 1 152 ? -11.284 1.675   0.751   1.00 30.16 ? 745 ALA A O   1 
ATOM   1108 C  CB  . ALA A 1 152 ? -10.148 -0.181  -1.430  1.00 29.53 ? 745 ALA A CB  1 
ATOM   1109 N  N   . VAL A 1 153 ? -10.981 3.010   -1.035  1.00 26.26 ? 746 VAL A N   1 
ATOM   1110 C  CA  . VAL A 1 153 ? -12.117 3.902   -0.742  1.00 27.40 ? 746 VAL A CA  1 
ATOM   1111 C  C   . VAL A 1 153 ? -13.225 3.544   -1.734  1.00 28.00 ? 746 VAL A C   1 
ATOM   1112 O  O   . VAL A 1 153 ? -13.072 3.691   -2.973  1.00 28.69 ? 746 VAL A O   1 
ATOM   1113 C  CB  . VAL A 1 153 ? -11.734 5.361   -0.922  1.00 27.93 ? 746 VAL A CB  1 
ATOM   1114 C  CG1 . VAL A 1 153 ? -12.976 6.252   -0.688  1.00 29.47 ? 746 VAL A CG1 1 
ATOM   1115 C  CG2 . VAL A 1 153 ? -10.637 5.715   0.097   1.00 29.89 ? 746 VAL A CG2 1 
ATOM   1116 N  N   . GLY A 1 154 ? -14.328 3.053   -1.196  1.00 26.87 ? 747 GLY A N   1 
ATOM   1117 C  CA  . GLY A 1 154 ? -15.496 2.698   -1.993  1.00 28.31 ? 747 GLY A CA  1 
ATOM   1118 C  C   . GLY A 1 154 ? -15.583 1.201   -2.118  1.00 29.41 ? 747 GLY A C   1 
ATOM   1119 O  O   . GLY A 1 154 ? -16.125 0.515   -1.252  1.00 29.07 ? 747 GLY A O   1 
ATOM   1120 N  N   . SER A 1 155 ? -15.003 0.678   -3.200  1.00 29.57 ? 748 SER A N   1 
ATOM   1121 C  CA  . SER A 1 155 ? -14.972 -0.762  -3.453  1.00 29.03 ? 748 SER A CA  1 
ATOM   1122 C  C   . SER A 1 155 ? -13.560 -1.201  -3.734  1.00 29.44 ? 748 SER A C   1 
ATOM   1123 O  O   . SER A 1 155 ? -12.771 -0.425  -4.256  1.00 29.49 ? 748 SER A O   1 
ATOM   1124 C  CB  . SER A 1 155 ? -15.794 -1.133  -4.689  1.00 29.42 ? 748 SER A CB  1 
ATOM   1125 O  OG  . SER A 1 155 ? -17.196 -0.941  -4.426  1.00 31.86 ? 748 SER A OG  1 
ATOM   1126 N  N   . LEU A 1 156 ? -13.263 -2.443  -3.377  1.00 28.60 ? 749 LEU A N   1 
ATOM   1127 C  CA  . LEU A 1 156 ? -11.946 -2.994  -3.699  1.00 29.01 ? 749 LEU A CA  1 
ATOM   1128 C  C   . LEU A 1 156 ? -11.768 -3.107  -5.215  1.00 29.11 ? 749 LEU A C   1 
ATOM   1129 O  O   . LEU A 1 156 ? -12.699 -3.427  -5.955  1.00 30.21 ? 749 LEU A O   1 
ATOM   1130 C  CB  . LEU A 1 156 ? -11.785 -4.363  -3.025  1.00 28.63 ? 749 LEU A CB  1 
ATOM   1131 C  CG  . LEU A 1 156 ? -10.379 -4.964  -3.051  1.00 29.53 ? 749 LEU A CG  1 
ATOM   1132 C  CD1 . LEU A 1 156 ? -9.339  -4.105  -2.313  1.00 29.39 ? 749 LEU A CD1 1 
ATOM   1133 C  CD2 . LEU A 1 156 ? -10.448 -6.388  -2.466  1.00 30.45 ? 749 LEU A CD2 1 
ATOM   1134 N  N   . SER A 1 157 ? -10.522 -2.887  -5.673  1.00 29.06 ? 750 SER A N   1 
ATOM   1135 C  CA  . SER A 1 157 ? -10.227 -3.064  -7.095  1.00 29.30 ? 750 SER A CA  1 
ATOM   1136 C  C   . SER A 1 157 ? -10.773 -4.421  -7.588  1.00 27.87 ? 750 SER A C   1 
ATOM   1137 O  O   . SER A 1 157 ? -10.490 -5.466  -6.971  1.00 29.69 ? 750 SER A O   1 
ATOM   1138 C  CB  . SER A 1 157 ? -8.708  -3.061  -7.299  1.00 28.77 ? 750 SER A CB  1 
ATOM   1139 O  OG  . SER A 1 157 ? -8.470  -3.529  -8.634  1.00 30.08 ? 750 SER A OG  1 
ATOM   1140 N  N   . PRO A 1 158 ? -11.442 -4.432  -8.741  1.00 29.52 ? 751 PRO A N   1 
ATOM   1141 C  CA  . PRO A 1 158 ? -11.906 -5.711  -9.308  1.00 29.78 ? 751 PRO A CA  1 
ATOM   1142 C  C   . PRO A 1 158 ? -10.735 -6.600  -9.726  1.00 30.01 ? 751 PRO A C   1 
ATOM   1143 O  O   . PRO A 1 158 ? -10.909 -7.817  -9.886  1.00 30.42 ? 751 PRO A O   1 
ATOM   1144 C  CB  . PRO A 1 158 ? -12.693 -5.279  -10.544 1.00 31.64 ? 751 PRO A CB  1 
ATOM   1145 C  CG  . PRO A 1 158 ? -12.099 -3.923  -10.939 1.00 31.24 ? 751 PRO A CG  1 
ATOM   1146 C  CD  . PRO A 1 158 ? -11.882 -3.288  -9.571  1.00 28.97 ? 751 PRO A CD  1 
ATOM   1147 N  N   . LEU A 1 159 ? -9.570  -5.994  -9.899  1.00 28.10 ? 752 LEU A N   1 
ATOM   1148 C  CA  . LEU A 1 159 ? -8.396  -6.792  -10.286 1.00 27.17 ? 752 LEU A CA  1 
ATOM   1149 C  C   . LEU A 1 159 ? -8.040  -7.784  -9.160  1.00 28.07 ? 752 LEU A C   1 
ATOM   1150 O  O   . LEU A 1 159 ? -7.297  -8.731  -9.393  1.00 28.47 ? 752 LEU A O   1 
ATOM   1151 C  CB  . LEU A 1 159 ? -7.205  -5.887  -10.635 1.00 28.70 ? 752 LEU A CB  1 
ATOM   1152 C  CG  . LEU A 1 159 ? -7.535  -4.831  -11.708 1.00 27.54 ? 752 LEU A CG  1 
ATOM   1153 C  CD1 . LEU A 1 159 ? -6.259  -4.012  -11.965 1.00 28.76 ? 752 LEU A CD1 1 
ATOM   1154 C  CD2 . LEU A 1 159 ? -8.062  -5.520  -13.006 1.00 29.15 ? 752 LEU A CD2 1 
ATOM   1155 N  N   . LEU A 1 160 ? -8.501  -7.468  -7.940  1.00 27.99 ? 753 LEU A N   1 
ATOM   1156 C  CA  . LEU A 1 160 ? -8.193  -8.321  -6.787  1.00 28.46 ? 753 LEU A CA  1 
ATOM   1157 C  C   . LEU A 1 160 ? -9.215  -9.420  -6.588  1.00 29.01 ? 753 LEU A C   1 
ATOM   1158 O  O   . LEU A 1 160 ? -9.009  -10.309 -5.744  1.00 29.27 ? 753 LEU A O   1 
ATOM   1159 C  CB  . LEU A 1 160 ? -7.981  -7.493  -5.509  1.00 27.82 ? 753 LEU A CB  1 
ATOM   1160 C  CG  . LEU A 1 160 ? -6.789  -6.504  -5.603  1.00 28.15 ? 753 LEU A CG  1 
ATOM   1161 C  CD1 . LEU A 1 160 ? -6.778  -5.616  -4.351  1.00 29.93 ? 753 LEU A CD1 1 
ATOM   1162 C  CD2 . LEU A 1 160 ? -5.470  -7.258  -5.748  1.00 28.61 ? 753 LEU A CD2 1 
ATOM   1163 N  N   . ALA A 1 161 ? -10.286 -9.418  -7.400  1.00 28.42 ? 754 ALA A N   1 
ATOM   1164 C  CA  . ALA A 1 161 ? -11.370 -10.408 -7.205  1.00 28.64 ? 754 ALA A CA  1 
ATOM   1165 C  C   . ALA A 1 161 ? -10.829 -11.836 -7.390  1.00 28.77 ? 754 ALA A C   1 
ATOM   1166 O  O   . ALA A 1 161 ? -11.272 -12.761 -6.726  1.00 30.01 ? 754 ALA A O   1 
ATOM   1167 C  CB  . ALA A 1 161 ? -12.536 -10.138 -8.164  1.00 30.35 ? 754 ALA A CB  1 
ATOM   1168 N  N   . ARG A 1 162 ? -9.889  -12.000 -8.300  1.00 28.40 ? 755 ARG A N   1 
ATOM   1169 C  CA  . ARG A 1 162 ? -9.369  -13.332 -8.631  1.00 29.87 ? 755 ARG A CA  1 
ATOM   1170 C  C   . ARG A 1 162 ? -8.500  -13.901 -7.533  1.00 29.92 ? 755 ARG A C   1 
ATOM   1171 O  O   . ARG A 1 162 ? -8.259  -15.103 -7.513  1.00 32.54 ? 755 ARG A O   1 
ATOM   1172 C  CB  . ARG A 1 162 ? -8.587  -13.329 -9.947  1.00 28.55 ? 755 ARG A CB  1 
ATOM   1173 C  CG  . ARG A 1 162 ? -7.224  -12.592 -9.945  1.00 29.50 ? 755 ARG A CG  1 
ATOM   1174 C  CD  . ARG A 1 162 ? -6.558  -12.648 -11.334 1.00 29.29 ? 755 ARG A CD  1 
ATOM   1175 N  NE  . ARG A 1 162 ? -6.610  -14.016 -11.905 1.00 36.22 ? 755 ARG A NE  1 
ATOM   1176 C  CZ  . ARG A 1 162 ? -5.802  -15.001 -11.525 1.00 37.88 ? 755 ARG A CZ  1 
ATOM   1177 N  NH1 . ARG A 1 162 ? -4.886  -14.800 -10.586 1.00 38.48 ? 755 ARG A NH1 1 
ATOM   1178 N  NH2 . ARG A 1 162 ? -5.900  -16.209 -12.072 1.00 39.58 ? 755 ARG A NH2 1 
ATOM   1179 N  N   . VAL A 1 163 ? -8.020  -13.060 -6.628  1.00 28.88 ? 756 VAL A N   1 
ATOM   1180 C  CA  . VAL A 1 163 ? -7.088  -13.566 -5.587  1.00 29.09 ? 756 VAL A CA  1 
ATOM   1181 C  C   . VAL A 1 163 ? -7.824  -14.481 -4.620  1.00 29.90 ? 756 VAL A C   1 
ATOM   1182 O  O   . VAL A 1 163 ? -8.906  -14.171 -4.167  1.00 30.57 ? 756 VAL A O   1 
ATOM   1183 C  CB  . VAL A 1 163 ? -6.428  -12.404 -4.826  1.00 29.82 ? 756 VAL A CB  1 
ATOM   1184 C  CG1 . VAL A 1 163 ? -5.474  -12.935 -3.771  1.00 29.99 ? 756 VAL A CG1 1 
ATOM   1185 C  CG2 . VAL A 1 163 ? -5.657  -11.506 -5.804  1.00 30.12 ? 756 VAL A CG2 1 
ATOM   1186 N  N   . ASN A 1 164 ? -7.199  -15.606 -4.285  1.00 28.00 ? 757 ASN A N   1 
ATOM   1187 C  CA  . ASN A 1 164 ? -7.742  -16.541 -3.328  1.00 29.01 ? 757 ASN A CA  1 
ATOM   1188 C  C   . ASN A 1 164 ? -7.980  -15.821 -1.996  1.00 28.96 ? 757 ASN A C   1 
ATOM   1189 O  O   . ASN A 1 164 ? -7.041  -15.230 -1.418  1.00 28.98 ? 757 ASN A O   1 
ATOM   1190 C  CB  . ASN A 1 164 ? -6.715  -17.679 -3.219  1.00 27.50 ? 757 ASN A CB  1 
ATOM   1191 C  CG  . ASN A 1 164 ? -7.154  -18.825 -2.337  1.00 28.60 ? 757 ASN A CG  1 
ATOM   1192 O  OD1 . ASN A 1 164 ? -8.001  -18.672 -1.441  1.00 30.57 ? 757 ASN A OD1 1 
ATOM   1193 N  ND2 . ASN A 1 164 ? -6.530  -19.980 -2.544  1.00 28.16 ? 757 ASN A ND2 1 
ATOM   1194 N  N   . HIS A 1 165 ? -9.213  -15.899 -1.483  1.00 29.81 ? 758 HIS A N   1 
ATOM   1195 C  CA  . HIS A 1 165 ? -9.521  -15.174 -0.233  1.00 30.12 ? 758 HIS A CA  1 
ATOM   1196 C  C   . HIS A 1 165 ? -8.694  -15.631 0.963   1.00 29.79 ? 758 HIS A C   1 
ATOM   1197 O  O   . HIS A 1 165 ? -8.526  -14.867 1.923   1.00 30.40 ? 758 HIS A O   1 
ATOM   1198 C  CB  . HIS A 1 165 ? -10.994 -15.266 0.128   1.00 31.36 ? 758 HIS A CB  1 
ATOM   1199 C  CG  . HIS A 1 165 ? -11.881 -14.469 -0.779  1.00 35.08 ? 758 HIS A CG  1 
ATOM   1200 N  ND1 . HIS A 1 165 ? -13.193 -14.174 -0.465  1.00 40.78 ? 758 HIS A ND1 1 
ATOM   1201 C  CD2 . HIS A 1 165 ? -11.646 -13.902 -1.987  1.00 37.29 ? 758 HIS A CD2 1 
ATOM   1202 C  CE1 . HIS A 1 165 ? -13.727 -13.464 -1.449  1.00 42.17 ? 758 HIS A CE1 1 
ATOM   1203 N  NE2 . HIS A 1 165 ? -12.812 -13.295 -2.390  1.00 38.86 ? 758 HIS A NE2 1 
ATOM   1204 N  N   . ALA A 1 166 ? -8.145  -16.839 0.901   1.00 29.21 ? 759 ALA A N   1 
ATOM   1205 C  CA  . ALA A 1 166 ? -7.285  -17.335 1.981   1.00 27.78 ? 759 ALA A CA  1 
ATOM   1206 C  C   . ALA A 1 166 ? -5.970  -16.528 2.137   1.00 28.12 ? 759 ALA A C   1 
ATOM   1207 O  O   . ALA A 1 166 ? -5.309  -16.574 3.188   1.00 27.64 ? 759 ALA A O   1 
ATOM   1208 C  CB  . ALA A 1 166 ? -6.946  -18.808 1.743   1.00 28.16 ? 759 ALA A CB  1 
ATOM   1209 N  N   . LEU A 1 167 ? -5.570  -15.868 1.055   1.00 27.76 ? 760 LEU A N   1 
ATOM   1210 C  CA  . LEU A 1 167 ? -4.233  -15.213 0.994   1.00 28.29 ? 760 LEU A CA  1 
ATOM   1211 C  C   . LEU A 1 167 ? -4.185  -13.836 1.618   1.00 28.89 ? 760 LEU A C   1 
ATOM   1212 O  O   . LEU A 1 167 ? -3.128  -13.194 1.645   1.00 29.42 ? 760 LEU A O   1 
ATOM   1213 C  CB  . LEU A 1 167 ? -3.742  -15.139 -0.465  1.00 28.23 ? 760 LEU A CB  1 
ATOM   1214 C  CG  . LEU A 1 167 ? -3.500  -16.517 -1.108  1.00 29.16 ? 760 LEU A CG  1 
ATOM   1215 C  CD1 . LEU A 1 167 ? -3.125  -16.344 -2.579  1.00 30.86 ? 760 LEU A CD1 1 
ATOM   1216 C  CD2 . LEU A 1 167 ? -2.387  -17.266 -0.405  1.00 31.02 ? 760 LEU A CD2 1 
ATOM   1217 N  N   . TYR A 1 168 ? -5.327  -13.324 2.052   1.00 29.08 ? 761 TYR A N   1 
ATOM   1218 C  CA  . TYR A 1 168 ? -5.325  -12.028 2.713   1.00 29.16 ? 761 TYR A CA  1 
ATOM   1219 C  C   . TYR A 1 168 ? -6.460  -11.922 3.687   1.00 30.65 ? 761 TYR A C   1 
ATOM   1220 O  O   . TYR A 1 168 ? -7.405  -12.739 3.623   1.00 31.20 ? 761 TYR A O   1 
ATOM   1221 C  CB  . TYR A 1 168 ? -5.417  -10.894 1.664   1.00 29.77 ? 761 TYR A CB  1 
ATOM   1222 C  CG  . TYR A 1 168 ? -6.688  -10.883 0.846   1.00 30.36 ? 761 TYR A CG  1 
ATOM   1223 C  CD1 . TYR A 1 168 ? -7.731  -10.003 1.180   1.00 31.45 ? 761 TYR A CD1 1 
ATOM   1224 C  CD2 . TYR A 1 168 ? -6.831  -11.687 -0.302  1.00 29.24 ? 761 TYR A CD2 1 
ATOM   1225 C  CE1 . TYR A 1 168 ? -8.907  -9.944  0.403   1.00 33.32 ? 761 TYR A CE1 1 
ATOM   1226 C  CE2 . TYR A 1 168 ? -8.010  -11.642 -1.077  1.00 31.57 ? 761 TYR A CE2 1 
ATOM   1227 C  CZ  . TYR A 1 168 ? -9.030  -10.752 -0.717  1.00 31.30 ? 761 TYR A CZ  1 
ATOM   1228 O  OH  . TYR A 1 168 ? -10.206 -10.629 -1.443  1.00 33.59 ? 761 TYR A OH  1 
ATOM   1229 N  N   . THR A 1 169 ? -6.392  -10.919 4.580   1.00 30.96 ? 762 THR A N   1 
ATOM   1230 C  CA  . THR A 1 169 ? -7.535  -10.624 5.445   1.00 32.22 ? 762 THR A CA  1 
ATOM   1231 C  C   . THR A 1 169 ? -8.308  -9.426  4.899   1.00 33.24 ? 762 THR A C   1 
ATOM   1232 O  O   . THR A 1 169 ? -7.733  -8.548  4.241   1.00 32.67 ? 762 THR A O   1 
ATOM   1233 C  CB  . THR A 1 169 ? -7.128  -10.368 6.899   1.00 33.05 ? 762 THR A CB  1 
ATOM   1234 O  OG1 . THR A 1 169 ? -6.381  -9.149  6.982   1.00 34.24 ? 762 THR A OG1 1 
ATOM   1235 C  CG2 . THR A 1 169 ? -6.304  -11.573 7.441   1.00 33.19 ? 762 THR A CG2 1 
ATOM   1236 N  N   . LEU A 1 170 ? -9.618  -9.424  5.154   1.00 34.33 ? 763 LEU A N   1 
ATOM   1237 C  CA  . LEU A 1 170 ? -10.492 -8.369  4.663   1.00 35.86 ? 763 LEU A CA  1 
ATOM   1238 C  C   . LEU A 1 170 ? -11.241 -7.751  5.834   1.00 37.59 ? 763 LEU A C   1 
ATOM   1239 O  O   . LEU A 1 170 ? -11.972 -8.451  6.565   1.00 37.52 ? 763 LEU A O   1 
ATOM   1240 C  CB  . LEU A 1 170 ? -11.478 -8.919  3.625   1.00 35.38 ? 763 LEU A CB  1 
ATOM   1241 C  CG  . LEU A 1 170 ? -12.449 -7.898  3.032   1.00 37.37 ? 763 LEU A CG  1 
ATOM   1242 C  CD1 . LEU A 1 170 ? -11.689 -6.857  2.214   1.00 36.76 ? 763 LEU A CD1 1 
ATOM   1243 C  CD2 . LEU A 1 170 ? -13.519 -8.621  2.174   1.00 37.52 ? 763 LEU A CD2 1 
ATOM   1244 N  N   . ASN A 1 171 ? -11.085 -6.438  5.990   1.00 38.99 ? 764 ASN A N   1 
ATOM   1245 C  CA  . ASN A 1 171 ? -11.788 -5.689  7.049   1.00 41.68 ? 764 ASN A CA  1 
ATOM   1246 C  C   . ASN A 1 171 ? -11.700 -6.365  8.414   1.00 44.00 ? 764 ASN A C   1 
ATOM   1247 O  O   . ASN A 1 171 ? -12.721 -6.503  9.109   1.00 44.05 ? 764 ASN A O   1 
ATOM   1248 C  CB  . ASN A 1 171 ? -13.243 -5.446  6.665   1.00 41.73 ? 764 ASN A CB  1 
ATOM   1249 C  CG  . ASN A 1 171 ? -13.369 -4.655  5.411   1.00 43.18 ? 764 ASN A CG  1 
ATOM   1250 O  OD1 . ASN A 1 171 ? -12.497 -3.879  5.098   1.00 39.27 ? 764 ASN A OD1 1 
ATOM   1251 N  ND2 . ASN A 1 171 ? -14.477 -4.840  4.675   1.00 48.21 ? 764 ASN A ND2 1 
ATOM   1252 N  N   . GLU A 1 172 ? -10.483 -6.782  8.788   1.00 45.89 ? 765 GLU A N   1 
ATOM   1253 C  CA  . GLU A 1 172 ? -10.276 -7.524  10.031  1.00 48.27 ? 765 GLU A CA  1 
ATOM   1254 C  C   . GLU A 1 172 ? -10.506 -6.637  11.264  1.00 49.04 ? 765 GLU A C   1 
ATOM   1255 O  O   . GLU A 1 172 ? -9.956  -5.536  11.373  1.00 50.25 ? 765 GLU A O   1 
ATOM   1256 C  CB  . GLU A 1 172 ? -8.886  -8.170  10.040  1.00 49.19 ? 765 GLU A CB  1 
ATOM   1257 C  CG  . GLU A 1 172 ? -8.559  -8.968  11.292  1.00 52.20 ? 765 GLU A CG  1 
ATOM   1258 C  CD  . GLU A 1 172 ? -7.621  -10.123 11.001  1.00 56.27 ? 765 GLU A CD  1 
ATOM   1259 O  OE1 . GLU A 1 172 ? -6.428  -10.044 11.368  1.00 56.29 ? 765 GLU A OE1 1 
ATOM   1260 O  OE2 . GLU A 1 172 ? -8.087  -11.118 10.401  1.00 59.80 ? 765 GLU A OE2 1 
HETATM 1261 C  C   . ACT B 2 .   ? -14.482 2.862   -6.141  1.00 14.08 ? 1   ACT A C   1 
HETATM 1262 O  O   . ACT B 2 .   ? -14.095 1.774   -5.706  1.00 19.21 ? 1   ACT A O   1 
HETATM 1263 O  OXT . ACT B 2 .   ? -13.988 3.387   -7.154  1.00 20.28 ? 1   ACT A OXT 1 
HETATM 1264 C  CH3 . ACT B 2 .   ? -15.497 3.465   -5.380  1.00 14.73 ? 1   ACT A CH3 1 
HETATM 1265 C  C   . ACT C 2 .   ? 5.481   17.522  8.141   1.00 21.42 ? 2   ACT A C   1 
HETATM 1266 O  O   . ACT C 2 .   ? 4.416   16.926  7.887   1.00 21.06 ? 2   ACT A O   1 
HETATM 1267 O  OXT . ACT C 2 .   ? 6.499   16.807  8.221   1.00 25.17 ? 2   ACT A OXT 1 
HETATM 1268 C  CH3 . ACT C 2 .   ? 5.560   18.958  8.303   1.00 18.63 ? 2   ACT A CH3 1 
HETATM 1269 C  C   . ACT D 2 .   ? -0.699  -9.425  -16.165 1.00 23.82 ? 3   ACT A C   1 
HETATM 1270 O  O   . ACT D 2 .   ? -1.902  -9.467  -15.804 1.00 23.91 ? 3   ACT A O   1 
HETATM 1271 O  OXT . ACT D 2 .   ? -0.017  -10.470 -16.096 1.00 25.88 ? 3   ACT A OXT 1 
HETATM 1272 C  CH3 . ACT D 2 .   ? -0.064  -8.214  -16.686 1.00 22.37 ? 3   ACT A CH3 1 
HETATM 1273 C  C   . ACT E 2 .   ? -6.934  8.351   -11.465 1.00 24.01 ? 4   ACT A C   1 
HETATM 1274 O  O   . ACT E 2 .   ? -5.692  8.316   -11.293 1.00 26.31 ? 4   ACT A O   1 
HETATM 1275 O  OXT . ACT E 2 .   ? -7.554  7.253   -11.593 1.00 23.09 ? 4   ACT A OXT 1 
HETATM 1276 C  CH3 . ACT E 2 .   ? -7.571  9.686   -11.538 1.00 25.46 ? 4   ACT A CH3 1 
HETATM 1277 C  C   . ACT F 2 .   ? 6.193   16.992  2.124   1.00 33.84 ? 5   ACT A C   1 
HETATM 1278 O  O   . ACT F 2 .   ? 7.165   16.479  1.511   1.00 33.98 ? 5   ACT A O   1 
HETATM 1279 O  OXT . ACT F 2 .   ? 6.455   17.774  3.068   1.00 35.03 ? 5   ACT A OXT 1 
HETATM 1280 C  CH3 . ACT F 2 .   ? 4.792   16.756  1.707   1.00 33.58 ? 5   ACT A CH3 1 
HETATM 1281 C  C   . ACT G 2 .   ? 5.870   0.733   -8.574  1.00 35.33 ? 6   ACT A C   1 
HETATM 1282 O  O   . ACT G 2 .   ? 7.021   0.681   -9.064  1.00 35.84 ? 6   ACT A O   1 
HETATM 1283 O  OXT . ACT G 2 .   ? 5.787   0.608   -7.354  1.00 36.05 ? 6   ACT A OXT 1 
HETATM 1284 C  CH3 . ACT G 2 .   ? 4.675   0.915   -9.433  1.00 34.97 ? 6   ACT A CH3 1 
HETATM 1285 C  C   . ACT H 2 .   ? -4.244  18.289  -2.970  1.00 46.00 ? 7   ACT A C   1 
HETATM 1286 O  O   . ACT H 2 .   ? -5.041  17.427  -3.341  1.00 46.43 ? 7   ACT A O   1 
HETATM 1287 O  OXT . ACT H 2 .   ? -3.345  18.557  -3.788  1.00 47.37 ? 7   ACT A OXT 1 
HETATM 1288 C  CH3 . ACT H 2 .   ? -4.383  18.960  -1.646  1.00 46.39 ? 7   ACT A CH3 1 
HETATM 1289 C  C   . ACT I 2 .   ? -10.214 -2.938  9.489   1.00 47.00 ? 8   ACT A C   1 
HETATM 1290 O  O   . ACT I 2 .   ? -9.608  -2.068  10.159  1.00 46.69 ? 8   ACT A O   1 
HETATM 1291 O  OXT . ACT I 2 .   ? -9.485  -3.841  8.995   1.00 46.95 ? 8   ACT A OXT 1 
HETATM 1292 C  CH3 . ACT I 2 .   ? -11.708 -2.892  9.291   1.00 46.71 ? 8   ACT A CH3 1 
HETATM 1293 C  C   . ACT J 2 .   ? -6.903  13.306  -6.063  1.00 39.30 ? 9   ACT A C   1 
HETATM 1294 O  O   . ACT J 2 .   ? -7.371  12.161  -5.954  1.00 40.86 ? 9   ACT A O   1 
HETATM 1295 O  OXT . ACT J 2 .   ? -6.077  13.456  -6.958  1.00 39.58 ? 9   ACT A OXT 1 
HETATM 1296 C  CH3 . ACT J 2 .   ? -7.319  14.435  -5.184  1.00 39.79 ? 9   ACT A CH3 1 
HETATM 1297 C  C   . ACT K 2 .   ? -7.130  9.487   -3.751  1.00 27.22 ? 10  ACT A C   1 
HETATM 1298 O  O   . ACT K 2 .   ? -6.218  10.233  -3.191  1.00 28.18 ? 10  ACT A O   1 
HETATM 1299 O  OXT . ACT K 2 .   ? -6.827  8.425   -4.390  1.00 24.55 ? 10  ACT A OXT 1 
HETATM 1300 C  CH3 . ACT K 2 .   ? -8.578  9.827   -3.665  1.00 29.07 ? 10  ACT A CH3 1 
HETATM 1301 C  C   . ACT L 2 .   ? -12.064 8.318   -3.252  1.00 30.41 ? 11  ACT A C   1 
HETATM 1302 O  O   . ACT L 2 .   ? -11.139 8.968   -2.699  1.00 31.28 ? 11  ACT A O   1 
HETATM 1303 O  OXT . ACT L 2 .   ? -11.805 7.227   -3.811  1.00 27.43 ? 11  ACT A OXT 1 
HETATM 1304 C  CH3 . ACT L 2 .   ? -13.470 8.843   -3.237  1.00 30.00 ? 11  ACT A CH3 1 
HETATM 1305 C  C1  . EDO M 3 .   ? -4.697  -5.316  -21.170 1.00 37.66 ? 768 EDO A C1  1 
HETATM 1306 O  O1  . EDO M 3 .   ? -6.064  -5.444  -21.574 1.00 41.30 ? 768 EDO A O1  1 
HETATM 1307 C  C2  . EDO M 3 .   ? -4.367  -6.533  -20.322 1.00 39.00 ? 768 EDO A C2  1 
HETATM 1308 O  O2  . EDO M 3 .   ? -3.043  -6.392  -19.806 1.00 39.88 ? 768 EDO A O2  1 
HETATM 1309 C  C1  . EDO N 3 .   ? -17.261 -2.067  -0.831  1.00 32.62 ? 769 EDO A C1  1 
HETATM 1310 O  O1  . EDO N 3 .   ? -17.886 -2.570  -2.024  1.00 30.92 ? 769 EDO A O1  1 
HETATM 1311 C  C2  . EDO N 3 .   ? -18.212 -1.652  0.279   1.00 32.57 ? 769 EDO A C2  1 
HETATM 1312 O  O2  . EDO N 3 .   ? -17.757 -2.185  1.529   1.00 40.83 ? 769 EDO A O2  1 
HETATM 1313 C  C   . FMT O 4 .   ? -7.209  18.670  5.478   1.00 47.82 ? 770 FMT A C   1 
HETATM 1314 O  O1  . FMT O 4 .   ? -7.928  17.928  6.164   1.00 48.73 ? 770 FMT A O1  1 
HETATM 1315 O  O2  . FMT O 4 .   ? -7.058  19.868  5.693   1.00 47.38 ? 770 FMT A O2  1 
HETATM 1316 C  C   . FMT P 4 .   ? 7.311   4.661   9.312   1.00 44.59 ? 771 FMT A C   1 
HETATM 1317 O  O1  . FMT P 4 .   ? 8.360   4.230   8.839   1.00 44.08 ? 771 FMT A O1  1 
HETATM 1318 O  O2  . FMT P 4 .   ? 6.597   5.508   8.768   1.00 44.51 ? 771 FMT A O2  1 
HETATM 1319 O  O   . HOH Q 5 .   ? -1.051  13.115  -11.035 1.00 17.09 ? 772 HOH A O   1 
HETATM 1320 O  O   . HOH Q 5 .   ? -2.595  19.639  5.395   1.00 17.94 ? 773 HOH A O   1 
HETATM 1321 O  O   . HOH Q 5 .   ? -6.998  -4.910  8.600   1.00 25.36 ? 774 HOH A O   1 
HETATM 1322 O  O   . HOH Q 5 .   ? -10.266 -16.712 3.982   1.00 38.05 ? 775 HOH A O   1 
HETATM 1323 O  O   . HOH Q 5 .   ? -12.453 -7.175  -5.861  1.00 21.00 ? 776 HOH A O   1 
HETATM 1324 O  O   . HOH Q 5 .   ? -15.347 -4.084  -2.268  1.00 22.07 ? 777 HOH A O   1 
HETATM 1325 O  O   . HOH Q 5 .   ? -1.510  -13.453 9.268   1.00 30.97 ? 778 HOH A O   1 
HETATM 1326 O  O   . HOH Q 5 .   ? -14.508 11.804  3.001   1.00 21.78 ? 779 HOH A O   1 
HETATM 1327 O  O   . HOH Q 5 .   ? -9.710  -10.204 -10.784 1.00 16.59 ? 780 HOH A O   1 
HETATM 1328 O  O   . HOH Q 5 .   ? -3.563  -17.249 -9.729  1.00 27.52 ? 781 HOH A O   1 
HETATM 1329 O  O   . HOH Q 5 .   ? 9.406   -19.743 4.663   1.00 38.56 ? 782 HOH A O   1 
HETATM 1330 O  O   . HOH Q 5 .   ? -14.931 9.819   -0.500  1.00 30.07 ? 783 HOH A O   1 
HETATM 1331 O  O   . HOH Q 5 .   ? -4.830  11.807  14.107  1.00 20.69 ? 784 HOH A O   1 
HETATM 1332 O  O   . HOH Q 5 .   ? 4.047   -10.938 5.317   1.00 19.20 ? 785 HOH A O   1 
HETATM 1333 O  O   . HOH Q 5 .   ? 0.131   -1.480  -15.416 1.00 20.38 ? 786 HOH A O   1 
HETATM 1334 O  O   . HOH Q 5 .   ? 1.528   -2.146  6.077   1.00 18.54 ? 787 HOH A O   1 
HETATM 1335 O  O   . HOH Q 5 .   ? -11.224 7.063   -6.610  1.00 25.87 ? 788 HOH A O   1 
HETATM 1336 O  O   . HOH Q 5 .   ? -11.026 -15.663 -5.925  1.00 24.24 ? 789 HOH A O   1 
HETATM 1337 O  O   . HOH Q 5 .   ? -10.165 -11.812 -3.825  1.00 18.44 ? 790 HOH A O   1 
HETATM 1338 O  O   . HOH Q 5 .   ? -3.289  6.358   -4.996  1.00 17.23 ? 791 HOH A O   1 
HETATM 1339 O  O   . HOH Q 5 .   ? 4.224   11.030  12.087  1.00 27.43 ? 792 HOH A O   1 
HETATM 1340 O  O   . HOH Q 5 .   ? 1.302   -8.338  5.599   1.00 20.32 ? 793 HOH A O   1 
HETATM 1341 O  O   . HOH Q 5 .   ? -9.760  -3.759  -19.118 1.00 25.10 ? 794 HOH A O   1 
HETATM 1342 O  O   . HOH Q 5 .   ? -2.575  0.821   -17.592 1.00 17.89 ? 795 HOH A O   1 
HETATM 1343 O  O   . HOH Q 5 .   ? -0.695  15.879  -11.143 1.00 26.46 ? 796 HOH A O   1 
HETATM 1344 O  O   . HOH Q 5 .   ? -12.802 8.734   12.744  1.00 18.52 ? 797 HOH A O   1 
HETATM 1345 O  O   . HOH Q 5 .   ? -6.097  -17.421 5.645   1.00 26.25 ? 798 HOH A O   1 
HETATM 1346 O  O   . HOH Q 5 .   ? -4.336  16.430  -5.654  1.00 27.76 ? 799 HOH A O   1 
HETATM 1347 O  O   . HOH Q 5 .   ? -15.093 -4.456  -6.603  1.00 28.30 ? 800 HOH A O   1 
HETATM 1348 O  O   . HOH Q 5 .   ? -0.926  -7.349  7.081   1.00 21.55 ? 801 HOH A O   1 
HETATM 1349 O  O   . HOH Q 5 .   ? 6.137   -10.354 -5.987  1.00 30.38 ? 802 HOH A O   1 
HETATM 1350 O  O   . HOH Q 5 .   ? -2.009  3.081   -4.845  1.00 19.62 ? 803 HOH A O   1 
HETATM 1351 O  O   . HOH Q 5 .   ? 4.256   3.461   -12.197 1.00 22.80 ? 804 HOH A O   1 
HETATM 1352 O  O   . HOH Q 5 .   ? -13.137 -11.995 -4.735  1.00 25.42 ? 805 HOH A O   1 
HETATM 1353 O  O   . HOH Q 5 .   ? -11.254 -16.995 -3.027  1.00 29.91 ? 806 HOH A O   1 
HETATM 1354 O  O   . HOH Q 5 .   ? 2.488   -0.266  -15.341 1.00 31.70 ? 807 HOH A O   1 
HETATM 1355 O  O   . HOH Q 5 .   ? -0.690  11.726  14.027  1.00 24.46 ? 808 HOH A O   1 
HETATM 1356 O  O   . HOH Q 5 .   ? -5.142  -19.067 -8.291  1.00 22.21 ? 809 HOH A O   1 
HETATM 1357 O  O   . HOH Q 5 .   ? -16.552 0.426   3.590   1.00 23.81 ? 810 HOH A O   1 
HETATM 1358 O  O   . HOH Q 5 .   ? -6.736  16.115  0.683   1.00 23.56 ? 811 HOH A O   1 
HETATM 1359 O  O   . HOH Q 5 .   ? -0.332  7.031   12.953  1.00 21.14 ? 812 HOH A O   1 
HETATM 1360 O  O   . HOH Q 5 .   ? -1.228  20.993  7.360   1.00 23.68 ? 813 HOH A O   1 
HETATM 1361 O  O   . HOH Q 5 .   ? -15.664 9.493   7.284   1.00 24.01 ? 814 HOH A O   1 
HETATM 1362 O  O   . HOH Q 5 .   ? -14.493 6.057   -4.114  1.00 22.30 ? 815 HOH A O   1 
HETATM 1363 O  O   . HOH Q 5 .   ? -10.094 -12.547 2.242   1.00 27.51 ? 816 HOH A O   1 
HETATM 1364 O  O   . HOH Q 5 .   ? 5.316   1.064   -11.686 1.00 32.21 ? 817 HOH A O   1 
HETATM 1365 O  O   . HOH Q 5 .   ? -10.816 -12.077 6.063   1.00 37.48 ? 818 HOH A O   1 
HETATM 1366 O  O   . HOH Q 5 .   ? -10.855 -5.569  -15.314 1.00 36.62 ? 819 HOH A O   1 
HETATM 1367 O  O   . HOH Q 5 .   ? 3.310   11.328  14.565  1.00 27.81 ? 820 HOH A O   1 
HETATM 1368 O  O   . HOH Q 5 .   ? -9.096  14.779  -0.888  1.00 32.92 ? 821 HOH A O   1 
HETATM 1369 O  O   . HOH Q 5 .   ? -1.335  -5.770  -16.640 1.00 23.69 ? 822 HOH A O   1 
HETATM 1370 O  O   . HOH Q 5 .   ? -7.239  15.020  7.427   1.00 22.66 ? 823 HOH A O   1 
HETATM 1371 O  O   . HOH Q 5 .   ? -0.646  -14.947 1.487   1.00 23.74 ? 824 HOH A O   1 
HETATM 1372 O  O   . HOH Q 5 .   ? -13.041 -9.207  -4.174  1.00 31.69 ? 825 HOH A O   1 
HETATM 1373 O  O   . HOH Q 5 .   ? -11.874 3.668   8.606   1.00 23.86 ? 826 HOH A O   1 
HETATM 1374 O  O   . HOH Q 5 .   ? -3.598  -10.137 8.011   1.00 35.17 ? 827 HOH A O   1 
HETATM 1375 O  O   . HOH Q 5 .   ? 4.611   -9.714  8.690   1.00 31.23 ? 828 HOH A O   1 
HETATM 1376 O  O   . HOH Q 5 .   ? -9.545  -19.208 4.764   1.00 42.04 ? 829 HOH A O   1 
HETATM 1377 O  O   . HOH Q 5 .   ? 10.624  7.282   7.475   1.00 35.15 ? 830 HOH A O   1 
HETATM 1378 O  O   . HOH Q 5 .   ? -10.727 -19.338 2.413   1.00 50.47 ? 831 HOH A O   1 
HETATM 1379 O  O   . HOH Q 5 .   ? -18.364 -0.918  -6.861  1.00 26.48 ? 832 HOH A O   1 
HETATM 1380 O  O   . HOH Q 5 .   ? -11.696 -11.849 -11.844 1.00 34.50 ? 833 HOH A O   1 
HETATM 1381 O  O   . HOH Q 5 .   ? -8.944  -13.265 -13.786 1.00 36.45 ? 834 HOH A O   1 
HETATM 1382 O  O   . HOH Q 5 .   ? -2.126  -5.022  10.670  1.00 39.66 ? 835 HOH A O   1 
HETATM 1383 O  O   . HOH Q 5 .   ? 4.797   -12.795 -6.649  1.00 28.21 ? 836 HOH A O   1 
HETATM 1384 O  O   . HOH Q 5 .   ? 5.857   1.908   10.477  1.00 31.56 ? 837 HOH A O   1 
HETATM 1385 O  O   . HOH Q 5 .   ? 4.899   -13.226 -10.021 1.00 47.99 ? 838 HOH A O   1 
HETATM 1386 O  O   . HOH Q 5 .   ? -11.409 -7.799  -13.211 1.00 43.90 ? 839 HOH A O   1 
HETATM 1387 O  O   . HOH Q 5 .   ? -17.199 7.681   -0.884  1.00 25.78 ? 840 HOH A O   1 
HETATM 1388 O  O   . HOH Q 5 .   ? 2.171   6.579   13.737  1.00 27.07 ? 841 HOH A O   1 
HETATM 1389 O  O   . HOH Q 5 .   ? -12.981 5.243   10.496  1.00 30.32 ? 842 HOH A O   1 
HETATM 1390 O  O   . HOH Q 5 .   ? -1.030  17.629  -9.006  1.00 33.66 ? 843 HOH A O   1 
HETATM 1391 O  O   . HOH Q 5 .   ? -14.936 6.236   -7.008  1.00 29.46 ? 844 HOH A O   1 
HETATM 1392 O  O   . HOH Q 5 .   ? 2.340   3.114   17.713  1.00 32.15 ? 845 HOH A O   1 
HETATM 1393 O  O   . HOH Q 5 .   ? -1.273  -15.507 -11.623 1.00 33.63 ? 846 HOH A O   1 
HETATM 1394 O  O   . HOH Q 5 .   ? 8.462   2.902   -10.366 1.00 36.85 ? 847 HOH A O   1 
HETATM 1395 O  O   . HOH Q 5 .   ? -11.807 14.558  0.215   1.00 42.11 ? 848 HOH A O   1 
HETATM 1396 O  O   . HOH Q 5 .   ? -8.850  10.372  -8.416  1.00 32.99 ? 849 HOH A O   1 
HETATM 1397 O  O   . HOH Q 5 .   ? 8.043   4.115   12.484  1.00 44.81 ? 850 HOH A O   1 
HETATM 1398 O  O   . HOH Q 5 .   ? 1.701   19.035  -8.647  1.00 38.85 ? 851 HOH A O   1 
HETATM 1399 O  O   . HOH Q 5 .   ? -11.414 2.233   -17.714 1.00 36.97 ? 852 HOH A O   1 
HETATM 1400 O  O   . HOH Q 5 .   ? 4.987   5.821   10.960  1.00 37.91 ? 853 HOH A O   1 
HETATM 1401 O  O   . HOH Q 5 .   ? 8.518   6.076   5.784   1.00 31.81 ? 854 HOH A O   1 
HETATM 1402 O  O   . HOH Q 5 .   ? 10.317  3.892   4.190   1.00 44.83 ? 855 HOH A O   1 
HETATM 1403 O  O   . HOH Q 5 .   ? 3.830   8.029   11.754  1.00 45.22 ? 856 HOH A O   1 
HETATM 1404 O  O   . HOH Q 5 .   ? 11.878  0.238   4.618   1.00 37.09 ? 857 HOH A O   1 
HETATM 1405 O  O   . HOH Q 5 .   ? 15.132  0.330   -1.472  1.00 33.68 ? 858 HOH A O   1 
HETATM 1406 O  O   . HOH Q 5 .   ? -12.626 -9.261  -1.300  1.00 33.93 ? 859 HOH A O   1 
HETATM 1407 O  O   . HOH Q 5 .   ? -9.304  4.576   -17.490 1.00 33.18 ? 860 HOH A O   1 
HETATM 1408 O  O   . HOH Q 5 .   ? 8.058   -8.988  -7.846  1.00 54.10 ? 861 HOH A O   1 
HETATM 1409 O  O   . HOH Q 5 .   ? -8.500  17.401  11.559  1.00 22.48 ? 862 HOH A O   1 
HETATM 1410 O  O   . HOH Q 5 .   ? 12.449  -5.553  9.919   1.00 41.71 ? 863 HOH A O   1 
HETATM 1411 O  O   . HOH Q 5 .   ? 1.866   15.813  -12.301 1.00 30.33 ? 864 HOH A O   1 
HETATM 1412 O  O   . HOH Q 5 .   ? 6.950   -7.709  -13.264 1.00 44.72 ? 865 HOH A O   1 
HETATM 1413 O  O   . HOH Q 5 .   ? -6.812  17.719  -1.440  1.00 35.33 ? 866 HOH A O   1 
HETATM 1414 O  O   . HOH Q 5 .   ? -14.639 -7.148  -7.417  1.00 31.62 ? 867 HOH A O   1 
HETATM 1415 O  O   . HOH Q 5 .   ? -4.742  5.519   15.570  1.00 31.14 ? 868 HOH A O   1 
HETATM 1416 O  O   . HOH Q 5 .   ? 8.424   16.283  6.082   1.00 30.19 ? 869 HOH A O   1 
HETATM 1417 O  O   . HOH Q 5 .   ? -8.637  15.621  5.152   1.00 35.47 ? 870 HOH A O   1 
HETATM 1418 O  O   . HOH Q 5 .   ? -8.949  8.400   -6.381  1.00 28.50 ? 871 HOH A O   1 
HETATM 1419 O  O   . HOH Q 5 .   ? -6.734  12.065  -9.025  1.00 26.50 ? 872 HOH A O   1 
HETATM 1420 O  O   . HOH Q 5 .   ? 8.464   -11.015 8.099   1.00 45.45 ? 873 HOH A O   1 
HETATM 1421 O  O   . HOH Q 5 .   ? -15.506 -5.204  1.605   1.00 46.64 ? 874 HOH A O   1 
HETATM 1422 O  O   . HOH Q 5 .   ? 9.023   4.082   -12.846 1.00 29.46 ? 875 HOH A O   1 
HETATM 1423 O  O   . HOH Q 5 .   ? -8.841  4.098   15.613  1.00 32.64 ? 876 HOH A O   1 
HETATM 1424 O  O   . HOH Q 5 .   ? 1.540   -4.561  10.883  1.00 36.76 ? 877 HOH A O   1 
HETATM 1425 O  O   . HOH Q 5 .   ? -15.674 -7.519  5.044   1.00 49.84 ? 878 HOH A O   1 
HETATM 1426 O  O   . HOH Q 5 .   ? 7.100   11.511  13.316  1.00 35.94 ? 879 HOH A O   1 
HETATM 1427 O  O   . HOH Q 5 .   ? -8.328  0.578   12.204  1.00 33.26 ? 880 HOH A O   1 
HETATM 1428 O  O   . HOH Q 5 .   ? -3.493  1.324   15.193  1.00 36.49 ? 881 HOH A O   1 
HETATM 1429 O  O   . HOH Q 5 .   ? 3.872   17.846  -5.213  1.00 37.56 ? 882 HOH A O   1 
HETATM 1430 O  O   . HOH Q 5 .   ? -13.852 2.643   -12.954 1.00 49.48 ? 883 HOH A O   1 
HETATM 1431 O  O   . HOH Q 5 .   ? 9.786   -5.955  9.868   1.00 44.03 ? 884 HOH A O   1 
HETATM 1432 O  O   . HOH Q 5 .   ? -10.117 -19.725 -0.150  1.00 36.25 ? 885 HOH A O   1 
HETATM 1433 O  O   . HOH Q 5 .   ? -12.304 -11.975 1.248   1.00 43.20 ? 886 HOH A O   1 
HETATM 1434 O  O   . HOH Q 5 .   ? -9.441  7.959   -9.385  1.00 31.22 ? 887 HOH A O   1 
HETATM 1435 O  O   . HOH Q 5 .   ? -4.058  3.403   16.777  1.00 36.98 ? 888 HOH A O   1 
HETATM 1436 O  O   . HOH Q 5 .   ? 6.066   16.094  -4.916  1.00 32.92 ? 889 HOH A O   1 
HETATM 1437 O  O   . HOH Q 5 .   ? -7.345  17.255  3.204   1.00 29.17 ? 890 HOH A O   1 
HETATM 1438 O  O   . HOH Q 5 .   ? 7.736   -6.557  -9.055  1.00 36.33 ? 891 HOH A O   1 
HETATM 1439 O  O   . HOH Q 5 .   ? -8.613  16.813  9.060   1.00 30.61 ? 892 HOH A O   1 
HETATM 1440 O  O   . HOH Q 5 .   ? -1.589  19.522  -1.990  1.00 47.49 ? 893 HOH A O   1 
HETATM 1441 O  O   . HOH Q 5 .   ? -13.895 15.999  5.314   1.00 55.63 ? 894 HOH A O   1 
HETATM 1442 O  O   . HOH Q 5 .   ? -7.073  5.646   17.022  1.00 29.81 ? 895 HOH A O   1 
HETATM 1443 O  O   . HOH Q 5 .   ? 1.191   11.759  -11.627 1.00 15.36 ? 896 HOH A O   1 
HETATM 1444 O  O   . HOH Q 5 .   ? 1.169   17.246  10.534  1.00 16.84 ? 897 HOH A O   1 
HETATM 1445 O  O   . HOH Q 5 .   ? -17.516 0.937   1.031   1.00 19.26 ? 898 HOH A O   1 
HETATM 1446 O  O   . HOH Q 5 .   ? -0.219  17.901  -0.514  1.00 32.07 ? 899 HOH A O   1 
HETATM 1447 O  O   . HOH Q 5 .   ? 0.685   18.744  1.959   1.00 31.51 ? 900 HOH A O   1 
HETATM 1448 O  O   . HOH Q 5 .   ? 12.106  -0.976  10.963  1.00 52.92 ? 901 HOH A O   1 
HETATM 1449 O  O   . HOH Q 5 .   ? -13.293 -8.759  -11.627 1.00 37.01 ? 902 HOH A O   1 
HETATM 1450 O  O   . HOH Q 5 .   ? -10.252 3.973   12.050  1.00 33.59 ? 903 HOH A O   1 
HETATM 1451 O  O   . HOH Q 5 .   ? -8.649  -14.884 5.119   1.00 33.42 ? 904 HOH A O   1 
HETATM 1452 O  O   . HOH Q 5 .   ? -8.051  -6.719  6.928   1.00 25.43 ? 905 HOH A O   1 
HETATM 1453 O  O   . HOH Q 5 .   ? 7.240   -5.571  -11.418 1.00 34.88 ? 906 HOH A O   1 
HETATM 1454 O  O   . HOH Q 5 .   ? 11.719  6.745   -10.830 1.00 36.79 ? 907 HOH A O   1 
HETATM 1455 O  O   . HOH Q 5 .   ? 10.847  -6.498  12.652  1.00 50.68 ? 908 HOH A O   1 
HETATM 1456 O  O   . HOH Q 5 .   ? -9.078  -11.438 -15.833 1.00 38.01 ? 909 HOH A O   1 
HETATM 1457 O  O   . HOH Q 5 .   ? -3.352  -8.932  -18.790 1.00 52.42 ? 910 HOH A O   1 
HETATM 1458 O  O   . HOH Q 5 .   ? -6.177  -9.748  -18.985 1.00 31.81 ? 911 HOH A O   1 
HETATM 1459 O  O   . HOH Q 5 .   ? 13.131  5.305   -7.176  1.00 45.37 ? 912 HOH A O   1 
HETATM 1460 O  O   . HOH Q 5 .   ? 7.590   -7.157  14.563  1.00 57.93 ? 913 HOH A O   1 
HETATM 1461 O  O   . HOH Q 5 .   ? -8.876  12.542  -3.044  1.00 38.02 ? 914 HOH A O   1 
HETATM 1462 O  O   . HOH Q 5 .   ? 6.441   -10.475 -3.543  1.00 38.84 ? 915 HOH A O   1 
HETATM 1463 O  O   . HOH Q 5 .   ? 1.951   -14.509 -11.104 1.00 42.16 ? 916 HOH A O   1 
HETATM 1464 O  O   . HOH Q 5 .   ? 5.417   -9.603  -14.502 1.00 48.99 ? 917 HOH A O   1 
HETATM 1465 O  O   . HOH Q 5 .   ? 13.527  12.255  -8.889  1.00 53.11 ? 918 HOH A O   1 
HETATM 1466 O  O   . HOH Q 5 .   ? -4.808  10.678  -10.350 1.00 18.01 ? 919 HOH A O   1 
HETATM 1467 O  O   . HOH Q 5 .   ? 11.557  16.239  -7.654  1.00 47.00 ? 920 HOH A O   1 
HETATM 1468 O  O   . HOH Q 5 .   ? 9.879   16.043  -0.902  1.00 34.23 ? 921 HOH A O   1 
HETATM 1469 O  O   . HOH Q 5 .   ? 12.514  -1.625  8.636   1.00 46.37 ? 922 HOH A O   1 
HETATM 1470 O  O   . HOH Q 5 .   ? -12.637 1.757   -21.009 1.00 45.17 ? 923 HOH A O   1 
HETATM 1471 O  O   . HOH Q 5 .   ? -4.951  -8.497  9.499   1.00 39.87 ? 924 HOH A O   1 
HETATM 1472 O  O   . HOH Q 5 .   ? 10.255  -16.555 8.789   1.00 43.99 ? 925 HOH A O   1 
HETATM 1473 O  O   . HOH Q 5 .   ? -2.546  -16.788 -18.148 1.00 56.41 ? 926 HOH A O   1 
HETATM 1474 O  O   . HOH Q 5 .   ? 11.667  -5.888  15.756  1.00 52.51 ? 927 HOH A O   1 
HETATM 1475 O  O   . HOH Q 5 .   ? 6.706   13.515  -5.912  1.00 38.27 ? 928 HOH A O   1 
HETATM 1476 O  O   . HOH Q 5 .   ? 9.023   9.983   6.717   1.00 28.42 ? 929 HOH A O   1 
HETATM 1477 O  O   . HOH Q 5 .   ? -14.709 -11.793 1.331   1.00 43.00 ? 930 HOH A O   1 
HETATM 1478 O  O   . HOH Q 5 .   ? -14.716 -4.266  -13.372 1.00 50.37 ? 931 HOH A O   1 
HETATM 1479 O  O   . HOH Q 5 .   ? 11.067  13.109  13.374  1.00 49.09 ? 932 HOH A O   1 
HETATM 1480 O  O   . HOH Q 5 .   ? -15.259 -2.486  -11.503 1.00 44.52 ? 933 HOH A O   1 
HETATM 1481 O  O   . HOH Q 5 .   ? -16.748 -13.879 0.314   1.00 51.39 ? 934 HOH A O   1 
HETATM 1482 O  O   . HOH Q 5 .   ? 14.483  5.241   0.073   1.00 44.56 ? 935 HOH A O   1 
HETATM 1483 O  O   . HOH Q 5 .   ? 13.582  -3.970  16.043  1.00 53.31 ? 936 HOH A O   1 
HETATM 1484 O  O   . HOH Q 5 .   ? 17.653  3.708   -3.158  1.00 47.67 ? 937 HOH A O   1 
HETATM 1485 O  O   . HOH Q 5 .   ? 14.673  8.708   -7.363  1.00 43.76 ? 938 HOH A O   1 
HETATM 1486 O  O   . HOH Q 5 .   ? 0.414   -15.483 8.132   1.00 41.99 ? 939 HOH A O   1 
HETATM 1487 O  O   . HOH Q 5 .   ? -12.660 -13.588 -9.719  1.00 39.90 ? 940 HOH A O   1 
HETATM 1488 O  O   . HOH Q 5 .   ? -3.100  7.648   15.996  1.00 38.24 ? 941 HOH A O   1 
HETATM 1489 O  O   . HOH Q 5 .   ? 12.150  14.113  -1.368  1.00 36.07 ? 942 HOH A O   1 
HETATM 1490 O  O   . HOH Q 5 .   ? 11.800  -19.435 4.290   1.00 54.60 ? 943 HOH A O   1 
HETATM 1491 O  O   . HOH Q 5 .   ? -4.892  21.032  5.714   1.00 27.15 ? 944 HOH A O   1 
HETATM 1492 O  O   . HOH Q 5 .   ? -0.842  20.535  3.510   1.00 27.26 ? 945 HOH A O   1 
HETATM 1493 O  O   . HOH Q 5 .   ? -20.985 -1.927  -7.434  1.00 41.11 ? 946 HOH A O   1 
HETATM 1494 O  O   . HOH Q 5 .   ? -2.800  16.701  -12.611 1.00 34.13 ? 947 HOH A O   1 
HETATM 1495 O  O   . HOH Q 5 .   ? -0.477  19.893  -4.230  1.00 47.72 ? 948 HOH A O   1 
HETATM 1496 O  O   . HOH Q 5 .   ? -15.029 -7.932  -9.838  1.00 44.58 ? 949 HOH A O   1 
HETATM 1497 O  O   . HOH Q 5 .   ? 14.937  10.448  -0.467  1.00 32.64 ? 950 HOH A O   1 
HETATM 1498 O  O   . HOH Q 5 .   ? 18.281  8.786   2.126   1.00 32.30 ? 951 HOH A O   1 
HETATM 1499 O  O   . HOH Q 5 .   ? 11.743  -1.405  -10.111 1.00 43.25 ? 952 HOH A O   1 
HETATM 1500 O  O   . HOH Q 5 .   ? 10.127  -3.521  -9.509  1.00 50.65 ? 953 HOH A O   1 
HETATM 1501 O  O   . HOH Q 5 .   ? -13.260 0.618   11.060  1.00 50.15 ? 954 HOH A O   1 
HETATM 1502 O  O   . HOH Q 5 .   ? -20.682 -2.266  -0.252  1.00 39.89 ? 955 HOH A O   1 
HETATM 1503 O  O   . HOH Q 5 .   ? 12.801  17.233  -3.764  1.00 53.10 ? 956 HOH A O   1 
HETATM 1504 O  O   . HOH Q 5 .   ? -7.579  16.877  -3.949  1.00 44.55 ? 957 HOH A O   1 
HETATM 1505 O  O   . HOH Q 5 .   ? 4.355   -5.584  11.179  1.00 44.57 ? 958 HOH A O   1 
HETATM 1506 O  O   . HOH Q 5 .   ? 13.755  -8.934  3.333   1.00 52.66 ? 959 HOH A O   1 
# 
